data_2LQT
#
_entry.id   2LQT
#
_entity_poly.entity_id   1
_entity_poly.type   'polypeptide(L)'
_entity_poly.pdbx_seq_one_letter_code
;MPSVTQRLRDPDINPCLSESDASTRCLDENNYDRERCSTYFLRYKNCRRFWNSIVMQRRKNGVKPFMPTAAERDEILRAV
GNMPY
;
_entity_poly.pdbx_strand_id   A
#
# COMPACT_ATOMS: atom_id res chain seq x y z
N ASN A 14 -2.06 5.30 -5.39
CA ASN A 14 -3.13 4.58 -4.66
C ASN A 14 -2.72 4.44 -3.19
N PRO A 15 -3.59 4.81 -2.23
CA PRO A 15 -3.24 4.85 -0.81
C PRO A 15 -3.16 3.47 -0.16
N CYS A 16 -2.63 3.41 1.07
CA CYS A 16 -2.58 2.20 1.89
C CYS A 16 -3.35 2.39 3.22
N LEU A 17 -4.67 2.14 3.19
CA LEU A 17 -5.59 2.51 4.27
C LEU A 17 -5.29 1.82 5.62
N SER A 18 -4.56 0.70 5.60
CA SER A 18 -4.07 0.01 6.80
C SER A 18 -3.07 0.83 7.59
N GLU A 19 -2.11 1.45 6.90
CA GLU A 19 -1.13 2.33 7.53
C GLU A 19 -1.74 3.73 7.74
N SER A 20 -2.73 4.14 6.94
CA SER A 20 -3.46 5.40 7.17
C SER A 20 -4.24 5.38 8.49
N ASP A 21 -5.09 4.37 8.74
CA ASP A 21 -5.87 4.29 9.98
C ASP A 21 -4.96 4.17 11.21
N ALA A 22 -3.97 3.27 11.16
CA ALA A 22 -3.09 3.03 12.30
C ALA A 22 -2.14 4.21 12.58
N SER A 23 -1.67 4.95 11.56
CA SER A 23 -0.94 6.21 11.77
C SER A 23 -1.82 7.28 12.39
N THR A 24 -3.07 7.45 11.94
CA THR A 24 -4.01 8.40 12.56
C THR A 24 -4.27 8.04 14.02
N ARG A 25 -4.46 6.75 14.35
CA ARG A 25 -4.59 6.24 15.73
C ARG A 25 -3.33 6.56 16.57
N CYS A 26 -2.13 6.35 16.03
CA CYS A 26 -0.87 6.72 16.70
C CYS A 26 -0.82 8.22 17.00
N LEU A 27 -1.04 9.04 16.00
CA LEU A 27 -0.88 10.50 16.06
C LEU A 27 -1.88 11.16 17.02
N ASP A 28 -3.10 10.67 16.97
CA ASP A 28 -4.15 10.93 17.96
C ASP A 28 -3.72 10.53 19.39
N GLU A 29 -3.11 9.36 19.60
CA GLU A 29 -2.59 8.95 20.93
C GLU A 29 -1.50 9.89 21.46
N ASN A 30 -0.58 10.35 20.61
CA ASN A 30 0.63 11.07 21.01
C ASN A 30 0.92 12.34 20.19
N ASN A 31 0.47 13.50 20.69
CA ASN A 31 0.91 14.86 20.34
C ASN A 31 0.96 15.23 18.84
N TYR A 32 0.19 14.54 17.98
CA TYR A 32 0.35 14.57 16.52
C TYR A 32 1.82 14.36 16.09
N ASP A 33 2.49 13.37 16.69
CA ASP A 33 3.92 13.10 16.50
C ASP A 33 4.21 12.27 15.22
N ARG A 34 3.78 12.87 14.11
CA ARG A 34 3.91 12.41 12.71
C ARG A 34 5.33 12.02 12.28
N GLU A 35 6.37 12.53 12.97
CA GLU A 35 7.76 12.10 12.78
C GLU A 35 8.13 10.87 13.63
N ARG A 36 7.58 10.71 14.84
CA ARG A 36 7.80 9.49 15.66
C ARG A 36 6.95 8.30 15.22
N CYS A 37 5.94 8.53 14.38
CA CYS A 37 5.27 7.49 13.58
C CYS A 37 5.57 7.56 12.06
N SER A 38 6.70 8.14 11.64
CA SER A 38 7.19 8.15 10.24
C SER A 38 7.24 6.78 9.55
N THR A 39 7.46 5.70 10.31
CA THR A 39 7.55 4.32 9.80
C THR A 39 6.27 3.88 9.06
N TYR A 40 5.11 4.37 9.51
CA TYR A 40 3.82 4.08 8.90
C TYR A 40 3.71 4.73 7.50
N PHE A 41 4.12 6.00 7.39
CA PHE A 41 4.16 6.71 6.11
C PHE A 41 5.20 6.11 5.14
N LEU A 42 6.30 5.57 5.67
CA LEU A 42 7.27 4.76 4.90
C LEU A 42 6.64 3.48 4.35
N ARG A 43 5.97 2.67 5.18
CA ARG A 43 5.24 1.48 4.71
C ARG A 43 4.10 1.81 3.75
N TYR A 44 3.54 3.00 3.87
CA TYR A 44 2.54 3.52 2.93
C TYR A 44 3.19 3.82 1.56
N LYS A 45 4.35 4.49 1.53
CA LYS A 45 5.12 4.67 0.27
C LYS A 45 5.62 3.35 -0.34
N ASN A 46 6.00 2.36 0.47
CA ASN A 46 6.37 1.02 -0.01
C ASN A 46 5.14 0.33 -0.67
N CYS A 47 3.97 0.42 -0.03
CA CYS A 47 2.71 -0.09 -0.55
C CYS A 47 2.31 0.60 -1.87
N ARG A 48 2.44 1.94 -1.94
CA ARG A 48 2.23 2.72 -3.17
C ARG A 48 3.16 2.25 -4.29
N ARG A 49 4.46 2.10 -4.01
CA ARG A 49 5.49 1.64 -4.96
C ARG A 49 5.22 0.23 -5.47
N PHE A 50 4.83 -0.70 -4.60
CA PHE A 50 4.47 -2.06 -4.98
C PHE A 50 3.31 -2.09 -5.97
N TRP A 51 2.20 -1.45 -5.60
CA TRP A 51 1.02 -1.46 -6.45
C TRP A 51 1.22 -0.66 -7.75
N ASN A 52 2.04 0.41 -7.76
CA ASN A 52 2.54 1.07 -8.96
C ASN A 52 3.44 0.15 -9.83
N SER A 53 4.20 -0.76 -9.21
CA SER A 53 4.99 -1.78 -9.91
C SER A 53 4.07 -2.78 -10.64
N ILE A 54 3.01 -3.26 -9.97
CA ILE A 54 1.99 -4.15 -10.53
C ILE A 54 1.23 -3.48 -11.68
N VAL A 55 0.85 -2.21 -11.51
CA VAL A 55 0.27 -1.37 -12.56
C VAL A 55 1.17 -1.34 -13.79
N MET A 56 2.46 -1.04 -13.63
CA MET A 56 3.41 -1.05 -14.76
C MET A 56 3.62 -2.45 -15.39
N GLN A 57 3.58 -3.52 -14.59
CA GLN A 57 3.70 -4.91 -15.06
C GLN A 57 2.42 -5.39 -15.79
N ARG A 58 1.27 -4.75 -15.55
CA ARG A 58 0.02 -4.94 -16.32
C ARG A 58 -0.08 -4.03 -17.53
N ARG A 59 0.47 -2.82 -17.44
CA ARG A 59 0.38 -1.79 -18.49
C ARG A 59 1.23 -2.11 -19.73
N LYS A 60 2.18 -3.05 -19.62
CA LYS A 60 2.93 -3.60 -20.76
C LYS A 60 2.08 -4.24 -21.87
N ASN A 61 0.84 -4.66 -21.56
CA ASN A 61 -0.15 -5.06 -22.58
C ASN A 61 -1.18 -3.96 -22.91
N GLY A 62 -1.46 -3.03 -21.98
CA GLY A 62 -2.22 -1.79 -22.22
C GLY A 62 -3.75 -1.97 -22.39
N VAL A 63 -4.31 -3.08 -21.93
CA VAL A 63 -5.63 -3.58 -22.36
C VAL A 63 -6.69 -3.69 -21.25
N LYS A 64 -6.31 -3.99 -20.00
CA LYS A 64 -7.21 -4.07 -18.83
C LYS A 64 -7.14 -2.81 -17.94
N PRO A 65 -8.08 -2.62 -16.99
CA PRO A 65 -7.83 -1.73 -15.85
C PRO A 65 -6.60 -2.23 -15.06
N PHE A 66 -5.57 -1.38 -14.99
CA PHE A 66 -4.23 -1.71 -14.50
C PHE A 66 -4.14 -1.80 -12.98
N MET A 67 -4.77 -0.85 -12.28
CA MET A 67 -4.95 -0.88 -10.82
C MET A 67 -5.73 -2.14 -10.43
N PRO A 68 -5.10 -3.11 -9.73
CA PRO A 68 -5.64 -4.45 -9.57
C PRO A 68 -6.93 -4.46 -8.74
N THR A 69 -7.90 -5.25 -9.19
CA THR A 69 -9.19 -5.46 -8.52
C THR A 69 -9.04 -6.43 -7.34
N ALA A 70 -10.06 -6.53 -6.50
CA ALA A 70 -9.99 -7.23 -5.21
C ALA A 70 -9.45 -8.68 -5.28
N ALA A 71 -9.86 -9.46 -6.28
CA ALA A 71 -9.36 -10.83 -6.48
C ALA A 71 -7.92 -10.88 -7.05
N GLU A 72 -7.50 -9.86 -7.81
CA GLU A 72 -6.12 -9.68 -8.24
C GLU A 72 -5.26 -9.33 -7.03
N ARG A 73 -5.67 -8.33 -6.24
CA ARG A 73 -4.97 -7.98 -4.99
C ARG A 73 -4.80 -9.19 -4.08
N ASP A 74 -5.84 -10.02 -3.94
CA ASP A 74 -5.80 -11.27 -3.18
C ASP A 74 -4.77 -12.28 -3.75
N GLU A 75 -4.86 -12.66 -5.03
CA GLU A 75 -3.97 -13.66 -5.65
C GLU A 75 -2.51 -13.17 -5.77
N ILE A 76 -2.31 -11.86 -5.90
CA ILE A 76 -0.99 -11.22 -5.95
C ILE A 76 -0.37 -11.18 -4.55
N LEU A 77 -1.12 -10.81 -3.51
CA LEU A 77 -0.65 -10.93 -2.12
C LEU A 77 -0.31 -12.38 -1.76
N ARG A 78 -1.06 -13.35 -2.29
CA ARG A 78 -0.76 -14.79 -2.18
C ARG A 78 0.55 -15.15 -2.88
N ALA A 79 0.81 -14.56 -4.06
CA ALA A 79 2.04 -14.76 -4.84
C ALA A 79 3.28 -13.99 -4.34
N VAL A 80 3.11 -12.96 -3.49
CA VAL A 80 4.19 -12.38 -2.67
C VAL A 80 4.45 -13.25 -1.44
N GLY A 81 3.38 -13.77 -0.83
CA GLY A 81 3.43 -14.62 0.37
C GLY A 81 3.79 -13.85 1.64
N ASN A 82 3.76 -12.52 1.57
CA ASN A 82 4.00 -11.58 2.64
C ASN A 82 3.33 -10.22 2.32
N MET A 83 3.33 -9.29 3.27
CA MET A 83 2.89 -7.91 3.09
C MET A 83 3.92 -7.12 2.26
N PRO A 84 3.51 -6.36 1.23
CA PRO A 84 4.41 -5.49 0.47
C PRO A 84 4.74 -4.18 1.20
N TYR A 85 4.13 -3.97 2.37
CA TYR A 85 4.22 -2.75 3.19
C TYR A 85 5.51 -2.74 4.01
N ASN A 14 -3.34 1.09 -4.97
CA ASN A 14 -4.33 1.32 -3.90
C ASN A 14 -3.65 1.92 -2.67
N PRO A 15 -4.24 2.90 -1.96
CA PRO A 15 -3.63 3.53 -0.80
C PRO A 15 -3.84 2.72 0.49
N CYS A 16 -3.00 2.94 1.50
CA CYS A 16 -3.07 2.24 2.79
C CYS A 16 -3.82 3.06 3.85
N LEU A 17 -5.13 3.25 3.67
CA LEU A 17 -5.97 4.11 4.52
C LEU A 17 -6.20 3.51 5.92
N SER A 18 -6.28 2.20 6.06
CA SER A 18 -6.38 1.53 7.37
C SER A 18 -5.07 1.65 8.17
N GLU A 19 -3.92 1.54 7.51
CA GLU A 19 -2.59 1.81 8.08
C GLU A 19 -2.44 3.31 8.41
N SER A 20 -3.10 4.17 7.63
CA SER A 20 -3.14 5.63 7.86
C SER A 20 -3.99 5.97 9.12
N ASP A 21 -5.06 5.23 9.38
CA ASP A 21 -5.77 5.28 10.67
C ASP A 21 -4.93 4.71 11.82
N ALA A 22 -4.14 3.64 11.60
CA ALA A 22 -3.23 3.12 12.63
C ALA A 22 -2.14 4.15 12.99
N SER A 23 -1.63 4.91 12.00
CA SER A 23 -0.80 6.08 12.22
C SER A 23 -1.54 7.19 12.98
N THR A 24 -2.80 7.45 12.63
CA THR A 24 -3.64 8.43 13.34
C THR A 24 -3.83 8.04 14.81
N ARG A 25 -4.01 6.74 15.11
CA ARG A 25 -4.01 6.18 16.48
C ARG A 25 -2.67 6.36 17.19
N CYS A 26 -1.53 6.15 16.51
CA CYS A 26 -0.20 6.50 17.07
C CYS A 26 -0.08 8.00 17.41
N LEU A 27 -0.49 8.87 16.50
CA LEU A 27 -0.41 10.33 16.67
C LEU A 27 -1.30 10.84 17.82
N ASP A 28 -2.48 10.24 17.96
CA ASP A 28 -3.38 10.39 19.10
C ASP A 28 -2.86 9.76 20.42
N GLU A 29 -2.01 8.73 20.36
CA GLU A 29 -1.22 8.24 21.49
C GLU A 29 -0.17 9.25 21.98
N ASN A 30 0.67 9.78 21.09
CA ASN A 30 1.86 10.57 21.42
C ASN A 30 1.85 11.96 20.74
N ASN A 31 1.09 12.91 21.31
CA ASN A 31 1.07 14.36 21.03
C ASN A 31 1.35 14.77 19.56
N TYR A 32 0.65 14.13 18.61
CA TYR A 32 0.78 14.35 17.17
C TYR A 32 2.21 14.18 16.60
N ASP A 33 2.97 13.19 17.08
CA ASP A 33 4.37 12.95 16.69
C ASP A 33 4.51 12.23 15.33
N ARG A 34 4.05 12.92 14.30
CA ARG A 34 4.13 12.58 12.86
C ARG A 34 5.55 12.30 12.35
N GLU A 35 6.59 12.72 13.10
CA GLU A 35 7.99 12.38 12.82
C GLU A 35 8.41 11.04 13.45
N ARG A 36 8.13 10.76 14.74
CA ARG A 36 8.38 9.43 15.35
C ARG A 36 7.59 8.30 14.68
N CYS A 37 6.34 8.57 14.27
CA CYS A 37 5.50 7.65 13.50
C CYS A 37 5.54 7.90 11.98
N SER A 38 6.60 8.52 11.45
CA SER A 38 6.85 8.57 9.99
C SER A 38 6.98 7.19 9.34
N THR A 39 7.29 6.14 10.12
CA THR A 39 7.34 4.74 9.66
C THR A 39 6.08 4.30 8.91
N TYR A 40 4.91 4.72 9.38
CA TYR A 40 3.61 4.44 8.76
C TYR A 40 3.46 5.15 7.40
N PHE A 41 3.84 6.42 7.32
CA PHE A 41 3.72 7.21 6.08
C PHE A 41 4.77 6.80 5.03
N LEU A 42 5.94 6.32 5.47
CA LEU A 42 6.91 5.59 4.64
C LEU A 42 6.33 4.26 4.14
N ARG A 43 5.73 3.44 5.00
CA ARG A 43 5.05 2.21 4.55
C ARG A 43 3.88 2.51 3.60
N TYR A 44 3.27 3.68 3.70
CA TYR A 44 2.25 4.14 2.74
C TYR A 44 2.88 4.52 1.37
N LYS A 45 4.05 5.18 1.34
CA LYS A 45 4.87 5.31 0.12
C LYS A 45 5.19 3.93 -0.47
N ASN A 46 5.53 2.95 0.37
CA ASN A 46 5.82 1.58 -0.07
C ASN A 46 4.57 0.87 -0.65
N CYS A 47 3.38 1.10 -0.08
CA CYS A 47 2.11 0.62 -0.65
C CYS A 47 1.91 1.17 -2.06
N ARG A 48 2.07 2.49 -2.23
CA ARG A 48 1.90 3.19 -3.50
C ARG A 48 2.88 2.67 -4.54
N ARG A 49 4.18 2.63 -4.22
CA ARG A 49 5.25 2.09 -5.09
C ARG A 49 4.98 0.65 -5.52
N PHE A 50 4.57 -0.23 -4.59
CA PHE A 50 4.27 -1.62 -4.91
C PHE A 50 3.15 -1.72 -5.95
N TRP A 51 1.99 -1.16 -5.62
CA TRP A 51 0.81 -1.28 -6.49
C TRP A 51 0.98 -0.51 -7.82
N ASN A 52 1.69 0.63 -7.83
CA ASN A 52 2.14 1.30 -9.05
C ASN A 52 3.10 0.43 -9.89
N SER A 53 3.95 -0.39 -9.26
CA SER A 53 4.82 -1.34 -9.96
C SER A 53 4.06 -2.55 -10.50
N ILE A 54 3.01 -3.03 -9.82
CA ILE A 54 2.07 -4.03 -10.36
C ILE A 54 1.36 -3.47 -11.60
N VAL A 55 0.94 -2.21 -11.56
CA VAL A 55 0.38 -1.48 -12.72
C VAL A 55 1.39 -1.45 -13.87
N MET A 56 2.67 -1.10 -13.63
CA MET A 56 3.71 -1.17 -14.68
C MET A 56 3.91 -2.58 -15.25
N GLN A 57 3.83 -3.62 -14.42
CA GLN A 57 4.03 -5.01 -14.82
C GLN A 57 2.84 -5.58 -15.61
N ARG A 58 1.61 -5.09 -15.37
CA ARG A 58 0.40 -5.47 -16.13
C ARG A 58 0.15 -4.57 -17.35
N ARG A 59 0.74 -3.37 -17.37
CA ARG A 59 0.71 -2.43 -18.51
C ARG A 59 1.60 -2.86 -19.68
N LYS A 60 2.55 -3.79 -19.47
CA LYS A 60 3.40 -4.35 -20.55
C LYS A 60 2.60 -4.94 -21.72
N ASN A 61 1.38 -5.45 -21.50
CA ASN A 61 0.49 -5.91 -22.58
C ASN A 61 -0.60 -4.91 -23.02
N GLY A 62 -0.80 -3.79 -22.31
CA GLY A 62 -1.58 -2.62 -22.78
C GLY A 62 -3.10 -2.77 -22.86
N VAL A 63 -3.67 -3.90 -22.41
CA VAL A 63 -4.92 -4.46 -22.97
C VAL A 63 -6.16 -4.41 -22.06
N LYS A 64 -5.96 -4.36 -20.74
CA LYS A 64 -6.99 -4.46 -19.69
C LYS A 64 -6.86 -3.32 -18.66
N PRO A 65 -7.78 -3.15 -17.69
CA PRO A 65 -7.53 -2.27 -16.56
C PRO A 65 -6.32 -2.75 -15.73
N PHE A 66 -5.29 -1.91 -15.67
CA PHE A 66 -3.99 -2.24 -15.07
C PHE A 66 -4.02 -2.25 -13.55
N MET A 67 -4.72 -1.28 -12.96
CA MET A 67 -5.13 -1.29 -11.56
C MET A 67 -5.96 -2.57 -11.29
N PRO A 68 -5.43 -3.55 -10.54
CA PRO A 68 -6.01 -4.89 -10.45
C PRO A 68 -7.36 -4.92 -9.71
N THR A 69 -8.24 -5.83 -10.10
CA THR A 69 -9.51 -6.12 -9.42
C THR A 69 -9.30 -7.02 -8.20
N ALA A 70 -10.31 -7.16 -7.34
CA ALA A 70 -10.17 -7.77 -6.02
C ALA A 70 -9.63 -9.22 -6.02
N ALA A 71 -9.96 -10.03 -7.03
CA ALA A 71 -9.43 -11.38 -7.19
C ALA A 71 -7.96 -11.40 -7.66
N GLU A 72 -7.57 -10.42 -8.49
CA GLU A 72 -6.21 -10.21 -8.95
C GLU A 72 -5.36 -9.72 -7.76
N ARG A 73 -5.85 -8.71 -7.03
CA ARG A 73 -5.26 -8.24 -5.77
C ARG A 73 -5.03 -9.38 -4.77
N ASP A 74 -6.01 -10.28 -4.62
CA ASP A 74 -5.88 -11.47 -3.76
C ASP A 74 -4.75 -12.40 -4.21
N GLU A 75 -4.74 -12.85 -5.48
CA GLU A 75 -3.68 -13.75 -5.98
C GLU A 75 -2.29 -13.09 -6.02
N ILE A 76 -2.22 -11.77 -6.17
CA ILE A 76 -0.97 -10.98 -6.16
C ILE A 76 -0.41 -10.88 -4.74
N LEU A 77 -1.24 -10.58 -3.75
CA LEU A 77 -0.85 -10.64 -2.33
C LEU A 77 -0.46 -12.06 -1.89
N ARG A 78 -1.07 -13.08 -2.49
CA ARG A 78 -0.69 -14.49 -2.32
C ARG A 78 0.62 -14.86 -3.03
N ALA A 79 0.94 -14.20 -4.14
CA ALA A 79 2.23 -14.36 -4.86
C ALA A 79 3.40 -13.68 -4.14
N VAL A 80 3.15 -12.58 -3.42
CA VAL A 80 4.08 -12.07 -2.41
C VAL A 80 4.08 -13.00 -1.18
N GLY A 81 2.90 -13.50 -0.79
CA GLY A 81 2.68 -14.38 0.36
C GLY A 81 2.78 -13.64 1.71
N ASN A 82 2.95 -12.32 1.65
CA ASN A 82 3.20 -11.43 2.77
C ASN A 82 2.88 -9.96 2.39
N MET A 83 2.88 -9.06 3.36
CA MET A 83 2.68 -7.63 3.18
C MET A 83 3.81 -7.02 2.34
N PRO A 84 3.54 -6.27 1.26
CA PRO A 84 4.57 -5.51 0.54
C PRO A 84 5.05 -4.27 1.33
N TYR A 85 4.40 -3.97 2.45
CA TYR A 85 4.66 -2.84 3.35
C TYR A 85 5.05 -3.30 4.78
N ASN A 14 -3.59 1.30 -3.58
CA ASN A 14 -4.45 1.04 -2.41
C ASN A 14 -4.22 2.13 -1.36
N PRO A 15 -5.27 2.81 -0.85
CA PRO A 15 -5.18 3.65 0.35
C PRO A 15 -5.21 2.77 1.61
N CYS A 16 -4.25 2.92 2.53
CA CYS A 16 -4.12 2.06 3.70
C CYS A 16 -4.73 2.70 4.97
N LEU A 17 -6.05 2.55 5.16
CA LEU A 17 -6.82 3.25 6.19
C LEU A 17 -6.51 2.78 7.62
N SER A 18 -6.16 1.50 7.82
CA SER A 18 -5.76 0.97 9.12
C SER A 18 -4.37 1.46 9.52
N GLU A 19 -3.42 1.42 8.58
CA GLU A 19 -2.07 1.97 8.77
C GLU A 19 -2.14 3.48 9.06
N SER A 20 -3.08 4.16 8.39
CA SER A 20 -3.37 5.58 8.64
C SER A 20 -3.96 5.81 10.02
N ASP A 21 -4.94 5.00 10.43
CA ASP A 21 -5.56 5.10 11.74
C ASP A 21 -4.57 4.82 12.86
N ALA A 22 -3.71 3.81 12.70
CA ALA A 22 -2.68 3.46 13.67
C ALA A 22 -1.59 4.54 13.80
N SER A 23 -1.21 5.18 12.69
CA SER A 23 -0.44 6.44 12.70
C SER A 23 -1.16 7.54 13.47
N THR A 24 -2.43 7.80 13.16
CA THR A 24 -3.24 8.84 13.82
C THR A 24 -3.46 8.56 15.31
N ARG A 25 -3.54 7.28 15.73
CA ARG A 25 -3.54 6.85 17.14
C ARG A 25 -2.18 7.13 17.80
N CYS A 26 -1.06 6.84 17.12
CA CYS A 26 0.28 7.22 17.59
C CYS A 26 0.38 8.74 17.80
N LEU A 27 -0.09 9.52 16.84
CA LEU A 27 -0.04 10.99 16.86
C LEU A 27 -0.93 11.62 17.95
N ASP A 28 -2.06 10.98 18.23
CA ASP A 28 -2.89 11.28 19.39
C ASP A 28 -2.17 10.91 20.72
N GLU A 29 -1.44 9.79 20.75
CA GLU A 29 -0.64 9.33 21.89
C GLU A 29 0.50 10.28 22.25
N ASN A 30 1.29 10.71 21.26
CA ASN A 30 2.54 11.46 21.43
C ASN A 30 2.54 12.79 20.62
N ASN A 31 1.66 13.73 20.99
CA ASN A 31 1.58 15.13 20.50
C ASN A 31 1.99 15.34 19.02
N TYR A 32 1.33 14.61 18.12
CA TYR A 32 1.47 14.74 16.66
C TYR A 32 2.88 14.50 16.09
N ASP A 33 3.69 13.62 16.69
CA ASP A 33 5.07 13.31 16.26
C ASP A 33 5.13 12.40 15.00
N ARG A 34 4.66 13.01 13.90
CA ARG A 34 4.67 12.49 12.52
C ARG A 34 6.04 12.00 12.03
N GLU A 35 7.12 12.46 12.67
CA GLU A 35 8.49 11.98 12.44
C GLU A 35 8.75 10.67 13.18
N ARG A 36 8.45 10.59 14.49
CA ARG A 36 8.55 9.35 15.29
C ARG A 36 7.59 8.24 14.83
N CYS A 37 6.54 8.56 14.07
CA CYS A 37 5.70 7.58 13.36
C CYS A 37 5.77 7.67 11.81
N SER A 38 6.83 8.23 11.22
CA SER A 38 7.01 8.33 9.76
C SER A 38 6.93 6.98 9.03
N THR A 39 7.35 5.87 9.66
CA THR A 39 7.30 4.53 9.06
C THR A 39 5.86 4.11 8.70
N TYR A 40 4.83 4.63 9.35
CA TYR A 40 3.43 4.35 8.98
C TYR A 40 3.05 5.05 7.66
N PHE A 41 3.43 6.32 7.51
CA PHE A 41 3.21 7.06 6.27
C PHE A 41 4.03 6.49 5.09
N LEU A 42 5.21 5.95 5.39
CA LEU A 42 6.01 5.13 4.48
C LEU A 42 5.29 3.85 4.07
N ARG A 43 4.73 3.08 5.02
CA ARG A 43 3.95 1.88 4.70
C ARG A 43 2.71 2.21 3.88
N TYR A 44 2.14 3.40 4.07
CA TYR A 44 1.04 3.89 3.23
C TYR A 44 1.53 4.24 1.82
N LYS A 45 2.72 4.82 1.70
CA LYS A 45 3.39 5.04 0.41
C LYS A 45 3.73 3.72 -0.30
N ASN A 46 4.09 2.67 0.43
CA ASN A 46 4.27 1.32 -0.10
C ASN A 46 2.95 0.76 -0.67
N CYS A 47 1.80 1.08 -0.05
CA CYS A 47 0.48 0.72 -0.56
C CYS A 47 0.08 1.40 -1.89
N ARG A 48 0.72 2.51 -2.22
CA ARG A 48 0.72 3.10 -3.56
C ARG A 48 1.80 2.50 -4.46
N ARG A 49 3.06 2.51 -4.03
CA ARG A 49 4.24 2.10 -4.84
C ARG A 49 4.15 0.65 -5.30
N PHE A 50 3.70 -0.29 -4.47
CA PHE A 50 3.58 -1.68 -4.92
C PHE A 50 2.60 -1.80 -6.07
N TRP A 51 1.40 -1.26 -5.86
CA TRP A 51 0.33 -1.41 -6.83
C TRP A 51 0.56 -0.55 -8.10
N ASN A 52 1.26 0.58 -7.99
CA ASN A 52 1.83 1.32 -9.13
C ASN A 52 2.89 0.51 -9.90
N SER A 53 3.70 -0.29 -9.20
CA SER A 53 4.67 -1.19 -9.84
C SER A 53 3.95 -2.32 -10.59
N ILE A 54 2.86 -2.87 -10.06
CA ILE A 54 2.00 -3.84 -10.78
C ILE A 54 1.39 -3.21 -12.04
N VAL A 55 0.89 -1.98 -11.94
CA VAL A 55 0.39 -1.20 -13.09
C VAL A 55 1.46 -1.08 -14.18
N MET A 56 2.68 -0.67 -13.85
CA MET A 56 3.79 -0.59 -14.82
C MET A 56 4.17 -1.96 -15.43
N GLN A 57 4.09 -3.02 -14.62
CA GLN A 57 4.35 -4.41 -15.05
C GLN A 57 3.21 -5.01 -15.89
N ARG A 58 2.01 -4.43 -15.85
CA ARG A 58 0.88 -4.75 -16.75
C ARG A 58 0.82 -3.86 -17.99
N ARG A 59 1.30 -2.62 -17.89
CA ARG A 59 1.24 -1.62 -18.97
C ARG A 59 2.26 -1.89 -20.10
N LYS A 60 3.31 -2.68 -19.83
CA LYS A 60 4.27 -3.16 -20.85
C LYS A 60 3.65 -3.90 -22.04
N ASN A 61 2.48 -4.56 -21.86
CA ASN A 61 1.73 -5.18 -22.96
C ASN A 61 0.48 -4.37 -23.39
N GLY A 62 0.06 -3.36 -22.62
CA GLY A 62 -0.89 -2.32 -23.06
C GLY A 62 -2.36 -2.74 -23.20
N VAL A 63 -2.72 -3.95 -22.76
CA VAL A 63 -3.84 -4.74 -23.32
C VAL A 63 -5.02 -4.97 -22.36
N LYS A 64 -4.81 -4.79 -21.06
CA LYS A 64 -5.68 -5.25 -19.94
C LYS A 64 -5.95 -4.16 -18.91
N PRO A 65 -6.83 -4.38 -17.91
CA PRO A 65 -6.81 -3.57 -16.68
C PRO A 65 -5.47 -3.69 -15.95
N PHE A 66 -4.70 -2.60 -16.01
CA PHE A 66 -3.40 -2.44 -15.34
C PHE A 66 -3.55 -2.37 -13.82
N MET A 67 -4.53 -1.61 -13.33
CA MET A 67 -5.05 -1.72 -11.96
C MET A 67 -5.78 -3.07 -11.79
N PRO A 68 -5.23 -4.04 -11.01
CA PRO A 68 -5.79 -5.38 -10.90
C PRO A 68 -7.11 -5.41 -10.13
N THR A 69 -8.01 -6.31 -10.53
CA THR A 69 -9.30 -6.56 -9.87
C THR A 69 -9.14 -7.41 -8.61
N ALA A 70 -10.19 -7.51 -7.79
CA ALA A 70 -10.12 -8.08 -6.44
C ALA A 70 -9.49 -9.49 -6.37
N ALA A 71 -9.90 -10.42 -7.25
CA ALA A 71 -9.33 -11.77 -7.28
C ALA A 71 -7.89 -11.81 -7.85
N GLU A 72 -7.50 -10.81 -8.65
CA GLU A 72 -6.14 -10.61 -9.13
C GLU A 72 -5.29 -10.10 -7.99
N ARG A 73 -5.73 -9.05 -7.27
CA ARG A 73 -5.08 -8.59 -6.03
C ARG A 73 -4.87 -9.73 -5.05
N ASP A 74 -5.85 -10.64 -4.93
CA ASP A 74 -5.74 -11.84 -4.12
C ASP A 74 -4.64 -12.81 -4.61
N GLU A 75 -4.63 -13.22 -5.88
CA GLU A 75 -3.56 -14.12 -6.37
C GLU A 75 -2.15 -13.47 -6.36
N ILE A 76 -2.08 -12.14 -6.47
CA ILE A 76 -0.85 -11.34 -6.45
C ILE A 76 -0.31 -11.24 -5.01
N LEU A 77 -1.14 -10.85 -4.04
CA LEU A 77 -0.77 -10.85 -2.62
C LEU A 77 -0.38 -12.24 -2.11
N ARG A 78 -1.00 -13.29 -2.68
CA ARG A 78 -0.67 -14.69 -2.38
C ARG A 78 0.59 -15.15 -3.11
N ALA A 79 0.91 -14.60 -4.28
CA ALA A 79 2.19 -14.82 -4.97
C ALA A 79 3.38 -14.15 -4.25
N VAL A 80 3.18 -12.99 -3.62
CA VAL A 80 4.13 -12.40 -2.67
C VAL A 80 4.16 -13.28 -1.41
N GLY A 81 2.97 -13.67 -0.94
CA GLY A 81 2.76 -14.52 0.24
C GLY A 81 2.78 -13.75 1.57
N ASN A 82 2.90 -12.44 1.49
CA ASN A 82 2.93 -11.50 2.61
C ASN A 82 2.48 -10.11 2.11
N MET A 83 2.12 -9.22 3.04
CA MET A 83 1.73 -7.86 2.75
C MET A 83 2.95 -7.11 2.15
N PRO A 84 2.87 -6.57 0.92
CA PRO A 84 3.99 -5.89 0.26
C PRO A 84 4.26 -4.51 0.85
N TYR A 85 3.45 -4.12 1.85
CA TYR A 85 3.51 -2.86 2.56
C TYR A 85 4.58 -2.93 3.65
N ASN A 14 -3.77 0.83 -4.84
CA ASN A 14 -4.34 0.58 -3.50
C ASN A 14 -3.39 1.08 -2.42
N PRO A 15 -3.73 2.15 -1.69
CA PRO A 15 -3.00 2.60 -0.50
C PRO A 15 -3.27 1.68 0.70
N CYS A 16 -2.50 1.83 1.79
CA CYS A 16 -2.62 0.97 2.97
C CYS A 16 -3.54 1.55 4.07
N LEU A 17 -4.86 1.39 3.91
CA LEU A 17 -5.90 1.98 4.76
C LEU A 17 -5.86 1.46 6.22
N SER A 18 -5.36 0.24 6.45
CA SER A 18 -5.15 -0.30 7.80
C SER A 18 -3.99 0.38 8.53
N GLU A 19 -2.90 0.65 7.80
CA GLU A 19 -1.75 1.42 8.29
C GLU A 19 -2.14 2.89 8.53
N SER A 20 -3.04 3.40 7.69
CA SER A 20 -3.59 4.76 7.84
C SER A 20 -4.39 4.93 9.14
N ASP A 21 -5.16 3.90 9.54
CA ASP A 21 -5.89 3.93 10.81
C ASP A 21 -4.94 4.00 12.01
N ALA A 22 -3.91 3.15 12.05
CA ALA A 22 -2.95 3.12 13.17
C ALA A 22 -2.03 4.35 13.21
N SER A 23 -1.58 4.84 12.04
CA SER A 23 -0.98 6.17 11.86
C SER A 23 -1.86 7.26 12.50
N THR A 24 -3.16 7.22 12.20
CA THR A 24 -4.14 8.15 12.76
C THR A 24 -4.29 7.97 14.27
N ARG A 25 -4.18 6.76 14.84
CA ARG A 25 -4.22 6.55 16.30
C ARG A 25 -2.99 7.12 17.01
N CYS A 26 -1.80 7.04 16.40
CA CYS A 26 -0.63 7.78 16.89
C CYS A 26 -0.87 9.31 16.88
N LEU A 27 -1.31 9.85 15.75
CA LEU A 27 -1.56 11.28 15.53
C LEU A 27 -2.73 11.87 16.33
N ASP A 28 -3.62 10.99 16.73
CA ASP A 28 -4.65 11.19 17.75
C ASP A 28 -4.09 11.14 19.19
N GLU A 29 -3.08 10.31 19.49
CA GLU A 29 -2.39 10.29 20.79
C GLU A 29 -1.48 11.51 21.07
N ASN A 30 -0.79 12.03 20.05
CA ASN A 30 0.21 13.10 20.17
C ASN A 30 0.10 14.16 19.05
N ASN A 31 0.57 15.38 19.31
CA ASN A 31 0.46 16.57 18.45
C ASN A 31 1.17 16.43 17.07
N TYR A 32 0.52 15.74 16.13
CA TYR A 32 1.02 15.33 14.81
C TYR A 32 2.47 14.83 14.78
N ASP A 33 2.86 13.94 15.71
CA ASP A 33 4.23 13.44 15.81
C ASP A 33 4.55 12.31 14.81
N ARG A 34 4.31 12.59 13.53
CA ARG A 34 4.71 11.75 12.38
C ARG A 34 6.23 11.71 12.16
N GLU A 35 7.01 12.30 13.07
CA GLU A 35 8.48 12.18 13.16
C GLU A 35 8.89 11.00 14.05
N ARG A 36 8.15 10.73 15.15
CA ARG A 36 8.21 9.45 15.88
C ARG A 36 7.46 8.34 15.15
N CYS A 37 6.34 8.68 14.50
CA CYS A 37 5.49 7.76 13.72
C CYS A 37 5.74 7.83 12.20
N SER A 38 6.96 8.13 11.73
CA SER A 38 7.29 8.09 10.29
C SER A 38 7.20 6.68 9.71
N THR A 39 7.45 5.64 10.52
CA THR A 39 7.40 4.23 10.11
C THR A 39 6.07 3.84 9.42
N TYR A 40 4.95 4.42 9.84
CA TYR A 40 3.64 4.20 9.22
C TYR A 40 3.56 4.83 7.82
N PHE A 41 3.99 6.09 7.69
CA PHE A 41 4.12 6.76 6.39
C PHE A 41 5.08 6.00 5.47
N LEU A 42 6.16 5.42 6.00
CA LEU A 42 7.09 4.57 5.26
C LEU A 42 6.43 3.27 4.76
N ARG A 43 5.79 2.48 5.63
CA ARG A 43 5.07 1.25 5.19
C ARG A 43 3.89 1.57 4.27
N TYR A 44 3.34 2.77 4.36
CA TYR A 44 2.30 3.27 3.43
C TYR A 44 2.91 3.66 2.07
N LYS A 45 4.08 4.31 2.05
CA LYS A 45 4.82 4.64 0.82
C LYS A 45 5.40 3.38 0.14
N ASN A 46 5.85 2.38 0.90
CA ASN A 46 6.21 1.06 0.37
C ASN A 46 5.00 0.38 -0.29
N CYS A 47 3.83 0.45 0.35
CA CYS A 47 2.58 -0.11 -0.15
C CYS A 47 2.16 0.58 -1.46
N ARG A 48 2.20 1.91 -1.50
CA ARG A 48 2.01 2.72 -2.72
C ARG A 48 3.00 2.32 -3.81
N ARG A 49 4.29 2.30 -3.52
CA ARG A 49 5.38 2.03 -4.48
C ARG A 49 5.29 0.62 -5.07
N PHE A 50 5.02 -0.39 -4.24
CA PHE A 50 4.76 -1.77 -4.69
C PHE A 50 3.59 -1.82 -5.66
N TRP A 51 2.43 -1.34 -5.22
CA TRP A 51 1.22 -1.43 -6.06
C TRP A 51 1.33 -0.58 -7.34
N ASN A 52 2.10 0.52 -7.33
CA ASN A 52 2.47 1.28 -8.53
C ASN A 52 3.45 0.52 -9.45
N SER A 53 4.35 -0.31 -8.91
CA SER A 53 5.15 -1.26 -9.70
C SER A 53 4.29 -2.34 -10.33
N ILE A 54 3.32 -2.91 -9.61
CA ILE A 54 2.36 -3.89 -10.16
C ILE A 54 1.58 -3.26 -11.32
N VAL A 55 1.13 -2.02 -11.17
CA VAL A 55 0.52 -1.23 -12.25
C VAL A 55 1.45 -1.14 -13.46
N MET A 56 2.73 -0.79 -13.30
CA MET A 56 3.70 -0.77 -14.43
C MET A 56 3.93 -2.15 -15.09
N GLN A 57 3.89 -3.24 -14.32
CA GLN A 57 4.04 -4.61 -14.84
C GLN A 57 2.75 -5.15 -15.48
N ARG A 58 1.59 -4.58 -15.16
CA ARG A 58 0.29 -4.87 -15.81
C ARG A 58 0.01 -3.98 -17.02
N ARG A 59 0.53 -2.75 -17.02
CA ARG A 59 0.38 -1.75 -18.09
C ARG A 59 1.06 -2.15 -19.40
N LYS A 60 1.98 -3.14 -19.39
CA LYS A 60 2.52 -3.78 -20.61
C LYS A 60 1.46 -4.29 -21.60
N ASN A 61 0.25 -4.60 -21.11
CA ASN A 61 -0.89 -5.04 -21.92
C ASN A 61 -1.69 -3.88 -22.55
N GLY A 62 -1.64 -2.68 -21.97
CA GLY A 62 -2.23 -1.45 -22.53
C GLY A 62 -3.76 -1.39 -22.57
N VAL A 63 -4.47 -2.27 -21.84
CA VAL A 63 -5.88 -2.58 -22.08
C VAL A 63 -6.75 -2.66 -20.81
N LYS A 64 -6.44 -3.60 -19.90
CA LYS A 64 -7.16 -3.84 -18.64
C LYS A 64 -7.09 -2.63 -17.68
N PRO A 65 -7.96 -2.57 -16.65
CA PRO A 65 -7.64 -1.76 -15.47
C PRO A 65 -6.34 -2.26 -14.85
N PHE A 66 -5.32 -1.41 -14.82
CA PHE A 66 -3.97 -1.74 -14.37
C PHE A 66 -3.91 -1.87 -12.85
N MET A 67 -4.58 -0.96 -12.15
CA MET A 67 -4.90 -1.09 -10.72
C MET A 67 -5.75 -2.36 -10.51
N PRO A 68 -5.19 -3.43 -9.90
CA PRO A 68 -5.84 -4.74 -9.88
C PRO A 68 -7.12 -4.76 -9.05
N THR A 69 -8.17 -5.39 -9.58
CA THR A 69 -9.45 -5.61 -8.89
C THR A 69 -9.29 -6.63 -7.77
N ALA A 70 -10.29 -6.76 -6.90
CA ALA A 70 -10.16 -7.46 -5.60
C ALA A 70 -9.53 -8.88 -5.67
N ALA A 71 -9.96 -9.72 -6.63
CA ALA A 71 -9.43 -11.08 -6.82
C ALA A 71 -8.09 -11.12 -7.57
N GLU A 72 -7.76 -10.08 -8.34
CA GLU A 72 -6.47 -9.88 -8.98
C GLU A 72 -5.46 -9.52 -7.89
N ARG A 73 -5.78 -8.49 -7.08
CA ARG A 73 -5.06 -8.10 -5.87
C ARG A 73 -4.83 -9.29 -4.94
N ASP A 74 -5.83 -10.17 -4.80
CA ASP A 74 -5.71 -11.40 -4.00
C ASP A 74 -4.75 -12.44 -4.60
N GLU A 75 -4.86 -12.76 -5.90
CA GLU A 75 -3.92 -13.69 -6.56
C GLU A 75 -2.49 -13.14 -6.64
N ILE A 76 -2.33 -11.81 -6.65
CA ILE A 76 -1.04 -11.11 -6.66
C ILE A 76 -0.40 -11.19 -5.28
N LEU A 77 -1.14 -10.92 -4.20
CA LEU A 77 -0.67 -11.17 -2.82
C LEU A 77 -0.29 -12.63 -2.60
N ARG A 78 -1.05 -13.56 -3.20
CA ARG A 78 -0.73 -15.00 -3.21
C ARG A 78 0.54 -15.31 -4.03
N ALA A 79 0.78 -14.57 -5.11
CA ALA A 79 2.00 -14.67 -5.91
C ALA A 79 3.24 -14.12 -5.20
N VAL A 80 3.11 -13.11 -4.32
CA VAL A 80 4.20 -12.66 -3.44
C VAL A 80 4.42 -13.65 -2.30
N GLY A 81 3.33 -14.15 -1.70
CA GLY A 81 3.32 -15.05 -0.54
C GLY A 81 3.56 -14.33 0.79
N ASN A 82 3.80 -13.02 0.74
CA ASN A 82 4.15 -12.17 1.87
C ASN A 82 3.61 -10.73 1.68
N MET A 83 3.64 -9.95 2.76
CA MET A 83 3.24 -8.55 2.80
C MET A 83 4.34 -7.69 2.15
N PRO A 84 4.10 -6.97 1.03
CA PRO A 84 5.15 -6.19 0.37
C PRO A 84 5.45 -4.86 1.09
N TYR A 85 4.69 -4.58 2.16
CA TYR A 85 4.64 -3.30 2.89
C TYR A 85 5.77 -3.20 3.91
N ASN A 14 -2.10 1.80 -3.94
CA ASN A 14 -3.26 2.15 -3.11
C ASN A 14 -2.83 3.08 -1.99
N PRO A 15 -3.71 3.91 -1.42
CA PRO A 15 -3.60 4.33 -0.03
C PRO A 15 -3.75 3.11 0.90
N CYS A 16 -3.22 3.18 2.12
CA CYS A 16 -3.29 2.09 3.11
C CYS A 16 -4.03 2.53 4.39
N LEU A 17 -5.28 2.09 4.53
CA LEU A 17 -6.24 2.60 5.54
C LEU A 17 -5.96 2.10 6.96
N SER A 18 -5.32 0.95 7.13
CA SER A 18 -4.91 0.42 8.45
C SER A 18 -3.67 1.15 8.99
N GLU A 19 -2.66 1.34 8.14
CA GLU A 19 -1.50 2.17 8.50
C GLU A 19 -1.93 3.62 8.76
N SER A 20 -2.92 4.10 7.99
CA SER A 20 -3.46 5.46 8.15
C SER A 20 -4.19 5.65 9.47
N ASP A 21 -5.06 4.71 9.86
CA ASP A 21 -5.77 4.75 11.14
C ASP A 21 -4.79 4.71 12.33
N ALA A 22 -3.86 3.75 12.35
CA ALA A 22 -2.96 3.56 13.48
C ALA A 22 -1.90 4.68 13.61
N SER A 23 -1.43 5.28 12.50
CA SER A 23 -0.67 6.54 12.53
C SER A 23 -1.49 7.74 13.00
N THR A 24 -2.73 7.92 12.52
CA THR A 24 -3.63 9.00 12.97
C THR A 24 -3.86 8.91 14.48
N ARG A 25 -4.08 7.68 14.99
CA ARG A 25 -4.22 7.37 16.41
C ARG A 25 -2.94 7.64 17.20
N CYS A 26 -1.75 7.31 16.67
CA CYS A 26 -0.46 7.70 17.27
C CYS A 26 -0.31 9.22 17.38
N LEU A 27 -0.57 9.94 16.30
CA LEU A 27 -0.38 11.39 16.23
C LEU A 27 -1.38 12.17 17.11
N ASP A 28 -2.56 11.58 17.32
CA ASP A 28 -3.56 11.97 18.33
C ASP A 28 -3.23 11.53 19.77
N GLU A 29 -2.50 10.43 19.97
CA GLU A 29 -2.02 9.95 21.29
C GLU A 29 -0.95 10.86 21.88
N ASN A 30 0.13 11.12 21.13
CA ASN A 30 1.38 11.72 21.60
C ASN A 30 1.73 13.02 20.84
N ASN A 31 0.77 13.94 20.70
CA ASN A 31 0.95 15.31 20.22
C ASN A 31 1.77 15.47 18.92
N TYR A 32 1.26 14.88 17.84
CA TYR A 32 1.78 15.00 16.47
C TYR A 32 3.23 14.52 16.26
N ASP A 33 3.60 13.34 16.79
CA ASP A 33 4.99 12.80 16.76
C ASP A 33 5.36 12.08 15.43
N ARG A 34 5.20 12.83 14.35
CA ARG A 34 5.27 12.39 12.94
C ARG A 34 6.61 11.80 12.47
N GLU A 35 7.70 12.03 13.21
CA GLU A 35 9.04 11.47 12.92
C GLU A 35 9.31 10.15 13.66
N ARG A 36 8.56 9.85 14.73
CA ARG A 36 8.60 8.56 15.44
C ARG A 36 7.55 7.60 14.87
N CYS A 37 6.41 8.13 14.40
CA CYS A 37 5.38 7.36 13.69
C CYS A 37 5.46 7.51 12.14
N SER A 38 6.65 7.75 11.58
CA SER A 38 6.85 7.77 10.12
C SER A 38 6.97 6.35 9.52
N THR A 39 7.18 5.32 10.34
CA THR A 39 7.10 3.89 9.99
C THR A 39 5.83 3.55 9.20
N TYR A 40 4.68 3.95 9.73
CA TYR A 40 3.37 3.84 9.08
C TYR A 40 3.32 4.58 7.73
N PHE A 41 3.82 5.82 7.67
CA PHE A 41 3.84 6.64 6.45
C PHE A 41 4.81 6.08 5.39
N LEU A 42 5.86 5.36 5.83
CA LEU A 42 6.74 4.58 4.97
C LEU A 42 5.99 3.39 4.37
N ARG A 43 5.34 2.57 5.20
CA ARG A 43 4.46 1.47 4.73
C ARG A 43 3.32 1.96 3.84
N TYR A 44 2.87 3.20 4.02
CA TYR A 44 1.85 3.84 3.19
C TYR A 44 2.42 4.26 1.82
N LYS A 45 3.63 4.82 1.74
CA LYS A 45 4.31 5.04 0.45
C LYS A 45 4.69 3.70 -0.24
N ASN A 46 5.04 2.66 0.51
CA ASN A 46 5.23 1.30 -0.03
C ASN A 46 3.92 0.76 -0.64
N CYS A 47 2.77 1.05 -0.02
CA CYS A 47 1.43 0.67 -0.48
C CYS A 47 1.01 1.36 -1.78
N ARG A 48 1.53 2.57 -2.04
CA ARG A 48 1.54 3.17 -3.38
C ARG A 48 2.50 2.44 -4.31
N ARG A 49 3.80 2.43 -3.99
CA ARG A 49 4.88 1.94 -4.88
C ARG A 49 4.66 0.51 -5.38
N PHE A 50 4.21 -0.39 -4.50
CA PHE A 50 3.91 -1.78 -4.85
C PHE A 50 2.81 -1.89 -5.89
N TRP A 51 1.66 -1.29 -5.59
CA TRP A 51 0.50 -1.42 -6.48
C TRP A 51 0.69 -0.61 -7.78
N ASN A 52 1.44 0.49 -7.72
CA ASN A 52 1.95 1.20 -8.89
C ASN A 52 2.94 0.36 -9.72
N SER A 53 3.77 -0.49 -9.10
CA SER A 53 4.59 -1.49 -9.82
C SER A 53 3.72 -2.52 -10.54
N ILE A 54 2.70 -3.08 -9.88
CA ILE A 54 1.76 -4.03 -10.52
C ILE A 54 1.08 -3.40 -11.73
N VAL A 55 0.69 -2.12 -11.63
CA VAL A 55 0.16 -1.32 -12.75
C VAL A 55 1.18 -1.20 -13.88
N MET A 56 2.44 -0.83 -13.61
CA MET A 56 3.48 -0.72 -14.64
C MET A 56 3.80 -2.05 -15.35
N GLN A 57 3.81 -3.16 -14.61
CA GLN A 57 4.00 -4.50 -15.19
C GLN A 57 2.80 -4.91 -16.06
N ARG A 58 1.56 -4.65 -15.62
CA ARG A 58 0.34 -4.91 -16.41
C ARG A 58 0.17 -3.98 -17.62
N ARG A 59 0.70 -2.77 -17.54
CA ARG A 59 0.68 -1.74 -18.61
C ARG A 59 1.54 -2.13 -19.83
N LYS A 60 2.47 -3.10 -19.68
CA LYS A 60 3.20 -3.73 -20.81
C LYS A 60 2.30 -4.16 -21.96
N ASN A 61 1.06 -4.58 -21.67
CA ASN A 61 0.11 -5.06 -22.67
C ASN A 61 -0.59 -3.91 -23.41
N GLY A 62 -0.77 -2.75 -22.76
CA GLY A 62 -1.38 -1.54 -23.31
C GLY A 62 -2.90 -1.59 -23.54
N VAL A 63 -3.59 -2.57 -22.94
CA VAL A 63 -4.94 -3.00 -23.36
C VAL A 63 -5.95 -3.20 -22.21
N LYS A 64 -5.56 -3.95 -21.16
CA LYS A 64 -6.38 -4.33 -19.99
C LYS A 64 -6.56 -3.18 -18.97
N PRO A 65 -7.49 -3.29 -18.01
CA PRO A 65 -7.39 -2.54 -16.76
C PRO A 65 -6.14 -2.99 -16.01
N PHE A 66 -5.31 -2.02 -15.65
CA PHE A 66 -4.02 -2.20 -15.00
C PHE A 66 -4.16 -2.39 -13.50
N MET A 67 -5.09 -1.64 -12.91
CA MET A 67 -5.60 -1.84 -11.55
C MET A 67 -6.35 -3.19 -11.45
N PRO A 68 -5.83 -4.18 -10.70
CA PRO A 68 -6.28 -5.58 -10.74
C PRO A 68 -7.64 -5.82 -10.10
N THR A 69 -8.33 -6.85 -10.59
CA THR A 69 -9.60 -7.37 -10.06
C THR A 69 -9.39 -8.27 -8.85
N ALA A 70 -10.44 -8.53 -8.08
CA ALA A 70 -10.35 -9.17 -6.76
C ALA A 70 -9.49 -10.47 -6.70
N ALA A 71 -9.67 -11.40 -7.64
CA ALA A 71 -8.90 -12.65 -7.65
C ALA A 71 -7.45 -12.49 -8.13
N GLU A 72 -7.18 -11.47 -8.97
CA GLU A 72 -5.84 -11.06 -9.39
C GLU A 72 -5.13 -10.44 -8.18
N ARG A 73 -5.74 -9.44 -7.55
CA ARG A 73 -5.28 -8.78 -6.31
C ARG A 73 -4.94 -9.82 -5.23
N ASP A 74 -5.79 -10.82 -5.06
CA ASP A 74 -5.58 -11.92 -4.11
C ASP A 74 -4.38 -12.80 -4.48
N GLU A 75 -4.29 -13.29 -5.72
CA GLU A 75 -3.16 -14.13 -6.13
C GLU A 75 -1.82 -13.38 -6.18
N ILE A 76 -1.86 -12.06 -6.35
CA ILE A 76 -0.69 -11.16 -6.31
C ILE A 76 -0.21 -10.96 -4.87
N LEU A 77 -1.12 -10.72 -3.92
CA LEU A 77 -0.78 -10.73 -2.49
C LEU A 77 -0.23 -12.09 -2.04
N ARG A 78 -0.72 -13.18 -2.63
CA ARG A 78 -0.18 -14.53 -2.42
C ARG A 78 1.18 -14.74 -3.10
N ALA A 79 1.45 -14.05 -4.21
CA ALA A 79 2.77 -13.99 -4.87
C ALA A 79 3.81 -13.16 -4.08
N VAL A 80 3.38 -12.19 -3.26
CA VAL A 80 4.22 -11.60 -2.21
C VAL A 80 4.44 -12.64 -1.09
N GLY A 81 3.36 -13.28 -0.65
CA GLY A 81 3.37 -14.24 0.46
C GLY A 81 3.41 -13.58 1.84
N ASN A 82 3.28 -12.25 1.88
CA ASN A 82 3.24 -11.41 3.07
C ASN A 82 2.49 -10.11 2.74
N MET A 83 2.45 -9.13 3.66
CA MET A 83 1.97 -7.77 3.36
C MET A 83 3.12 -6.98 2.70
N PRO A 84 2.97 -6.47 1.46
CA PRO A 84 4.06 -5.78 0.77
C PRO A 84 4.34 -4.38 1.34
N TYR A 85 3.54 -3.97 2.32
CA TYR A 85 3.57 -2.65 2.97
C TYR A 85 4.60 -2.61 4.11
N ASN A 14 -5.77 0.51 -3.29
CA ASN A 14 -6.46 1.42 -2.37
C ASN A 14 -5.53 1.90 -1.25
N PRO A 15 -5.64 3.17 -0.81
CA PRO A 15 -4.85 3.72 0.29
C PRO A 15 -5.14 3.04 1.63
N CYS A 16 -4.13 2.97 2.51
CA CYS A 16 -4.17 2.19 3.75
C CYS A 16 -4.70 2.99 4.96
N LEU A 17 -5.97 3.41 4.87
CA LEU A 17 -6.70 4.17 5.90
C LEU A 17 -6.60 3.55 7.30
N SER A 18 -6.57 2.23 7.39
CA SER A 18 -6.52 1.46 8.65
C SER A 18 -5.23 1.67 9.43
N GLU A 19 -4.11 1.81 8.73
CA GLU A 19 -2.81 2.16 9.33
C GLU A 19 -2.66 3.69 9.45
N SER A 20 -3.36 4.45 8.61
CA SER A 20 -3.44 5.91 8.74
C SER A 20 -4.18 6.34 10.01
N ASP A 21 -5.18 5.57 10.44
CA ASP A 21 -5.87 5.68 11.72
C ASP A 21 -4.92 5.45 12.91
N ALA A 22 -4.09 4.41 12.86
CA ALA A 22 -3.10 4.13 13.91
C ALA A 22 -2.01 5.22 14.00
N SER A 23 -1.55 5.74 12.85
CA SER A 23 -0.71 6.94 12.74
C SER A 23 -1.37 8.18 13.37
N THR A 24 -2.63 8.47 13.02
CA THR A 24 -3.40 9.62 13.52
C THR A 24 -3.54 9.58 15.05
N ARG A 25 -3.80 8.38 15.60
CA ARG A 25 -3.88 8.12 17.05
C ARG A 25 -2.52 8.21 17.75
N CYS A 26 -1.43 7.76 17.13
CA CYS A 26 -0.07 7.99 17.63
C CYS A 26 0.22 9.49 17.77
N LEU A 27 -0.09 10.27 16.74
CA LEU A 27 0.15 11.71 16.69
C LEU A 27 -0.65 12.48 17.75
N ASP A 28 -1.91 12.09 17.94
CA ASP A 28 -2.74 12.56 19.07
C ASP A 28 -2.16 12.17 20.45
N GLU A 29 -1.51 11.01 20.60
CA GLU A 29 -0.80 10.61 21.84
C GLU A 29 0.44 11.47 22.17
N ASN A 30 1.36 11.65 21.20
CA ASN A 30 2.72 12.13 21.43
C ASN A 30 3.07 13.39 20.61
N ASN A 31 2.48 14.54 20.92
CA ASN A 31 2.87 15.87 20.42
C ASN A 31 3.18 15.96 18.91
N TYR A 32 2.35 15.28 18.10
CA TYR A 32 2.49 15.14 16.64
C TYR A 32 3.86 14.63 16.15
N ASP A 33 4.48 13.67 16.85
CA ASP A 33 5.80 13.09 16.56
C ASP A 33 5.76 12.10 15.38
N ARG A 34 5.42 12.64 14.21
CA ARG A 34 5.42 11.96 12.90
C ARG A 34 6.80 11.50 12.43
N GLU A 35 7.88 11.74 13.19
CA GLU A 35 9.17 11.08 12.96
C GLU A 35 9.30 9.78 13.77
N ARG A 36 8.77 9.70 15.00
CA ARG A 36 8.52 8.42 15.70
C ARG A 36 7.46 7.56 15.01
N CYS A 37 6.51 8.17 14.31
CA CYS A 37 5.45 7.48 13.55
C CYS A 37 5.52 7.65 12.01
N SER A 38 6.70 7.91 11.45
CA SER A 38 6.95 7.97 9.99
C SER A 38 6.86 6.60 9.31
N THR A 39 7.15 5.51 10.04
CA THR A 39 7.04 4.11 9.58
C THR A 39 5.64 3.76 9.07
N TYR A 40 4.61 4.28 9.73
CA TYR A 40 3.21 4.16 9.32
C TYR A 40 2.97 4.79 7.94
N PHE A 41 3.49 6.00 7.73
CA PHE A 41 3.37 6.73 6.48
C PHE A 41 4.11 6.02 5.33
N LEU A 42 5.27 5.40 5.62
CA LEU A 42 5.97 4.54 4.65
C LEU A 42 5.15 3.29 4.31
N ARG A 43 4.68 2.55 5.30
CA ARG A 43 3.82 1.36 5.08
C ARG A 43 2.53 1.72 4.33
N TYR A 44 2.07 2.96 4.48
CA TYR A 44 0.94 3.53 3.73
C TYR A 44 1.34 3.91 2.29
N LYS A 45 2.51 4.52 2.05
CA LYS A 45 3.04 4.77 0.70
C LYS A 45 3.28 3.46 -0.06
N ASN A 46 3.71 2.40 0.62
CA ASN A 46 3.93 1.07 0.01
C ASN A 46 2.62 0.50 -0.56
N CYS A 47 1.46 0.82 0.04
CA CYS A 47 0.16 0.40 -0.49
C CYS A 47 -0.17 1.03 -1.85
N ARG A 48 0.32 2.25 -2.11
CA ARG A 48 0.30 2.83 -3.46
C ARG A 48 1.42 2.25 -4.31
N ARG A 49 2.67 2.35 -3.87
CA ARG A 49 3.88 1.98 -4.63
C ARG A 49 3.88 0.52 -5.11
N PHE A 50 3.42 -0.44 -4.30
CA PHE A 50 3.33 -1.83 -4.75
C PHE A 50 2.36 -1.98 -5.92
N TRP A 51 1.13 -1.52 -5.69
CA TRP A 51 0.05 -1.71 -6.68
C TRP A 51 0.25 -0.82 -7.92
N ASN A 52 0.86 0.36 -7.79
CA ASN A 52 1.37 1.18 -8.89
C ASN A 52 2.48 0.46 -9.69
N SER A 53 3.39 -0.27 -9.02
CA SER A 53 4.40 -1.06 -9.73
C SER A 53 3.75 -2.19 -10.53
N ILE A 54 2.74 -2.88 -9.98
CA ILE A 54 1.96 -3.90 -10.70
C ILE A 54 1.23 -3.29 -11.91
N VAL A 55 0.69 -2.08 -11.76
CA VAL A 55 0.08 -1.30 -12.85
C VAL A 55 1.09 -1.03 -13.96
N MET A 56 2.29 -0.53 -13.65
CA MET A 56 3.33 -0.29 -14.67
C MET A 56 3.79 -1.58 -15.36
N GLN A 57 3.91 -2.68 -14.62
CA GLN A 57 4.29 -3.98 -15.20
C GLN A 57 3.18 -4.56 -16.08
N ARG A 58 1.90 -4.29 -15.81
CA ARG A 58 0.75 -4.65 -16.66
C ARG A 58 0.55 -3.69 -17.85
N ARG A 59 1.00 -2.45 -17.71
CA ARG A 59 0.97 -1.44 -18.78
C ARG A 59 1.94 -1.73 -19.91
N LYS A 60 2.92 -2.63 -19.72
CA LYS A 60 3.85 -3.10 -20.77
C LYS A 60 3.16 -3.60 -22.05
N ASN A 61 1.94 -4.17 -21.95
CA ASN A 61 1.16 -4.63 -23.09
C ASN A 61 0.03 -3.67 -23.54
N GLY A 62 -0.33 -2.68 -22.71
CA GLY A 62 -1.19 -1.55 -23.09
C GLY A 62 -2.68 -1.87 -23.32
N VAL A 63 -3.20 -2.99 -22.81
CA VAL A 63 -4.50 -3.55 -23.24
C VAL A 63 -5.50 -3.79 -22.10
N LYS A 64 -5.07 -4.33 -20.95
CA LYS A 64 -5.98 -4.68 -19.83
C LYS A 64 -6.29 -3.48 -18.91
N PRO A 65 -7.31 -3.56 -18.04
CA PRO A 65 -7.31 -2.76 -16.82
C PRO A 65 -6.05 -3.12 -16.02
N PHE A 66 -5.14 -2.16 -15.90
CA PHE A 66 -3.83 -2.35 -15.29
C PHE A 66 -3.91 -2.55 -13.78
N MET A 67 -4.80 -1.79 -13.14
CA MET A 67 -5.27 -2.03 -11.77
C MET A 67 -5.87 -3.45 -11.67
N PRO A 68 -5.23 -4.40 -10.95
CA PRO A 68 -5.55 -5.82 -11.04
C PRO A 68 -6.92 -6.16 -10.43
N THR A 69 -7.61 -7.12 -11.06
CA THR A 69 -8.90 -7.70 -10.61
C THR A 69 -8.72 -8.65 -9.43
N ALA A 70 -9.80 -9.09 -8.80
CA ALA A 70 -9.75 -9.83 -7.53
C ALA A 70 -8.91 -11.12 -7.59
N ALA A 71 -9.03 -11.92 -8.65
CA ALA A 71 -8.23 -13.13 -8.82
C ALA A 71 -6.74 -12.85 -9.13
N GLU A 72 -6.43 -11.71 -9.77
CA GLU A 72 -5.08 -11.21 -9.96
C GLU A 72 -4.49 -10.75 -8.62
N ARG A 73 -5.19 -9.86 -7.90
CA ARG A 73 -4.80 -9.39 -6.56
C ARG A 73 -4.51 -10.56 -5.64
N ASP A 74 -5.36 -11.59 -5.68
CA ASP A 74 -5.19 -12.87 -4.97
C ASP A 74 -3.91 -13.61 -5.37
N GLU A 75 -3.72 -13.94 -6.66
CA GLU A 75 -2.53 -14.71 -7.09
C GLU A 75 -1.21 -13.93 -6.93
N ILE A 76 -1.28 -12.60 -6.95
CA ILE A 76 -0.14 -11.69 -6.74
C ILE A 76 0.21 -11.58 -5.26
N LEU A 77 -0.77 -11.39 -4.37
CA LEU A 77 -0.53 -11.39 -2.92
C LEU A 77 -0.06 -12.77 -2.43
N ARG A 78 -0.53 -13.85 -3.05
CA ARG A 78 -0.03 -15.21 -2.82
C ARG A 78 1.40 -15.39 -3.33
N ALA A 79 1.73 -14.76 -4.46
CA ALA A 79 3.11 -14.74 -4.98
C ALA A 79 4.10 -13.88 -4.15
N VAL A 80 3.62 -12.85 -3.44
CA VAL A 80 4.40 -12.19 -2.37
C VAL A 80 4.53 -13.12 -1.17
N GLY A 81 3.41 -13.77 -0.80
CA GLY A 81 3.29 -14.69 0.33
C GLY A 81 3.17 -13.99 1.69
N ASN A 82 3.00 -12.67 1.65
CA ASN A 82 2.92 -11.77 2.79
C ASN A 82 2.17 -10.48 2.40
N MET A 83 2.02 -9.54 3.33
CA MET A 83 1.53 -8.18 3.12
C MET A 83 2.63 -7.33 2.45
N PRO A 84 2.38 -6.66 1.31
CA PRO A 84 3.38 -5.84 0.63
C PRO A 84 3.63 -4.50 1.33
N TYR A 85 2.92 -4.25 2.44
CA TYR A 85 2.95 -3.01 3.23
C TYR A 85 4.17 -2.95 4.16
N ASN A 14 -4.16 0.65 -2.77
CA ASN A 14 -5.11 1.72 -2.37
C ASN A 14 -4.45 2.61 -1.32
N PRO A 15 -4.97 3.82 -1.00
CA PRO A 15 -4.60 4.52 0.23
C PRO A 15 -4.91 3.67 1.48
N CYS A 16 -4.11 3.81 2.52
CA CYS A 16 -4.04 2.89 3.68
C CYS A 16 -4.57 3.49 5.00
N LEU A 17 -5.90 3.56 5.13
CA LEU A 17 -6.60 4.18 6.27
C LEU A 17 -6.35 3.45 7.60
N SER A 18 -6.06 2.14 7.56
CA SER A 18 -5.90 1.29 8.75
C SER A 18 -4.51 1.39 9.37
N GLU A 19 -3.43 1.38 8.59
CA GLU A 19 -2.10 1.77 9.09
C GLU A 19 -2.07 3.29 9.39
N SER A 20 -2.91 4.10 8.72
CA SER A 20 -3.11 5.49 9.16
C SER A 20 -3.73 5.58 10.56
N ASP A 21 -4.70 4.71 10.91
CA ASP A 21 -5.24 4.61 12.27
C ASP A 21 -4.15 4.27 13.28
N ALA A 22 -3.26 3.31 12.98
CA ALA A 22 -2.12 2.97 13.84
C ALA A 22 -1.12 4.14 14.00
N SER A 23 -0.94 4.96 12.97
CA SER A 23 -0.21 6.23 13.06
C SER A 23 -0.92 7.24 13.99
N THR A 24 -2.25 7.28 13.98
CA THR A 24 -3.03 8.10 14.92
C THR A 24 -2.90 7.57 16.36
N ARG A 25 -2.85 6.25 16.56
CA ARG A 25 -2.54 5.66 17.89
C ARG A 25 -1.17 6.14 18.38
N CYS A 26 -0.14 6.11 17.52
CA CYS A 26 1.18 6.67 17.80
C CYS A 26 1.11 8.16 18.19
N LEU A 27 0.47 8.98 17.36
CA LEU A 27 0.41 10.43 17.57
C LEU A 27 -0.34 10.80 18.86
N ASP A 28 -1.49 10.18 19.08
CA ASP A 28 -2.27 10.30 20.32
C ASP A 28 -1.51 9.75 21.56
N GLU A 29 -0.61 8.76 21.42
CA GLU A 29 0.33 8.32 22.47
C GLU A 29 1.36 9.40 22.86
N ASN A 30 2.15 9.87 21.89
CA ASN A 30 3.36 10.66 22.07
C ASN A 30 3.18 12.11 21.57
N ASN A 31 2.11 12.77 22.02
CA ASN A 31 1.91 14.23 21.96
C ASN A 31 1.96 14.82 20.52
N TYR A 32 1.41 14.07 19.55
CA TYR A 32 1.36 14.35 18.11
C TYR A 32 2.74 14.57 17.46
N ASP A 33 3.40 13.46 17.07
CA ASP A 33 4.77 13.42 16.56
C ASP A 33 4.88 12.81 15.14
N ARG A 34 4.32 13.52 14.14
CA ARG A 34 4.35 13.14 12.72
C ARG A 34 5.77 13.10 12.14
N GLU A 35 6.77 13.68 12.82
CA GLU A 35 8.18 13.53 12.46
C GLU A 35 8.77 12.17 12.89
N ARG A 36 8.37 11.62 14.05
CA ARG A 36 8.74 10.25 14.49
C ARG A 36 7.96 9.15 13.76
N CYS A 37 6.66 9.35 13.52
CA CYS A 37 5.80 8.34 12.87
C CYS A 37 5.63 8.55 11.35
N SER A 38 6.61 9.18 10.69
CA SER A 38 6.73 9.24 9.22
C SER A 38 6.92 7.86 8.56
N THR A 39 7.30 6.85 9.34
CA THR A 39 7.37 5.42 8.95
C THR A 39 6.02 4.88 8.46
N TYR A 40 4.94 5.28 9.12
CA TYR A 40 3.56 4.95 8.74
C TYR A 40 3.16 5.63 7.43
N PHE A 41 3.55 6.90 7.24
CA PHE A 41 3.37 7.62 5.98
C PHE A 41 4.17 6.98 4.83
N LEU A 42 5.35 6.42 5.10
CA LEU A 42 6.09 5.58 4.16
C LEU A 42 5.30 4.31 3.79
N ARG A 43 4.77 3.56 4.76
CA ARG A 43 3.90 2.41 4.43
C ARG A 43 2.64 2.81 3.67
N TYR A 44 2.13 4.03 3.88
CA TYR A 44 0.99 4.55 3.14
C TYR A 44 1.36 4.85 1.67
N LYS A 45 2.55 5.41 1.41
CA LYS A 45 3.13 5.49 0.06
C LYS A 45 3.38 4.11 -0.56
N ASN A 46 3.86 3.13 0.20
CA ASN A 46 4.08 1.76 -0.30
C ASN A 46 2.76 1.15 -0.83
N CYS A 47 1.62 1.44 -0.18
CA CYS A 47 0.31 0.97 -0.61
C CYS A 47 -0.17 1.53 -1.96
N ARG A 48 0.38 2.66 -2.42
CA ARG A 48 0.24 3.16 -3.79
C ARG A 48 1.35 2.62 -4.70
N ARG A 49 2.61 2.79 -4.27
CA ARG A 49 3.84 2.47 -5.01
C ARG A 49 3.93 1.00 -5.43
N PHE A 50 3.48 0.06 -4.59
CA PHE A 50 3.44 -1.36 -4.94
C PHE A 50 2.49 -1.61 -6.11
N TRP A 51 1.24 -1.18 -5.96
CA TRP A 51 0.22 -1.43 -6.97
C TRP A 51 0.46 -0.63 -8.27
N ASN A 52 1.07 0.56 -8.19
CA ASN A 52 1.60 1.28 -9.34
C ASN A 52 2.72 0.50 -10.06
N SER A 53 3.61 -0.18 -9.33
CA SER A 53 4.57 -1.12 -9.96
C SER A 53 3.89 -2.31 -10.64
N ILE A 54 2.87 -2.92 -10.02
CA ILE A 54 2.10 -4.01 -10.65
C ILE A 54 1.44 -3.53 -11.96
N VAL A 55 0.89 -2.32 -11.97
CA VAL A 55 0.32 -1.69 -13.16
C VAL A 55 1.36 -1.45 -14.25
N MET A 56 2.57 -0.99 -13.91
CA MET A 56 3.67 -0.89 -14.89
C MET A 56 4.10 -2.27 -15.44
N GLN A 57 4.02 -3.31 -14.59
CA GLN A 57 4.25 -4.71 -14.97
C GLN A 57 3.06 -5.35 -15.72
N ARG A 58 1.86 -4.74 -15.73
CA ARG A 58 0.78 -5.05 -16.69
C ARG A 58 0.83 -4.19 -17.96
N ARG A 59 1.40 -2.98 -17.88
CA ARG A 59 1.46 -2.00 -18.99
C ARG A 59 2.52 -2.35 -20.03
N LYS A 60 3.60 -3.03 -19.64
CA LYS A 60 4.69 -3.47 -20.53
C LYS A 60 4.25 -4.35 -21.72
N ASN A 61 3.17 -5.14 -21.62
CA ASN A 61 2.59 -5.88 -22.75
C ASN A 61 1.43 -5.14 -23.48
N GLY A 62 0.86 -4.08 -22.88
CA GLY A 62 -0.18 -3.25 -23.50
C GLY A 62 -1.53 -3.93 -23.72
N VAL A 63 -1.83 -4.99 -22.95
CA VAL A 63 -2.67 -6.13 -23.41
C VAL A 63 -4.03 -6.28 -22.71
N LYS A 64 -4.18 -5.71 -21.51
CA LYS A 64 -5.30 -5.88 -20.58
C LYS A 64 -5.69 -4.55 -19.89
N PRO A 65 -6.82 -4.49 -19.16
CA PRO A 65 -6.99 -3.51 -18.09
C PRO A 65 -5.88 -3.69 -17.04
N PHE A 66 -5.01 -2.68 -16.87
CA PHE A 66 -3.78 -2.79 -16.08
C PHE A 66 -4.02 -2.79 -14.57
N MET A 67 -4.85 -1.87 -14.06
CA MET A 67 -5.30 -1.89 -12.67
C MET A 67 -6.01 -3.23 -12.37
N PRO A 68 -5.44 -4.09 -11.50
CA PRO A 68 -5.84 -5.49 -11.38
C PRO A 68 -7.24 -5.68 -10.80
N THR A 69 -7.96 -6.69 -11.30
CA THR A 69 -9.29 -7.06 -10.81
C THR A 69 -9.20 -7.82 -9.49
N ALA A 70 -10.31 -8.01 -8.80
CA ALA A 70 -10.34 -8.60 -7.45
C ALA A 70 -9.65 -9.99 -7.37
N ALA A 71 -9.81 -10.85 -8.38
CA ALA A 71 -9.14 -12.16 -8.43
C ALA A 71 -7.63 -12.05 -8.77
N GLU A 72 -7.23 -11.04 -9.55
CA GLU A 72 -5.82 -10.73 -9.81
C GLU A 72 -5.18 -10.24 -8.53
N ARG A 73 -5.79 -9.23 -7.87
CA ARG A 73 -5.37 -8.74 -6.55
C ARG A 73 -5.30 -9.87 -5.51
N ASP A 74 -6.21 -10.82 -5.53
CA ASP A 74 -6.16 -12.01 -4.67
C ASP A 74 -4.89 -12.83 -4.96
N GLU A 75 -4.65 -13.25 -6.21
CA GLU A 75 -3.46 -14.05 -6.54
C GLU A 75 -2.14 -13.27 -6.41
N ILE A 76 -2.16 -11.95 -6.45
CA ILE A 76 -0.98 -11.09 -6.27
C ILE A 76 -0.66 -10.94 -4.78
N LEU A 77 -1.66 -10.70 -3.93
CA LEU A 77 -1.50 -10.75 -2.47
C LEU A 77 -1.10 -12.15 -2.00
N ARG A 78 -1.57 -13.20 -2.67
CA ARG A 78 -1.13 -14.60 -2.46
C ARG A 78 0.31 -14.81 -2.92
N ALA A 79 0.73 -14.15 -4.00
CA ALA A 79 2.11 -14.20 -4.49
C ALA A 79 3.11 -13.48 -3.56
N VAL A 80 2.67 -12.43 -2.86
CA VAL A 80 3.41 -11.84 -1.73
C VAL A 80 3.32 -12.78 -0.51
N GLY A 81 2.14 -13.35 -0.26
CA GLY A 81 1.83 -14.27 0.83
C GLY A 81 1.63 -13.57 2.17
N ASN A 82 1.73 -12.24 2.16
CA ASN A 82 1.75 -11.31 3.28
C ASN A 82 1.24 -9.93 2.80
N MET A 83 1.24 -8.91 3.65
CA MET A 83 0.91 -7.52 3.32
C MET A 83 2.09 -6.88 2.57
N PRO A 84 1.92 -6.33 1.35
CA PRO A 84 3.02 -5.73 0.60
C PRO A 84 3.47 -4.38 1.18
N TYR A 85 2.74 -3.86 2.16
CA TYR A 85 2.94 -2.53 2.74
C TYR A 85 4.23 -2.46 3.59
N ASN A 14 -3.65 1.86 -4.64
CA ASN A 14 -4.29 1.52 -3.35
C ASN A 14 -3.64 2.29 -2.20
N PRO A 15 -4.41 3.10 -1.45
CA PRO A 15 -4.02 3.60 -0.12
C PRO A 15 -3.99 2.50 0.95
N CYS A 16 -3.52 2.83 2.16
CA CYS A 16 -3.59 1.99 3.36
C CYS A 16 -4.34 2.71 4.50
N LEU A 17 -5.66 2.56 4.55
CA LEU A 17 -6.57 3.29 5.45
C LEU A 17 -6.34 2.95 6.93
N SER A 18 -6.03 1.68 7.24
CA SER A 18 -5.78 1.23 8.62
C SER A 18 -4.42 1.65 9.14
N GLU A 19 -3.34 1.49 8.37
CA GLU A 19 -2.03 2.02 8.76
C GLU A 19 -2.08 3.56 8.85
N SER A 20 -2.91 4.18 8.02
CA SER A 20 -3.18 5.63 8.14
C SER A 20 -3.87 5.95 9.47
N ASP A 21 -4.93 5.24 9.84
CA ASP A 21 -5.65 5.42 11.10
C ASP A 21 -4.80 5.07 12.35
N ALA A 22 -3.92 4.07 12.25
CA ALA A 22 -2.98 3.70 13.30
C ALA A 22 -1.92 4.81 13.52
N SER A 23 -1.45 5.45 12.45
CA SER A 23 -0.66 6.69 12.54
C SER A 23 -1.45 7.86 13.13
N THR A 24 -2.73 8.03 12.75
CA THR A 24 -3.64 9.06 13.30
C THR A 24 -3.80 8.90 14.81
N ARG A 25 -3.91 7.66 15.29
CA ARG A 25 -4.02 7.28 16.71
C ARG A 25 -2.70 7.40 17.47
N CYS A 26 -1.56 7.12 16.83
CA CYS A 26 -0.23 7.44 17.35
C CYS A 26 -0.10 8.95 17.60
N LEU A 27 -0.40 9.75 16.58
CA LEU A 27 -0.33 11.21 16.63
C LEU A 27 -1.23 11.79 17.72
N ASP A 28 -2.44 11.26 17.85
CA ASP A 28 -3.39 11.51 18.94
C ASP A 28 -2.90 11.06 20.34
N GLU A 29 -2.09 10.00 20.44
CA GLU A 29 -1.41 9.59 21.67
C GLU A 29 -0.31 10.56 22.13
N ASN A 30 0.59 10.98 21.24
CA ASN A 30 1.89 11.54 21.61
C ASN A 30 2.21 12.91 20.97
N ASN A 31 1.36 13.93 21.16
CA ASN A 31 1.59 15.31 20.72
C ASN A 31 2.08 15.44 19.24
N TYR A 32 1.42 14.74 18.32
CA TYR A 32 1.71 14.71 16.88
C TYR A 32 3.15 14.28 16.53
N ASP A 33 3.55 13.06 16.88
CA ASP A 33 4.92 12.55 16.63
C ASP A 33 5.09 11.95 15.22
N ARG A 34 4.87 12.80 14.21
CA ARG A 34 5.03 12.53 12.78
C ARG A 34 6.43 12.05 12.37
N GLU A 35 7.44 12.21 13.23
CA GLU A 35 8.79 11.64 13.08
C GLU A 35 8.85 10.17 13.56
N ARG A 36 8.47 9.86 14.82
CA ARG A 36 8.47 8.46 15.31
C ARG A 36 7.49 7.57 14.53
N CYS A 37 6.36 8.13 14.10
CA CYS A 37 5.38 7.44 13.27
C CYS A 37 5.55 7.74 11.76
N SER A 38 6.72 8.23 11.33
CA SER A 38 7.04 8.38 9.89
C SER A 38 7.13 7.03 9.16
N THR A 39 7.43 5.94 9.88
CA THR A 39 7.37 4.55 9.39
C THR A 39 6.03 4.21 8.74
N TYR A 40 4.93 4.63 9.35
CA TYR A 40 3.57 4.41 8.86
C TYR A 40 3.36 5.11 7.51
N PHE A 41 3.78 6.37 7.38
CA PHE A 41 3.67 7.14 6.14
C PHE A 41 4.58 6.59 5.03
N LEU A 42 5.80 6.15 5.37
CA LEU A 42 6.66 5.42 4.43
C LEU A 42 6.02 4.11 3.96
N ARG A 43 5.46 3.32 4.87
CA ARG A 43 4.79 2.07 4.48
C ARG A 43 3.48 2.30 3.73
N TYR A 44 2.87 3.47 3.91
CA TYR A 44 1.75 3.91 3.05
C TYR A 44 2.25 4.23 1.64
N LYS A 45 3.39 4.93 1.49
CA LYS A 45 4.06 5.11 0.20
C LYS A 45 4.49 3.76 -0.43
N ASN A 46 4.83 2.76 0.38
CA ASN A 46 5.11 1.39 -0.08
C ASN A 46 3.83 0.67 -0.55
N CYS A 47 2.68 0.80 0.14
CA CYS A 47 1.39 0.32 -0.37
C CYS A 47 1.09 0.86 -1.77
N ARG A 48 1.26 2.17 -1.94
CA ARG A 48 1.05 2.87 -3.21
C ARG A 48 2.06 2.41 -4.26
N ARG A 49 3.36 2.41 -3.96
CA ARG A 49 4.45 1.98 -4.86
C ARG A 49 4.29 0.53 -5.33
N PHE A 50 3.92 -0.40 -4.45
CA PHE A 50 3.71 -1.79 -4.85
C PHE A 50 2.63 -1.91 -5.92
N TRP A 51 1.44 -1.40 -5.62
CA TRP A 51 0.30 -1.52 -6.54
C TRP A 51 0.48 -0.66 -7.80
N ASN A 52 1.16 0.50 -7.72
CA ASN A 52 1.61 1.27 -8.88
C ASN A 52 2.67 0.52 -9.73
N SER A 53 3.53 -0.29 -9.12
CA SER A 53 4.48 -1.17 -9.83
C SER A 53 3.75 -2.32 -10.55
N ILE A 54 2.71 -2.93 -9.95
CA ILE A 54 1.85 -3.91 -10.63
C ILE A 54 1.15 -3.26 -11.84
N VAL A 55 0.62 -2.05 -11.65
CA VAL A 55 0.05 -1.23 -12.73
C VAL A 55 1.06 -1.02 -13.86
N MET A 56 2.32 -0.67 -13.58
CA MET A 56 3.37 -0.56 -14.61
C MET A 56 3.73 -1.90 -15.27
N GLN A 57 3.73 -3.00 -14.52
CA GLN A 57 3.96 -4.37 -15.02
C GLN A 57 2.79 -4.94 -15.81
N ARG A 58 1.61 -4.29 -15.76
CA ARG A 58 0.49 -4.54 -16.67
C ARG A 58 0.41 -3.54 -17.82
N ARG A 59 0.77 -2.28 -17.56
CA ARG A 59 0.74 -1.17 -18.53
C ARG A 59 1.76 -1.33 -19.66
N LYS A 60 2.86 -2.05 -19.41
CA LYS A 60 3.81 -2.48 -20.45
C LYS A 60 3.16 -3.19 -21.64
N ASN A 61 2.02 -3.85 -21.44
CA ASN A 61 1.29 -4.56 -22.49
C ASN A 61 0.14 -3.77 -23.14
N GLY A 62 -0.32 -2.64 -22.58
CA GLY A 62 -1.29 -1.73 -23.21
C GLY A 62 -2.68 -2.33 -23.52
N VAL A 63 -3.08 -3.38 -22.78
CA VAL A 63 -4.13 -4.32 -23.22
C VAL A 63 -5.22 -4.65 -22.18
N LYS A 64 -4.86 -4.80 -20.91
CA LYS A 64 -5.71 -5.34 -19.84
C LYS A 64 -5.99 -4.31 -18.74
N PRO A 65 -6.89 -4.56 -17.78
CA PRO A 65 -6.95 -3.77 -16.55
C PRO A 65 -5.61 -3.79 -15.81
N PHE A 66 -4.90 -2.66 -15.86
CA PHE A 66 -3.64 -2.42 -15.16
C PHE A 66 -3.82 -2.41 -13.65
N MET A 67 -4.87 -1.73 -13.17
CA MET A 67 -5.40 -1.95 -11.83
C MET A 67 -6.06 -3.35 -11.76
N PRO A 68 -5.45 -4.33 -11.05
CA PRO A 68 -5.99 -5.68 -10.93
C PRO A 68 -7.36 -5.71 -10.22
N THR A 69 -8.18 -6.68 -10.60
CA THR A 69 -9.47 -6.96 -9.96
C THR A 69 -9.32 -7.84 -8.72
N ALA A 70 -10.34 -7.91 -7.88
CA ALA A 70 -10.25 -8.47 -6.52
C ALA A 70 -9.60 -9.88 -6.41
N ALA A 71 -9.97 -10.81 -7.30
CA ALA A 71 -9.39 -12.15 -7.36
C ALA A 71 -7.93 -12.17 -7.89
N GLU A 72 -7.59 -11.23 -8.78
CA GLU A 72 -6.22 -10.99 -9.23
C GLU A 72 -5.40 -10.46 -8.06
N ARG A 73 -5.89 -9.44 -7.34
CA ARG A 73 -5.24 -8.91 -6.13
C ARG A 73 -5.02 -10.00 -5.08
N ASP A 74 -5.97 -10.91 -4.92
CA ASP A 74 -5.82 -12.08 -4.04
C ASP A 74 -4.67 -13.01 -4.49
N GLU A 75 -4.66 -13.45 -5.76
CA GLU A 75 -3.56 -14.31 -6.24
C GLU A 75 -2.19 -13.61 -6.28
N ILE A 76 -2.17 -12.28 -6.41
CA ILE A 76 -0.96 -11.44 -6.40
C ILE A 76 -0.41 -11.29 -4.97
N LEU A 77 -1.28 -11.03 -3.98
CA LEU A 77 -0.90 -11.05 -2.57
C LEU A 77 -0.41 -12.43 -2.12
N ARG A 78 -0.99 -13.49 -2.69
CA ARG A 78 -0.49 -14.88 -2.55
C ARG A 78 0.86 -15.07 -3.25
N ALA A 79 1.09 -14.40 -4.38
CA ALA A 79 2.38 -14.42 -5.09
C ALA A 79 3.50 -13.64 -4.35
N VAL A 80 3.16 -12.64 -3.53
CA VAL A 80 4.10 -12.02 -2.57
C VAL A 80 4.30 -12.92 -1.35
N GLY A 81 3.23 -13.56 -0.88
CA GLY A 81 3.24 -14.53 0.22
C GLY A 81 3.42 -13.87 1.59
N ASN A 82 3.34 -12.54 1.63
CA ASN A 82 3.40 -11.66 2.80
C ASN A 82 2.70 -10.33 2.43
N MET A 83 2.43 -9.47 3.42
CA MET A 83 1.98 -8.10 3.18
C MET A 83 3.07 -7.35 2.37
N PRO A 84 2.75 -6.73 1.21
CA PRO A 84 3.76 -6.05 0.40
C PRO A 84 4.26 -4.75 1.05
N TYR A 85 3.68 -4.39 2.20
CA TYR A 85 4.04 -3.25 3.04
C TYR A 85 4.41 -3.65 4.46
N ASN A 14 -3.00 0.77 -4.94
CA ASN A 14 -3.80 0.92 -3.71
C ASN A 14 -3.11 1.83 -2.71
N PRO A 15 -3.78 2.90 -2.24
CA PRO A 15 -3.37 3.66 -1.06
C PRO A 15 -3.46 2.80 0.20
N CYS A 16 -2.61 3.07 1.20
CA CYS A 16 -2.43 2.20 2.36
C CYS A 16 -3.27 2.64 3.58
N LEU A 17 -4.60 2.46 3.47
CA LEU A 17 -5.56 2.95 4.46
C LEU A 17 -5.38 2.29 5.84
N SER A 18 -5.05 1.00 5.93
CA SER A 18 -4.84 0.31 7.20
C SER A 18 -3.55 0.74 7.89
N GLU A 19 -2.46 0.88 7.12
CA GLU A 19 -1.20 1.43 7.62
C GLU A 19 -1.39 2.89 8.08
N SER A 20 -2.30 3.61 7.42
CA SER A 20 -2.69 4.99 7.78
C SER A 20 -3.62 5.05 9.01
N ASP A 21 -4.43 4.02 9.25
CA ASP A 21 -5.22 3.89 10.49
C ASP A 21 -4.34 3.50 11.69
N ALA A 22 -3.27 2.74 11.48
CA ALA A 22 -2.25 2.47 12.51
C ALA A 22 -1.39 3.73 12.78
N SER A 23 -1.04 4.49 11.74
CA SER A 23 -0.46 5.84 11.85
C SER A 23 -1.37 6.76 12.67
N THR A 24 -2.68 6.76 12.38
CA THR A 24 -3.70 7.51 13.14
C THR A 24 -3.74 7.10 14.63
N ARG A 25 -3.63 5.79 14.93
CA ARG A 25 -3.57 5.29 16.32
C ARG A 25 -2.28 5.71 17.05
N CYS A 26 -1.13 5.73 16.37
CA CYS A 26 0.09 6.33 16.90
C CYS A 26 -0.10 7.83 17.21
N LEU A 27 -0.71 8.57 16.29
CA LEU A 27 -0.93 10.01 16.41
C LEU A 27 -1.88 10.37 17.56
N ASP A 28 -2.94 9.59 17.73
CA ASP A 28 -3.83 9.60 18.90
C ASP A 28 -3.09 9.20 20.22
N GLU A 29 -2.10 8.31 20.16
CA GLU A 29 -1.19 8.02 21.27
C GLU A 29 -0.25 9.18 21.66
N ASN A 30 0.28 9.95 20.72
CA ASN A 30 1.31 10.96 20.93
C ASN A 30 1.05 12.29 20.17
N ASN A 31 0.13 13.14 20.65
CA ASN A 31 0.01 14.57 20.28
C ASN A 31 -0.04 14.90 18.76
N TYR A 32 -0.51 13.95 17.94
CA TYR A 32 -0.46 13.98 16.47
C TYR A 32 0.96 14.22 15.89
N ASP A 33 1.98 13.59 16.50
CA ASP A 33 3.40 13.65 16.14
C ASP A 33 3.71 12.80 14.89
N ARG A 34 3.19 13.33 13.78
CA ARG A 34 3.38 12.86 12.40
C ARG A 34 4.84 12.73 11.97
N GLU A 35 5.79 13.28 12.70
CA GLU A 35 7.24 13.12 12.48
C GLU A 35 7.83 11.94 13.27
N ARG A 36 7.33 11.65 14.49
CA ARG A 36 7.64 10.39 15.20
C ARG A 36 7.04 9.17 14.52
N CYS A 37 5.90 9.32 13.86
CA CYS A 37 5.29 8.24 13.04
C CYS A 37 5.31 8.50 11.51
N SER A 38 6.23 9.34 11.01
CA SER A 38 6.52 9.50 9.56
C SER A 38 6.96 8.19 8.90
N THR A 39 7.52 7.25 9.67
CA THR A 39 7.91 5.91 9.17
C THR A 39 6.70 5.09 8.67
N TYR A 40 5.51 5.29 9.26
CA TYR A 40 4.26 4.66 8.78
C TYR A 40 3.87 5.25 7.41
N PHE A 41 4.00 6.57 7.26
CA PHE A 41 3.75 7.27 5.99
C PHE A 41 4.77 6.88 4.90
N LEU A 42 6.01 6.55 5.30
CA LEU A 42 7.00 5.92 4.42
C LEU A 42 6.55 4.51 4.00
N ARG A 43 6.05 3.68 4.93
CA ARG A 43 5.46 2.38 4.55
C ARG A 43 4.24 2.55 3.65
N TYR A 44 3.49 3.64 3.77
CA TYR A 44 2.40 3.99 2.84
C TYR A 44 2.93 4.29 1.43
N LYS A 45 4.02 5.07 1.30
CA LYS A 45 4.71 5.26 0.01
C LYS A 45 5.36 3.97 -0.52
N ASN A 46 5.76 3.03 0.36
CA ASN A 46 6.25 1.70 -0.03
C ASN A 46 5.12 0.81 -0.59
N CYS A 47 3.90 0.84 0.00
CA CYS A 47 2.72 0.20 -0.60
C CYS A 47 2.48 0.73 -2.02
N ARG A 48 2.57 2.05 -2.16
CA ARG A 48 2.29 2.75 -3.43
C ARG A 48 3.27 2.34 -4.52
N ARG A 49 4.57 2.20 -4.19
CA ARG A 49 5.61 1.69 -5.11
C ARG A 49 5.35 0.24 -5.54
N PHE A 50 4.97 -0.66 -4.62
CA PHE A 50 4.64 -2.05 -4.94
C PHE A 50 3.49 -2.12 -5.96
N TRP A 51 2.38 -1.49 -5.61
CA TRP A 51 1.19 -1.50 -6.47
C TRP A 51 1.41 -0.73 -7.79
N ASN A 52 2.26 0.31 -7.84
CA ASN A 52 2.73 0.91 -9.09
C ASN A 52 3.59 -0.04 -9.93
N SER A 53 4.38 -0.90 -9.29
CA SER A 53 5.13 -1.95 -9.99
C SER A 53 4.19 -2.97 -10.62
N ILE A 54 3.12 -3.39 -9.92
CA ILE A 54 2.07 -4.25 -10.49
C ILE A 54 1.36 -3.56 -11.68
N VAL A 55 1.05 -2.27 -11.53
CA VAL A 55 0.51 -1.44 -12.62
C VAL A 55 1.43 -1.45 -13.84
N MET A 56 2.74 -1.24 -13.68
CA MET A 56 3.69 -1.30 -14.81
C MET A 56 3.84 -2.71 -15.41
N GLN A 57 3.77 -3.75 -14.58
CA GLN A 57 3.78 -5.15 -15.03
C GLN A 57 2.44 -5.59 -15.67
N ARG A 58 1.37 -4.82 -15.54
CA ARG A 58 0.16 -4.94 -16.38
C ARG A 58 0.15 -3.99 -17.59
N ARG A 59 0.76 -2.80 -17.45
CA ARG A 59 0.87 -1.78 -18.50
C ARG A 59 1.76 -2.22 -19.66
N LYS A 60 2.64 -3.21 -19.47
CA LYS A 60 3.40 -3.89 -20.53
C LYS A 60 2.51 -4.43 -21.67
N ASN A 61 1.25 -4.75 -21.40
CA ASN A 61 0.29 -5.24 -22.39
C ASN A 61 -0.80 -4.22 -22.79
N GLY A 62 -0.94 -3.08 -22.09
CA GLY A 62 -1.78 -1.95 -22.54
C GLY A 62 -3.30 -2.20 -22.62
N VAL A 63 -3.79 -3.29 -22.01
CA VAL A 63 -5.04 -3.97 -22.40
C VAL A 63 -6.22 -3.85 -21.41
N LYS A 64 -5.95 -3.62 -20.12
CA LYS A 64 -6.91 -3.65 -19.01
C LYS A 64 -6.80 -2.43 -18.08
N PRO A 65 -7.76 -2.22 -17.16
CA PRO A 65 -7.49 -1.45 -15.94
C PRO A 65 -6.32 -2.09 -15.16
N PHE A 66 -5.21 -1.35 -15.05
CA PHE A 66 -3.93 -1.83 -14.51
C PHE A 66 -3.91 -1.91 -12.98
N MET A 67 -4.45 -0.87 -12.32
CA MET A 67 -4.73 -0.87 -10.89
C MET A 67 -5.65 -2.04 -10.55
N PRO A 68 -5.18 -3.05 -9.79
CA PRO A 68 -5.81 -4.35 -9.72
C PRO A 68 -7.17 -4.34 -9.02
N THR A 69 -8.09 -5.14 -9.57
CA THR A 69 -9.40 -5.46 -9.01
C THR A 69 -9.29 -6.39 -7.80
N ALA A 70 -10.36 -6.53 -7.03
CA ALA A 70 -10.35 -7.21 -5.73
C ALA A 70 -9.84 -8.68 -5.81
N ALA A 71 -10.20 -9.42 -6.86
CA ALA A 71 -9.70 -10.78 -7.10
C ALA A 71 -8.20 -10.82 -7.47
N GLU A 72 -7.72 -9.84 -8.25
CA GLU A 72 -6.31 -9.69 -8.60
C GLU A 72 -5.51 -9.34 -7.34
N ARG A 73 -5.94 -8.28 -6.62
CA ARG A 73 -5.38 -7.87 -5.32
C ARG A 73 -5.24 -9.06 -4.37
N ASP A 74 -6.28 -9.88 -4.27
CA ASP A 74 -6.30 -11.08 -3.45
C ASP A 74 -5.25 -12.12 -3.89
N GLU A 75 -5.27 -12.55 -5.16
CA GLU A 75 -4.35 -13.59 -5.64
C GLU A 75 -2.89 -13.12 -5.67
N ILE A 76 -2.66 -11.81 -5.83
CA ILE A 76 -1.34 -11.17 -5.83
C ILE A 76 -0.79 -11.10 -4.42
N LEU A 77 -1.59 -10.71 -3.42
CA LEU A 77 -1.20 -10.78 -2.01
C LEU A 77 -0.89 -12.22 -1.56
N ARG A 78 -1.66 -13.19 -2.07
CA ARG A 78 -1.40 -14.62 -1.86
C ARG A 78 -0.09 -15.07 -2.52
N ALA A 79 0.22 -14.52 -3.70
CA ALA A 79 1.46 -14.81 -4.41
C ALA A 79 2.69 -14.20 -3.71
N VAL A 80 2.57 -13.02 -3.07
CA VAL A 80 3.62 -12.47 -2.20
C VAL A 80 3.78 -13.35 -0.96
N GLY A 81 2.66 -13.84 -0.42
CA GLY A 81 2.61 -14.71 0.75
C GLY A 81 2.84 -13.98 2.08
N ASN A 82 2.78 -12.66 2.02
CA ASN A 82 3.01 -11.71 3.09
C ASN A 82 2.40 -10.35 2.69
N MET A 83 2.39 -9.38 3.62
CA MET A 83 2.26 -7.97 3.31
C MET A 83 3.42 -7.54 2.41
N PRO A 84 3.19 -6.85 1.28
CA PRO A 84 4.28 -6.36 0.44
C PRO A 84 5.06 -5.23 1.13
N TYR A 85 4.49 -4.64 2.18
CA TYR A 85 5.00 -3.49 2.93
C TYR A 85 5.26 -3.78 4.41
N ASN A 14 -3.92 -0.02 -3.87
CA ASN A 14 -4.66 0.30 -2.64
C ASN A 14 -3.72 0.90 -1.60
N PRO A 15 -4.03 2.10 -1.05
CA PRO A 15 -3.36 2.64 0.14
C PRO A 15 -3.68 1.87 1.44
N CYS A 16 -2.94 2.19 2.51
CA CYS A 16 -3.00 1.48 3.80
C CYS A 16 -3.64 2.32 4.91
N LEU A 17 -4.97 2.37 4.87
CA LEU A 17 -5.81 3.17 5.77
C LEU A 17 -5.63 2.76 7.24
N SER A 18 -5.36 1.48 7.49
CA SER A 18 -5.18 0.86 8.81
C SER A 18 -3.96 1.43 9.53
N GLU A 19 -2.79 1.33 8.90
CA GLU A 19 -1.54 1.89 9.40
C GLU A 19 -1.62 3.42 9.45
N SER A 20 -2.33 4.04 8.51
CA SER A 20 -2.52 5.51 8.56
C SER A 20 -3.32 5.94 9.81
N ASP A 21 -4.39 5.21 10.16
CA ASP A 21 -5.19 5.50 11.37
C ASP A 21 -4.46 5.13 12.66
N ALA A 22 -3.67 4.04 12.67
CA ALA A 22 -2.81 3.70 13.81
C ALA A 22 -1.72 4.76 14.04
N SER A 23 -1.20 5.37 12.96
CA SER A 23 -0.42 6.60 13.06
C SER A 23 -1.24 7.72 13.71
N THR A 24 -2.49 7.95 13.31
CA THR A 24 -3.37 8.91 14.01
C THR A 24 -3.51 8.61 15.53
N ARG A 25 -3.51 7.33 15.95
CA ARG A 25 -3.48 6.96 17.39
C ARG A 25 -2.14 7.27 18.08
N CYS A 26 -0.99 7.08 17.40
CA CYS A 26 0.31 7.58 17.87
C CYS A 26 0.30 9.11 18.00
N LEU A 27 -0.26 9.80 17.03
CA LEU A 27 -0.30 11.27 16.95
C LEU A 27 -1.19 11.88 18.03
N ASP A 28 -2.31 11.23 18.31
CA ASP A 28 -3.14 11.48 19.51
C ASP A 28 -2.37 11.26 20.81
N GLU A 29 -1.58 10.18 20.95
CA GLU A 29 -0.62 10.00 22.05
C GLU A 29 0.36 11.18 22.25
N ASN A 30 1.05 11.61 21.20
CA ASN A 30 2.18 12.55 21.23
C ASN A 30 2.04 13.74 20.26
N ASN A 31 1.27 14.78 20.63
CA ASN A 31 1.26 16.13 20.02
C ASN A 31 1.31 16.20 18.47
N TYR A 32 0.64 15.25 17.78
CA TYR A 32 0.66 15.06 16.33
C TYR A 32 2.08 14.95 15.71
N ASP A 33 2.98 14.23 16.38
CA ASP A 33 4.38 14.06 15.97
C ASP A 33 4.54 12.99 14.87
N ARG A 34 4.01 13.34 13.70
CA ARG A 34 4.18 12.60 12.44
C ARG A 34 5.63 12.46 11.98
N GLU A 35 6.58 13.19 12.56
CA GLU A 35 8.01 12.95 12.36
C GLU A 35 8.50 11.76 13.19
N ARG A 36 8.10 11.63 14.47
CA ARG A 36 8.35 10.42 15.27
C ARG A 36 7.67 9.19 14.66
N CYS A 37 6.42 9.32 14.19
CA CYS A 37 5.64 8.23 13.59
C CYS A 37 5.62 8.24 12.04
N SER A 38 6.73 8.63 11.41
CA SER A 38 6.95 8.52 9.95
C SER A 38 7.06 7.08 9.45
N THR A 39 7.35 6.09 10.32
CA THR A 39 7.29 4.63 10.06
C THR A 39 5.99 4.20 9.36
N TYR A 40 4.86 4.62 9.91
CA TYR A 40 3.53 4.30 9.39
C TYR A 40 3.31 4.91 7.99
N PHE A 41 3.72 6.16 7.79
CA PHE A 41 3.61 6.85 6.50
C PHE A 41 4.58 6.29 5.45
N LEU A 42 5.71 5.72 5.89
CA LEU A 42 6.60 4.91 5.04
C LEU A 42 5.92 3.61 4.61
N ARG A 43 5.31 2.86 5.53
CA ARG A 43 4.54 1.65 5.14
C ARG A 43 3.37 2.00 4.22
N TYR A 44 2.79 3.19 4.36
CA TYR A 44 1.77 3.69 3.44
C TYR A 44 2.36 3.98 2.04
N LYS A 45 3.55 4.60 1.98
CA LYS A 45 4.32 4.84 0.76
C LYS A 45 4.79 3.54 0.08
N ASN A 46 5.03 2.48 0.86
CA ASN A 46 5.27 1.11 0.36
C ASN A 46 4.03 0.53 -0.31
N CYS A 47 2.84 0.65 0.32
CA CYS A 47 1.59 0.14 -0.26
C CYS A 47 1.31 0.79 -1.62
N ARG A 48 1.53 2.10 -1.72
CA ARG A 48 1.48 2.86 -2.98
C ARG A 48 2.54 2.38 -3.98
N ARG A 49 3.82 2.31 -3.61
CA ARG A 49 4.93 1.90 -4.51
C ARG A 49 4.72 0.50 -5.08
N PHE A 50 4.28 -0.45 -4.26
CA PHE A 50 3.95 -1.81 -4.68
C PHE A 50 2.90 -1.80 -5.79
N TRP A 51 1.72 -1.26 -5.51
CA TRP A 51 0.61 -1.30 -6.46
C TRP A 51 0.83 -0.36 -7.67
N ASN A 52 1.53 0.77 -7.54
CA ASN A 52 2.05 1.57 -8.67
C ASN A 52 2.97 0.74 -9.59
N SER A 53 3.83 -0.11 -9.00
CA SER A 53 4.68 -1.05 -9.75
C SER A 53 3.87 -2.14 -10.45
N ILE A 54 2.85 -2.72 -9.81
CA ILE A 54 1.95 -3.69 -10.46
C ILE A 54 1.27 -3.05 -11.68
N VAL A 55 0.83 -1.80 -11.57
CA VAL A 55 0.28 -1.02 -12.69
C VAL A 55 1.31 -0.88 -13.81
N MET A 56 2.56 -0.46 -13.56
CA MET A 56 3.61 -0.46 -14.60
C MET A 56 3.80 -1.84 -15.27
N GLN A 57 3.82 -2.91 -14.48
CA GLN A 57 4.07 -4.28 -14.94
C GLN A 57 2.87 -4.90 -15.66
N ARG A 58 1.66 -4.34 -15.51
CA ARG A 58 0.45 -4.69 -16.27
C ARG A 58 0.19 -3.79 -17.47
N ARG A 59 0.78 -2.58 -17.46
CA ARG A 59 0.71 -1.64 -18.58
C ARG A 59 1.60 -2.02 -19.76
N LYS A 60 2.59 -2.90 -19.56
CA LYS A 60 3.49 -3.39 -20.61
C LYS A 60 2.76 -3.95 -21.84
N ASN A 61 1.60 -4.59 -21.67
CA ASN A 61 0.79 -5.08 -22.80
C ASN A 61 -0.30 -4.11 -23.30
N GLY A 62 -0.60 -3.04 -22.53
CA GLY A 62 -1.42 -1.91 -22.98
C GLY A 62 -2.88 -2.23 -23.31
N VAL A 63 -3.45 -3.28 -22.71
CA VAL A 63 -4.70 -3.93 -23.15
C VAL A 63 -5.65 -4.30 -22.01
N LYS A 64 -5.16 -4.95 -20.95
CA LYS A 64 -5.93 -5.32 -19.75
C LYS A 64 -6.22 -4.12 -18.83
N PRO A 65 -7.14 -4.25 -17.85
CA PRO A 65 -7.15 -3.37 -16.69
C PRO A 65 -5.82 -3.44 -15.92
N PHE A 66 -5.14 -2.31 -15.80
CA PHE A 66 -3.83 -2.18 -15.16
C PHE A 66 -3.93 -2.25 -13.63
N MET A 67 -4.88 -1.51 -13.05
CA MET A 67 -5.38 -1.76 -11.71
C MET A 67 -6.17 -3.08 -11.69
N PRO A 68 -5.69 -4.13 -10.96
CA PRO A 68 -6.25 -5.48 -11.04
C PRO A 68 -7.65 -5.59 -10.45
N THR A 69 -8.43 -6.54 -10.94
CA THR A 69 -9.68 -6.99 -10.33
C THR A 69 -9.41 -7.87 -9.11
N ALA A 70 -10.41 -8.15 -8.29
CA ALA A 70 -10.23 -8.85 -7.01
C ALA A 70 -9.62 -10.26 -7.15
N ALA A 71 -9.93 -11.00 -8.22
CA ALA A 71 -9.33 -12.31 -8.53
C ALA A 71 -7.85 -12.19 -8.93
N GLU A 72 -7.50 -11.13 -9.68
CA GLU A 72 -6.14 -10.81 -10.08
C GLU A 72 -5.34 -10.38 -8.85
N ARG A 73 -5.86 -9.42 -8.06
CA ARG A 73 -5.31 -9.00 -6.77
C ARG A 73 -5.02 -10.18 -5.85
N ASP A 74 -5.95 -11.14 -5.78
CA ASP A 74 -5.80 -12.37 -5.00
C ASP A 74 -4.64 -13.23 -5.51
N GLU A 75 -4.58 -13.55 -6.81
CA GLU A 75 -3.45 -14.33 -7.32
C GLU A 75 -2.11 -13.59 -7.25
N ILE A 76 -2.10 -12.25 -7.29
CA ILE A 76 -0.89 -11.41 -7.18
C ILE A 76 -0.35 -11.40 -5.75
N LEU A 77 -1.22 -11.19 -4.75
CA LEU A 77 -0.86 -11.30 -3.33
C LEU A 77 -0.44 -12.73 -2.96
N ARG A 78 -1.09 -13.73 -3.54
CA ARG A 78 -0.69 -15.15 -3.40
C ARG A 78 0.68 -15.42 -4.06
N ALA A 79 1.01 -14.71 -5.15
CA ALA A 79 2.32 -14.75 -5.79
C ALA A 79 3.42 -14.00 -5.00
N VAL A 80 3.08 -12.99 -4.18
CA VAL A 80 3.98 -12.47 -3.14
C VAL A 80 4.14 -13.50 -2.00
N GLY A 81 3.02 -14.11 -1.58
CA GLY A 81 2.96 -15.06 -0.46
C GLY A 81 2.97 -14.38 0.91
N ASN A 82 2.88 -13.05 0.92
CA ASN A 82 2.86 -12.19 2.11
C ASN A 82 2.16 -10.87 1.79
N MET A 83 1.75 -10.13 2.82
CA MET A 83 1.26 -8.77 2.71
C MET A 83 2.44 -7.80 2.46
N PRO A 84 2.45 -6.97 1.39
CA PRO A 84 3.53 -6.00 1.15
C PRO A 84 3.46 -4.77 2.07
N TYR A 85 2.45 -4.76 2.94
CA TYR A 85 2.10 -3.69 3.89
C TYR A 85 2.87 -3.84 5.20
N ASN A 14 -3.24 -0.05 -4.68
CA ASN A 14 -3.93 0.05 -3.38
C ASN A 14 -3.04 0.80 -2.38
N PRO A 15 -3.37 2.04 -2.00
CA PRO A 15 -2.72 2.75 -0.89
C PRO A 15 -3.28 2.33 0.48
N CYS A 16 -2.44 2.34 1.51
CA CYS A 16 -2.76 1.78 2.83
C CYS A 16 -3.46 2.78 3.78
N LEU A 17 -4.74 3.05 3.48
CA LEU A 17 -5.64 3.88 4.31
C LEU A 17 -5.74 3.39 5.77
N SER A 18 -5.54 2.10 6.03
CA SER A 18 -5.49 1.48 7.36
C SER A 18 -4.30 1.95 8.19
N GLU A 19 -3.09 1.91 7.61
CA GLU A 19 -1.88 2.46 8.23
C GLU A 19 -2.01 3.98 8.37
N SER A 20 -2.66 4.66 7.40
CA SER A 20 -2.91 6.12 7.48
C SER A 20 -3.85 6.49 8.63
N ASP A 21 -4.85 5.66 8.90
CA ASP A 21 -5.77 5.79 10.04
C ASP A 21 -5.07 5.47 11.38
N ALA A 22 -4.28 4.40 11.46
CA ALA A 22 -3.53 4.00 12.66
C ALA A 22 -2.42 5.01 13.04
N SER A 23 -1.74 5.56 12.04
CA SER A 23 -0.89 6.75 12.12
C SER A 23 -1.65 7.96 12.67
N THR A 24 -2.80 8.31 12.11
CA THR A 24 -3.62 9.45 12.57
C THR A 24 -4.09 9.28 14.03
N ARG A 25 -4.40 8.03 14.44
CA ARG A 25 -4.69 7.64 15.84
C ARG A 25 -3.46 7.76 16.76
N CYS A 26 -2.28 7.36 16.29
CA CYS A 26 -1.00 7.60 16.99
C CYS A 26 -0.79 9.10 17.22
N LEU A 27 -1.00 9.92 16.20
CA LEU A 27 -0.81 11.37 16.23
C LEU A 27 -1.77 12.09 17.18
N ASP A 28 -3.00 11.61 17.27
CA ASP A 28 -3.93 11.98 18.36
C ASP A 28 -3.44 11.54 19.76
N GLU A 29 -2.80 10.36 19.89
CA GLU A 29 -2.21 9.85 21.14
C GLU A 29 -0.95 10.56 21.65
N ASN A 30 -0.13 11.12 20.75
CA ASN A 30 1.16 11.72 21.06
C ASN A 30 1.44 12.99 20.22
N ASN A 31 0.73 14.08 20.52
CA ASN A 31 1.11 15.47 20.19
C ASN A 31 1.45 15.75 18.69
N TYR A 32 0.83 15.01 17.77
CA TYR A 32 1.10 15.00 16.32
C TYR A 32 2.56 14.64 15.93
N ASP A 33 3.17 13.71 16.66
CA ASP A 33 4.55 13.22 16.49
C ASP A 33 4.70 12.24 15.32
N ARG A 34 4.50 12.78 14.13
CA ARG A 34 4.78 12.15 12.83
C ARG A 34 6.26 11.97 12.48
N GLU A 35 7.18 12.22 13.41
CA GLU A 35 8.59 11.79 13.31
C GLU A 35 8.80 10.40 13.91
N ARG A 36 8.17 10.09 15.05
CA ARG A 36 8.15 8.73 15.63
C ARG A 36 7.11 7.83 14.94
N CYS A 37 5.95 8.36 14.56
CA CYS A 37 4.99 7.66 13.69
C CYS A 37 5.22 7.93 12.19
N SER A 38 6.45 8.30 11.79
CA SER A 38 6.90 8.30 10.39
C SER A 38 6.91 6.89 9.77
N THR A 39 7.07 5.85 10.60
CA THR A 39 7.10 4.44 10.20
C THR A 39 5.88 4.03 9.37
N TYR A 40 4.71 4.49 9.79
CA TYR A 40 3.44 4.28 9.08
C TYR A 40 3.43 4.92 7.69
N PHE A 41 3.88 6.18 7.58
CA PHE A 41 3.94 6.91 6.31
C PHE A 41 4.95 6.27 5.35
N LEU A 42 6.07 5.76 5.87
CA LEU A 42 7.04 4.95 5.13
C LEU A 42 6.44 3.64 4.62
N ARG A 43 5.79 2.86 5.49
CA ARG A 43 5.15 1.59 5.11
C ARG A 43 3.97 1.81 4.17
N TYR A 44 3.36 3.01 4.22
CA TYR A 44 2.33 3.44 3.27
C TYR A 44 2.95 3.72 1.89
N LYS A 45 4.09 4.42 1.83
CA LYS A 45 4.87 4.61 0.59
C LYS A 45 5.30 3.26 0.01
N ASN A 46 5.77 2.33 0.83
CA ASN A 46 6.14 0.96 0.41
C ASN A 46 4.93 0.17 -0.13
N CYS A 47 3.78 0.24 0.57
CA CYS A 47 2.50 -0.36 0.18
C CYS A 47 2.04 0.10 -1.21
N ARG A 48 1.94 1.43 -1.42
CA ARG A 48 1.54 1.97 -2.72
C ARG A 48 2.58 1.73 -3.81
N ARG A 49 3.88 1.77 -3.50
CA ARG A 49 4.99 1.54 -4.45
C ARG A 49 4.95 0.15 -5.06
N PHE A 50 4.59 -0.86 -4.25
CA PHE A 50 4.43 -2.24 -4.71
C PHE A 50 3.33 -2.33 -5.77
N TRP A 51 2.12 -1.91 -5.38
CA TRP A 51 0.96 -1.96 -6.25
C TRP A 51 1.12 -1.07 -7.50
N ASN A 52 1.76 0.10 -7.39
CA ASN A 52 2.15 0.93 -8.51
C ASN A 52 3.15 0.23 -9.46
N SER A 53 4.07 -0.57 -8.93
CA SER A 53 4.96 -1.42 -9.75
C SER A 53 4.16 -2.47 -10.53
N ILE A 54 3.23 -3.19 -9.88
CA ILE A 54 2.35 -4.19 -10.53
C ILE A 54 1.48 -3.55 -11.62
N VAL A 55 0.87 -2.41 -11.32
CA VAL A 55 0.11 -1.57 -12.26
C VAL A 55 0.95 -1.26 -13.49
N MET A 56 2.18 -0.79 -13.35
CA MET A 56 3.07 -0.52 -14.49
C MET A 56 3.47 -1.80 -15.26
N GLN A 57 3.65 -2.93 -14.58
CA GLN A 57 4.00 -4.20 -15.23
C GLN A 57 2.86 -4.76 -16.09
N ARG A 58 1.59 -4.53 -15.71
CA ARG A 58 0.45 -4.92 -16.54
C ARG A 58 0.01 -3.83 -17.54
N ARG A 59 0.22 -2.56 -17.18
CA ARG A 59 -0.10 -1.39 -18.02
C ARG A 59 0.75 -1.27 -19.28
N LYS A 60 1.92 -1.93 -19.37
CA LYS A 60 2.70 -2.00 -20.63
C LYS A 60 1.90 -2.49 -21.86
N ASN A 61 0.84 -3.27 -21.64
CA ASN A 61 -0.03 -3.77 -22.70
C ASN A 61 -1.14 -2.76 -23.10
N GLY A 62 -1.51 -1.85 -22.20
CA GLY A 62 -2.37 -0.69 -22.48
C GLY A 62 -3.88 -0.97 -22.67
N VAL A 63 -4.37 -2.15 -22.28
CA VAL A 63 -5.61 -2.73 -22.84
C VAL A 63 -6.63 -3.31 -21.82
N LYS A 64 -6.31 -3.26 -20.52
CA LYS A 64 -7.00 -3.94 -19.42
C LYS A 64 -7.21 -3.05 -18.18
N PRO A 65 -8.00 -3.44 -17.18
CA PRO A 65 -8.03 -2.76 -15.88
C PRO A 65 -6.64 -2.79 -15.21
N PHE A 66 -6.08 -1.62 -14.97
CA PHE A 66 -4.69 -1.47 -14.54
C PHE A 66 -4.49 -1.77 -13.06
N MET A 67 -5.34 -1.21 -12.21
CA MET A 67 -5.47 -1.69 -10.83
C MET A 67 -6.04 -3.12 -10.83
N PRO A 68 -5.34 -4.11 -10.24
CA PRO A 68 -5.77 -5.51 -10.27
C PRO A 68 -7.08 -5.72 -9.51
N THR A 69 -7.97 -6.52 -10.09
CA THR A 69 -9.27 -6.88 -9.52
C THR A 69 -9.10 -7.83 -8.34
N ALA A 70 -10.12 -7.94 -7.50
CA ALA A 70 -10.05 -8.64 -6.21
C ALA A 70 -9.46 -10.08 -6.28
N ALA A 71 -9.83 -10.86 -7.31
CA ALA A 71 -9.27 -12.20 -7.55
C ALA A 71 -7.77 -12.19 -7.93
N GLU A 72 -7.35 -11.21 -8.74
CA GLU A 72 -5.96 -10.99 -9.15
C GLU A 72 -5.16 -10.53 -7.93
N ARG A 73 -5.63 -9.48 -7.24
CA ARG A 73 -5.06 -8.96 -5.98
C ARG A 73 -4.82 -10.07 -4.96
N ASP A 74 -5.79 -10.99 -4.83
CA ASP A 74 -5.67 -12.16 -3.97
C ASP A 74 -4.56 -13.11 -4.44
N GLU A 75 -4.61 -13.58 -5.69
CA GLU A 75 -3.61 -14.55 -6.18
C GLU A 75 -2.19 -13.96 -6.33
N ILE A 76 -2.08 -12.63 -6.41
CA ILE A 76 -0.84 -11.87 -6.46
C ILE A 76 -0.25 -11.65 -5.06
N LEU A 77 -1.08 -11.33 -4.05
CA LEU A 77 -0.63 -11.39 -2.65
C LEU A 77 -0.13 -12.80 -2.29
N ARG A 78 -0.78 -13.83 -2.82
CA ARG A 78 -0.35 -15.24 -2.67
C ARG A 78 0.93 -15.52 -3.46
N ALA A 79 1.11 -14.89 -4.63
CA ALA A 79 2.37 -14.95 -5.39
C ALA A 79 3.56 -14.27 -4.68
N VAL A 80 3.34 -13.22 -3.88
CA VAL A 80 4.38 -12.66 -2.99
C VAL A 80 4.62 -13.62 -1.83
N GLY A 81 3.53 -14.16 -1.25
CA GLY A 81 3.57 -15.08 -0.12
C GLY A 81 3.79 -14.39 1.23
N ASN A 82 3.88 -13.06 1.24
CA ASN A 82 4.04 -12.20 2.40
C ASN A 82 3.34 -10.85 2.14
N MET A 83 3.21 -10.01 3.16
CA MET A 83 2.89 -8.59 3.01
C MET A 83 4.03 -7.90 2.24
N PRO A 84 3.77 -7.09 1.20
CA PRO A 84 4.82 -6.34 0.52
C PRO A 84 5.35 -5.16 1.37
N TYR A 85 4.64 -4.83 2.46
CA TYR A 85 4.93 -3.76 3.42
C TYR A 85 5.05 -4.26 4.87
N ASN A 14 -4.12 -2.59 -1.90
CA ASN A 14 -4.94 -1.68 -1.07
C ASN A 14 -4.03 -0.79 -0.22
N PRO A 15 -4.47 0.42 0.17
CA PRO A 15 -3.79 1.23 1.18
C PRO A 15 -3.89 0.58 2.57
N CYS A 16 -2.96 0.95 3.47
CA CYS A 16 -2.85 0.32 4.79
C CYS A 16 -3.59 1.13 5.87
N LEU A 17 -4.89 0.86 5.99
CA LEU A 17 -5.80 1.54 6.91
C LEU A 17 -5.44 1.32 8.38
N SER A 18 -4.80 0.20 8.72
CA SER A 18 -4.35 -0.11 10.09
C SER A 18 -3.28 0.86 10.56
N GLU A 19 -2.20 0.99 9.80
CA GLU A 19 -1.13 1.99 10.01
C GLU A 19 -1.66 3.42 9.85
N SER A 20 -2.63 3.65 8.96
CA SER A 20 -3.25 4.99 8.79
C SER A 20 -4.08 5.41 10.02
N ASP A 21 -4.83 4.48 10.61
CA ASP A 21 -5.57 4.69 11.86
C ASP A 21 -4.62 4.86 13.05
N ALA A 22 -3.63 3.97 13.19
CA ALA A 22 -2.67 4.00 14.29
C ALA A 22 -1.76 5.26 14.26
N SER A 23 -1.40 5.75 13.06
CA SER A 23 -0.72 7.04 12.89
C SER A 23 -1.64 8.25 13.13
N THR A 24 -2.90 8.21 12.70
CA THR A 24 -3.90 9.25 13.04
C THR A 24 -4.06 9.36 14.58
N ARG A 25 -4.14 8.21 15.26
CA ARG A 25 -4.14 8.08 16.73
C ARG A 25 -2.84 8.57 17.38
N CYS A 26 -1.68 8.30 16.77
CA CYS A 26 -0.37 8.84 17.17
C CYS A 26 -0.36 10.38 17.11
N LEU A 27 -0.80 10.94 15.99
CA LEU A 27 -0.78 12.38 15.75
C LEU A 27 -1.72 13.15 16.68
N ASP A 28 -2.85 12.53 17.01
CA ASP A 28 -3.69 12.99 18.13
C ASP A 28 -3.07 12.76 19.54
N GLU A 29 -2.34 11.67 19.78
CA GLU A 29 -1.57 11.42 21.01
C GLU A 29 -0.50 12.48 21.29
N ASN A 30 0.37 12.78 20.33
CA ASN A 30 1.60 13.54 20.48
C ASN A 30 1.66 14.75 19.52
N ASN A 31 0.64 15.63 19.58
CA ASN A 31 0.60 16.94 18.93
C ASN A 31 1.15 16.98 17.48
N TYR A 32 0.59 16.15 16.61
CA TYR A 32 0.90 15.99 15.19
C TYR A 32 2.39 15.78 14.82
N ASP A 33 3.12 15.02 15.63
CA ASP A 33 4.54 14.65 15.39
C ASP A 33 4.67 13.55 14.33
N ARG A 34 4.29 13.91 13.10
CA ARG A 34 4.55 13.13 11.87
C ARG A 34 6.03 12.98 11.50
N GLU A 35 6.93 13.54 12.29
CA GLU A 35 8.39 13.31 12.19
C GLU A 35 8.81 12.10 13.04
N ARG A 36 8.26 11.94 14.25
CA ARG A 36 8.38 10.71 15.08
C ARG A 36 7.64 9.53 14.46
N CYS A 37 6.38 9.73 14.07
CA CYS A 37 5.53 8.70 13.45
C CYS A 37 5.74 8.56 11.92
N SER A 38 6.89 9.02 11.39
CA SER A 38 7.28 8.86 9.98
C SER A 38 7.24 7.39 9.51
N THR A 39 7.65 6.46 10.38
CA THR A 39 7.64 5.00 10.14
C THR A 39 6.30 4.46 9.65
N TYR A 40 5.18 5.01 10.12
CA TYR A 40 3.84 4.56 9.71
C TYR A 40 3.57 4.96 8.24
N PHE A 41 3.97 6.18 7.86
CA PHE A 41 3.83 6.68 6.49
C PHE A 41 4.78 5.97 5.52
N LEU A 42 5.97 5.58 5.98
CA LEU A 42 6.85 4.63 5.28
C LEU A 42 6.18 3.27 5.06
N ARG A 43 5.62 2.67 6.11
CA ARG A 43 4.91 1.39 6.00
C ARG A 43 3.65 1.48 5.14
N TYR A 44 3.06 2.66 5.05
CA TYR A 44 1.90 2.91 4.17
C TYR A 44 2.35 3.08 2.70
N LYS A 45 3.46 3.80 2.46
CA LYS A 45 4.14 3.88 1.16
C LYS A 45 4.66 2.53 0.67
N ASN A 46 4.98 1.57 1.56
CA ASN A 46 5.35 0.20 1.15
C ASN A 46 4.15 -0.57 0.55
N CYS A 47 2.94 -0.36 1.09
CA CYS A 47 1.71 -0.89 0.51
C CYS A 47 1.44 -0.25 -0.86
N ARG A 48 1.55 1.08 -0.97
CA ARG A 48 1.42 1.82 -2.23
C ARG A 48 2.45 1.38 -3.27
N ARG A 49 3.75 1.33 -2.94
CA ARG A 49 4.84 1.00 -3.88
C ARG A 49 4.66 -0.37 -4.53
N PHE A 50 4.22 -1.38 -3.78
CA PHE A 50 3.94 -2.69 -4.36
C PHE A 50 2.86 -2.57 -5.43
N TRP A 51 1.68 -2.11 -5.03
CA TRP A 51 0.53 -2.05 -5.93
C TRP A 51 0.72 -1.04 -7.09
N ASN A 52 1.46 0.05 -6.90
CA ASN A 52 1.90 0.97 -7.93
C ASN A 52 2.91 0.34 -8.92
N SER A 53 3.76 -0.57 -8.44
CA SER A 53 4.62 -1.40 -9.31
C SER A 53 3.79 -2.43 -10.11
N ILE A 54 2.79 -3.05 -9.49
CA ILE A 54 1.84 -3.96 -10.18
C ILE A 54 1.06 -3.19 -11.27
N VAL A 55 0.64 -1.96 -10.98
CA VAL A 55 0.03 -1.03 -11.95
C VAL A 55 0.97 -0.80 -13.13
N MET A 56 2.24 -0.42 -12.91
CA MET A 56 3.20 -0.27 -14.01
C MET A 56 3.41 -1.58 -14.80
N GLN A 57 3.42 -2.73 -14.13
CA GLN A 57 3.60 -4.04 -14.77
C GLN A 57 2.35 -4.54 -15.51
N ARG A 58 1.14 -4.11 -15.15
CA ARG A 58 -0.09 -4.34 -15.92
C ARG A 58 -0.24 -3.35 -17.08
N ARG A 59 0.25 -2.13 -16.88
CA ARG A 59 0.30 -1.04 -17.88
C ARG A 59 1.16 -1.36 -19.10
N LYS A 60 2.03 -2.39 -19.04
CA LYS A 60 2.78 -2.91 -20.20
C LYS A 60 1.89 -3.29 -21.40
N ASN A 61 0.65 -3.73 -21.15
CA ASN A 61 -0.30 -4.11 -22.18
C ASN A 61 -1.00 -2.89 -22.83
N GLY A 62 -1.08 -1.76 -22.11
CA GLY A 62 -1.61 -0.48 -22.61
C GLY A 62 -3.13 -0.43 -22.83
N VAL A 63 -3.90 -1.40 -22.30
CA VAL A 63 -5.24 -1.75 -22.81
C VAL A 63 -6.23 -2.30 -21.77
N LYS A 64 -5.76 -2.73 -20.60
CA LYS A 64 -6.54 -3.28 -19.47
C LYS A 64 -6.68 -2.27 -18.32
N PRO A 65 -7.54 -2.51 -17.32
CA PRO A 65 -7.37 -1.90 -16.00
C PRO A 65 -6.01 -2.31 -15.39
N PHE A 66 -5.19 -1.31 -15.08
CA PHE A 66 -3.85 -1.46 -14.50
C PHE A 66 -3.91 -1.69 -13.00
N MET A 67 -4.74 -0.90 -12.31
CA MET A 67 -5.22 -1.20 -10.96
C MET A 67 -5.98 -2.55 -10.98
N PRO A 68 -5.42 -3.63 -10.39
CA PRO A 68 -5.84 -5.01 -10.67
C PRO A 68 -7.23 -5.35 -10.15
N THR A 69 -7.94 -6.20 -10.89
CA THR A 69 -9.24 -6.80 -10.54
C THR A 69 -9.09 -7.93 -9.51
N ALA A 70 -10.19 -8.46 -8.98
CA ALA A 70 -10.19 -9.48 -7.94
C ALA A 70 -9.30 -10.70 -8.26
N ALA A 71 -9.46 -11.30 -9.45
CA ALA A 71 -8.65 -12.44 -9.88
C ALA A 71 -7.15 -12.11 -10.06
N GLU A 72 -6.84 -10.89 -10.52
CA GLU A 72 -5.47 -10.39 -10.67
C GLU A 72 -4.84 -10.17 -9.29
N ARG A 73 -5.49 -9.40 -8.40
CA ARG A 73 -5.04 -9.20 -7.01
C ARG A 73 -4.74 -10.52 -6.31
N ASP A 74 -5.61 -11.51 -6.51
CA ASP A 74 -5.47 -12.85 -5.95
C ASP A 74 -4.25 -13.60 -6.50
N GLU A 75 -4.10 -13.70 -7.84
CA GLU A 75 -2.93 -14.39 -8.42
C GLU A 75 -1.61 -13.66 -8.12
N ILE A 76 -1.64 -12.34 -7.92
CA ILE A 76 -0.49 -11.51 -7.51
C ILE A 76 -0.09 -11.79 -6.06
N LEU A 77 -1.03 -11.75 -5.10
CA LEU A 77 -0.76 -12.07 -3.69
C LEU A 77 -0.36 -13.53 -3.47
N ARG A 78 -0.93 -14.44 -4.27
CA ARG A 78 -0.51 -15.86 -4.36
C ARG A 78 0.90 -15.99 -4.91
N ALA A 79 1.26 -15.15 -5.89
CA ALA A 79 2.62 -15.10 -6.43
C ALA A 79 3.65 -14.53 -5.44
N VAL A 80 3.26 -13.61 -4.53
CA VAL A 80 4.12 -13.21 -3.40
C VAL A 80 4.26 -14.38 -2.40
N GLY A 81 3.13 -15.00 -2.02
CA GLY A 81 3.08 -16.02 -0.96
C GLY A 81 3.22 -15.43 0.45
N ASN A 82 3.15 -14.11 0.55
CA ASN A 82 3.22 -13.31 1.78
C ASN A 82 2.47 -11.99 1.59
N MET A 83 2.29 -11.22 2.67
CA MET A 83 2.00 -9.79 2.59
C MET A 83 3.18 -9.07 1.91
N PRO A 84 2.97 -8.28 0.84
CA PRO A 84 4.05 -7.57 0.15
C PRO A 84 4.54 -6.34 0.92
N TYR A 85 3.97 -6.09 2.10
CA TYR A 85 4.33 -4.99 3.01
C TYR A 85 4.41 -5.42 4.48
N ASN A 14 -3.53 0.83 -2.56
CA ASN A 14 -4.60 1.82 -2.27
C ASN A 14 -4.04 2.97 -1.43
N PRO A 15 -4.73 4.12 -1.34
CA PRO A 15 -4.59 5.00 -0.17
C PRO A 15 -4.87 4.16 1.08
N CYS A 16 -3.90 4.11 1.98
CA CYS A 16 -3.78 3.04 2.96
C CYS A 16 -4.41 3.39 4.31
N LEU A 17 -5.74 3.62 4.31
CA LEU A 17 -6.52 4.05 5.48
C LEU A 17 -6.27 3.20 6.74
N SER A 18 -5.92 1.91 6.55
CA SER A 18 -5.57 0.93 7.58
C SER A 18 -4.29 1.25 8.35
N GLU A 19 -3.29 1.80 7.65
CA GLU A 19 -2.04 2.31 8.25
C GLU A 19 -2.23 3.77 8.67
N SER A 20 -3.05 4.55 7.97
CA SER A 20 -3.32 5.96 8.32
C SER A 20 -4.10 6.10 9.63
N ASP A 21 -4.94 5.11 9.96
CA ASP A 21 -5.57 5.01 11.28
C ASP A 21 -4.54 4.70 12.37
N ALA A 22 -3.65 3.72 12.16
CA ALA A 22 -2.61 3.36 13.13
C ALA A 22 -1.58 4.49 13.35
N SER A 23 -1.28 5.27 12.29
CA SER A 23 -0.60 6.57 12.34
C SER A 23 -1.35 7.59 13.21
N THR A 24 -2.66 7.76 13.00
CA THR A 24 -3.52 8.65 13.81
C THR A 24 -3.52 8.23 15.29
N ARG A 25 -3.63 6.93 15.57
CA ARG A 25 -3.52 6.31 16.90
C ARG A 25 -2.13 6.50 17.52
N CYS A 26 -1.05 6.49 16.73
CA CYS A 26 0.30 6.83 17.21
C CYS A 26 0.41 8.29 17.63
N LEU A 27 -0.10 9.20 16.82
CA LEU A 27 -0.03 10.66 17.04
C LEU A 27 -0.91 11.12 18.22
N ASP A 28 -2.02 10.42 18.41
CA ASP A 28 -2.84 10.44 19.64
C ASP A 28 -2.10 9.85 20.85
N GLU A 29 -1.32 8.77 20.70
CA GLU A 29 -0.45 8.21 21.75
C GLU A 29 0.63 9.18 22.23
N ASN A 30 1.47 9.69 21.33
CA ASN A 30 2.72 10.41 21.64
C ASN A 30 2.76 11.84 21.07
N ASN A 31 1.94 12.76 21.62
CA ASN A 31 2.05 14.22 21.43
C ASN A 31 2.32 14.69 19.97
N TYR A 32 1.66 14.04 19.00
CA TYR A 32 1.77 14.31 17.57
C TYR A 32 3.19 14.23 16.97
N ASP A 33 3.97 13.20 17.35
CA ASP A 33 5.33 12.94 16.84
C ASP A 33 5.33 12.26 15.45
N ARG A 34 4.78 13.01 14.48
CA ARG A 34 4.76 12.71 13.03
C ARG A 34 6.12 12.32 12.42
N GLU A 35 7.23 12.68 13.06
CA GLU A 35 8.58 12.35 12.61
C GLU A 35 9.01 10.95 13.09
N ARG A 36 8.68 10.55 14.32
CA ARG A 36 8.89 9.18 14.81
C ARG A 36 7.96 8.20 14.10
N CYS A 37 6.69 8.56 13.92
CA CYS A 37 5.71 7.77 13.16
C CYS A 37 5.67 8.06 11.65
N SER A 38 6.80 8.53 11.09
CA SER A 38 7.06 8.57 9.63
C SER A 38 7.13 7.17 8.98
N THR A 39 7.22 6.12 9.80
CA THR A 39 7.07 4.71 9.42
C THR A 39 5.77 4.44 8.68
N TYR A 40 4.67 4.97 9.20
CA TYR A 40 3.34 4.83 8.59
C TYR A 40 3.22 5.58 7.26
N PHE A 41 3.80 6.78 7.16
CA PHE A 41 3.89 7.52 5.89
C PHE A 41 4.70 6.75 4.83
N LEU A 42 5.77 6.06 5.23
CA LEU A 42 6.50 5.15 4.35
C LEU A 42 5.65 3.95 3.92
N ARG A 43 5.00 3.26 4.86
CA ARG A 43 4.18 2.08 4.54
C ARG A 43 2.92 2.45 3.75
N TYR A 44 2.47 3.69 3.84
CA TYR A 44 1.42 4.23 2.97
C TYR A 44 1.96 4.46 1.56
N LYS A 45 3.15 5.07 1.42
CA LYS A 45 3.81 5.19 0.10
C LYS A 45 4.07 3.80 -0.52
N ASN A 46 4.51 2.80 0.26
CA ASN A 46 4.66 1.41 -0.21
C ASN A 46 3.32 0.83 -0.71
N CYS A 47 2.22 1.03 0.03
CA CYS A 47 0.88 0.58 -0.30
C CYS A 47 0.28 1.20 -1.58
N ARG A 48 0.81 2.35 -2.00
CA ARG A 48 0.59 2.95 -3.33
C ARG A 48 1.59 2.41 -4.37
N ARG A 49 2.89 2.50 -4.07
CA ARG A 49 4.01 2.14 -4.94
C ARG A 49 4.00 0.69 -5.38
N PHE A 50 3.58 -0.25 -4.53
CA PHE A 50 3.43 -1.66 -4.91
C PHE A 50 2.42 -1.81 -6.05
N TRP A 51 1.22 -1.30 -5.84
CA TRP A 51 0.13 -1.45 -6.81
C TRP A 51 0.34 -0.59 -8.07
N ASN A 52 0.95 0.60 -7.95
CA ASN A 52 1.44 1.36 -9.10
C ASN A 52 2.55 0.60 -9.87
N SER A 53 3.42 -0.15 -9.20
CA SER A 53 4.39 -1.04 -9.88
C SER A 53 3.68 -2.14 -10.66
N ILE A 54 2.63 -2.77 -10.09
CA ILE A 54 1.81 -3.78 -10.80
C ILE A 54 1.10 -3.16 -12.01
N VAL A 55 0.58 -1.94 -11.89
CA VAL A 55 -0.03 -1.18 -13.00
C VAL A 55 0.98 -0.96 -14.13
N MET A 56 2.19 -0.49 -13.84
CA MET A 56 3.24 -0.30 -14.86
C MET A 56 3.70 -1.63 -15.49
N GLN A 57 3.82 -2.69 -14.69
CA GLN A 57 4.17 -4.04 -15.16
C GLN A 57 3.05 -4.70 -15.98
N ARG A 58 1.79 -4.30 -15.80
CA ARG A 58 0.66 -4.67 -16.68
C ARG A 58 0.51 -3.75 -17.90
N ARG A 59 1.01 -2.52 -17.83
CA ARG A 59 0.98 -1.54 -18.93
C ARG A 59 2.04 -1.78 -20.01
N LYS A 60 3.14 -2.48 -19.72
CA LYS A 60 4.19 -2.81 -20.72
C LYS A 60 3.66 -3.58 -21.93
N ASN A 61 2.60 -4.39 -21.80
CA ASN A 61 1.92 -5.04 -22.92
C ASN A 61 0.72 -4.28 -23.52
N GLY A 62 0.26 -3.20 -22.88
CA GLY A 62 -0.69 -2.24 -23.46
C GLY A 62 -2.11 -2.77 -23.78
N VAL A 63 -2.54 -3.85 -23.12
CA VAL A 63 -3.71 -4.66 -23.54
C VAL A 63 -4.81 -4.75 -22.46
N LYS A 64 -4.58 -5.53 -21.41
CA LYS A 64 -5.49 -5.79 -20.27
C LYS A 64 -5.80 -4.53 -19.44
N PRO A 65 -6.80 -4.54 -18.55
CA PRO A 65 -6.88 -3.54 -17.47
C PRO A 65 -5.64 -3.65 -16.57
N PHE A 66 -4.96 -2.53 -16.37
CA PHE A 66 -3.68 -2.47 -15.66
C PHE A 66 -3.87 -2.55 -14.14
N MET A 67 -4.86 -1.84 -13.62
CA MET A 67 -5.42 -2.06 -12.28
C MET A 67 -6.03 -3.47 -12.15
N PRO A 68 -5.50 -4.34 -11.26
CA PRO A 68 -5.90 -5.75 -11.16
C PRO A 68 -7.27 -5.96 -10.48
N THR A 69 -7.95 -7.05 -10.84
CA THR A 69 -9.24 -7.47 -10.26
C THR A 69 -9.08 -8.04 -8.86
N ALA A 70 -10.18 -8.27 -8.14
CA ALA A 70 -10.14 -8.79 -6.77
C ALA A 70 -9.48 -10.20 -6.68
N ALA A 71 -9.70 -11.05 -7.69
CA ALA A 71 -9.07 -12.37 -7.82
C ALA A 71 -7.56 -12.31 -8.14
N GLU A 72 -7.14 -11.32 -8.93
CA GLU A 72 -5.75 -11.04 -9.26
C GLU A 72 -5.06 -10.50 -8.01
N ARG A 73 -5.63 -9.45 -7.38
CA ARG A 73 -5.15 -8.91 -6.09
C ARG A 73 -4.97 -10.01 -5.05
N ASP A 74 -5.92 -10.94 -4.96
CA ASP A 74 -5.84 -12.09 -4.07
C ASP A 74 -4.66 -13.02 -4.39
N GLU A 75 -4.54 -13.51 -5.63
CA GLU A 75 -3.44 -14.43 -5.97
C GLU A 75 -2.06 -13.76 -5.86
N ILE A 76 -1.98 -12.45 -6.13
CA ILE A 76 -0.76 -11.64 -6.03
C ILE A 76 -0.36 -11.43 -4.55
N LEU A 77 -1.29 -11.04 -3.67
CA LEU A 77 -1.03 -10.93 -2.23
C LEU A 77 -0.66 -12.28 -1.61
N ARG A 78 -1.28 -13.36 -2.08
CA ARG A 78 -0.92 -14.74 -1.68
C ARG A 78 0.49 -15.11 -2.17
N ALA A 79 0.89 -14.63 -3.35
CA ALA A 79 2.25 -14.81 -3.88
C ALA A 79 3.31 -13.95 -3.16
N VAL A 80 2.95 -12.81 -2.56
CA VAL A 80 3.79 -12.14 -1.55
C VAL A 80 3.84 -12.99 -0.28
N GLY A 81 2.67 -13.45 0.20
CA GLY A 81 2.51 -14.22 1.44
C GLY A 81 2.49 -13.35 2.69
N ASN A 82 2.48 -12.03 2.51
CA ASN A 82 2.53 -11.02 3.56
C ASN A 82 1.94 -9.68 3.06
N MET A 83 1.92 -8.67 3.92
CA MET A 83 1.48 -7.31 3.62
C MET A 83 2.58 -6.56 2.84
N PRO A 84 2.29 -5.97 1.66
CA PRO A 84 3.27 -5.21 0.90
C PRO A 84 3.50 -3.79 1.44
N TYR A 85 2.80 -3.45 2.52
CA TYR A 85 2.81 -2.13 3.17
C TYR A 85 4.02 -1.98 4.10
N ASN A 14 -6.15 3.09 -4.46
CA ASN A 14 -6.52 3.82 -3.22
C ASN A 14 -5.35 3.84 -2.25
N PRO A 15 -5.31 4.80 -1.31
CA PRO A 15 -4.26 4.90 -0.28
C PRO A 15 -4.31 3.74 0.72
N CYS A 16 -3.27 3.59 1.56
CA CYS A 16 -3.22 2.48 2.53
C CYS A 16 -3.99 2.81 3.82
N LEU A 17 -5.32 2.81 3.75
CA LEU A 17 -6.23 3.28 4.81
C LEU A 17 -5.99 2.62 6.18
N SER A 18 -5.62 1.34 6.22
CA SER A 18 -5.36 0.61 7.48
C SER A 18 -4.20 1.20 8.27
N GLU A 19 -3.13 1.54 7.55
CA GLU A 19 -1.91 2.16 8.09
C GLU A 19 -2.14 3.65 8.31
N SER A 20 -2.97 4.29 7.47
CA SER A 20 -3.30 5.72 7.55
C SER A 20 -4.15 6.07 8.78
N ASP A 21 -5.11 5.22 9.13
CA ASP A 21 -5.88 5.33 10.37
C ASP A 21 -4.99 5.14 11.60
N ALA A 22 -4.14 4.10 11.62
CA ALA A 22 -3.25 3.82 12.75
C ALA A 22 -2.14 4.89 12.90
N SER A 23 -1.61 5.42 11.79
CA SER A 23 -0.77 6.64 11.74
C SER A 23 -1.46 7.84 12.38
N THR A 24 -2.71 8.13 11.96
CA THR A 24 -3.54 9.22 12.50
C THR A 24 -3.75 9.04 14.01
N ARG A 25 -4.00 7.80 14.48
CA ARG A 25 -4.15 7.43 15.88
C ARG A 25 -2.86 7.51 16.70
N CYS A 26 -1.70 7.21 16.11
CA CYS A 26 -0.39 7.44 16.75
C CYS A 26 -0.14 8.94 16.96
N LEU A 27 -0.36 9.76 15.93
CA LEU A 27 -0.17 11.20 15.99
C LEU A 27 -1.12 11.88 16.98
N ASP A 28 -2.33 11.35 17.08
CA ASP A 28 -3.31 11.64 18.13
C ASP A 28 -2.88 11.18 19.54
N GLU A 29 -2.26 10.01 19.68
CA GLU A 29 -1.66 9.49 20.93
C GLU A 29 -0.56 10.40 21.49
N ASN A 30 0.32 10.91 20.62
CA ASN A 30 1.53 11.65 20.98
C ASN A 30 1.73 12.92 20.15
N ASN A 31 1.14 14.05 20.57
CA ASN A 31 1.58 15.42 20.27
C ASN A 31 2.03 15.72 18.81
N TYR A 32 1.29 15.21 17.83
CA TYR A 32 1.62 15.25 16.40
C TYR A 32 3.07 14.83 16.08
N ASP A 33 3.58 13.76 16.72
CA ASP A 33 4.96 13.25 16.61
C ASP A 33 5.19 12.42 15.33
N ARG A 34 5.01 13.15 14.23
CA ARG A 34 5.24 12.82 12.83
C ARG A 34 6.68 12.39 12.50
N GLU A 35 7.61 12.57 13.43
CA GLU A 35 8.98 12.03 13.37
C GLU A 35 9.08 10.63 13.99
N ARG A 36 8.46 10.40 15.18
CA ARG A 36 8.40 9.06 15.81
C ARG A 36 7.59 8.07 14.98
N CYS A 37 6.46 8.49 14.40
CA CYS A 37 5.55 7.63 13.63
C CYS A 37 5.67 7.79 12.09
N SER A 38 6.82 8.26 11.59
CA SER A 38 7.14 8.28 10.14
C SER A 38 7.23 6.88 9.51
N THR A 39 7.37 5.84 10.34
CA THR A 39 7.28 4.40 10.03
C THR A 39 6.00 4.00 9.32
N TYR A 40 4.87 4.51 9.82
CA TYR A 40 3.53 4.25 9.27
C TYR A 40 3.37 4.89 7.90
N PHE A 41 3.78 6.15 7.76
CA PHE A 41 3.78 6.87 6.47
C PHE A 41 4.67 6.15 5.44
N LEU A 42 5.82 5.63 5.88
CA LEU A 42 6.69 4.76 5.09
C LEU A 42 6.00 3.46 4.66
N ARG A 43 5.33 2.75 5.56
CA ARG A 43 4.61 1.52 5.20
C ARG A 43 3.36 1.78 4.33
N TYR A 44 2.79 2.99 4.40
CA TYR A 44 1.71 3.46 3.53
C TYR A 44 2.25 3.74 2.12
N LYS A 45 3.44 4.32 2.02
CA LYS A 45 4.18 4.52 0.77
C LYS A 45 4.61 3.19 0.14
N ASN A 46 5.15 2.24 0.91
CA ASN A 46 5.48 0.89 0.42
C ASN A 46 4.27 0.16 -0.16
N CYS A 47 3.13 0.22 0.54
CA CYS A 47 1.86 -0.37 0.17
C CYS A 47 1.37 0.10 -1.20
N ARG A 48 1.29 1.42 -1.41
CA ARG A 48 0.86 1.98 -2.70
C ARG A 48 1.94 1.92 -3.77
N ARG A 49 3.24 2.01 -3.43
CA ARG A 49 4.35 1.81 -4.38
C ARG A 49 4.32 0.41 -4.99
N PHE A 50 3.99 -0.62 -4.22
CA PHE A 50 3.90 -2.00 -4.71
C PHE A 50 2.84 -2.12 -5.78
N TRP A 51 1.61 -1.73 -5.43
CA TRP A 51 0.48 -1.79 -6.36
C TRP A 51 0.66 -0.86 -7.57
N ASN A 52 1.33 0.29 -7.43
CA ASN A 52 1.75 1.13 -8.54
C ASN A 52 2.78 0.45 -9.47
N SER A 53 3.71 -0.36 -8.93
CA SER A 53 4.58 -1.21 -9.76
C SER A 53 3.80 -2.30 -10.49
N ILE A 54 2.81 -2.94 -9.86
CA ILE A 54 1.93 -3.91 -10.53
C ILE A 54 1.09 -3.24 -11.63
N VAL A 55 0.63 -2.02 -11.41
CA VAL A 55 0.00 -1.18 -12.43
C VAL A 55 0.94 -0.97 -13.61
N MET A 56 2.21 -0.60 -13.39
CA MET A 56 3.20 -0.47 -14.47
C MET A 56 3.52 -1.80 -15.18
N GLN A 57 3.56 -2.91 -14.46
CA GLN A 57 3.76 -4.27 -15.01
C GLN A 57 2.52 -4.81 -15.77
N ARG A 58 1.32 -4.27 -15.53
CA ARG A 58 0.13 -4.45 -16.38
C ARG A 58 0.08 -3.45 -17.55
N ARG A 59 0.60 -2.24 -17.34
CA ARG A 59 0.65 -1.16 -18.35
C ARG A 59 1.64 -1.43 -19.48
N LYS A 60 2.61 -2.35 -19.32
CA LYS A 60 3.46 -2.84 -20.43
C LYS A 60 2.68 -3.38 -21.63
N ASN A 61 1.48 -3.93 -21.40
CA ASN A 61 0.56 -4.36 -22.46
C ASN A 61 -0.56 -3.35 -22.78
N GLY A 62 -0.80 -2.38 -21.90
CA GLY A 62 -1.60 -1.17 -22.19
C GLY A 62 -3.12 -1.37 -22.30
N VAL A 63 -3.62 -2.57 -22.01
CA VAL A 63 -4.92 -3.09 -22.52
C VAL A 63 -6.05 -3.17 -21.50
N LYS A 64 -5.79 -3.67 -20.29
CA LYS A 64 -6.78 -3.91 -19.21
C LYS A 64 -6.90 -2.73 -18.23
N PRO A 65 -7.87 -2.72 -17.31
CA PRO A 65 -7.72 -2.01 -16.05
C PRO A 65 -6.50 -2.59 -15.30
N PHE A 66 -5.49 -1.76 -15.14
CA PHE A 66 -4.18 -2.07 -14.57
C PHE A 66 -4.23 -2.27 -13.05
N MET A 67 -5.04 -1.46 -12.36
CA MET A 67 -5.46 -1.72 -10.99
C MET A 67 -6.15 -3.11 -10.93
N PRO A 68 -5.60 -4.08 -10.18
CA PRO A 68 -6.01 -5.48 -10.26
C PRO A 68 -7.40 -5.73 -9.69
N THR A 69 -8.11 -6.70 -10.27
CA THR A 69 -9.37 -7.24 -9.74
C THR A 69 -9.10 -8.30 -8.67
N ALA A 70 -10.10 -8.64 -7.86
CA ALA A 70 -9.94 -9.39 -6.61
C ALA A 70 -9.17 -10.72 -6.75
N ALA A 71 -9.38 -11.50 -7.83
CA ALA A 71 -8.65 -12.74 -8.07
C ALA A 71 -7.18 -12.52 -8.49
N GLU A 72 -6.88 -11.43 -9.21
CA GLU A 72 -5.53 -10.99 -9.55
C GLU A 72 -4.82 -10.55 -8.27
N ARG A 73 -5.44 -9.61 -7.54
CA ARG A 73 -4.94 -9.08 -6.26
C ARG A 73 -4.64 -10.21 -5.28
N ASP A 74 -5.51 -11.22 -5.23
CA ASP A 74 -5.33 -12.44 -4.44
C ASP A 74 -4.09 -13.25 -4.87
N GLU A 75 -4.00 -13.64 -6.14
CA GLU A 75 -2.86 -14.46 -6.59
C GLU A 75 -1.52 -13.73 -6.51
N ILE A 76 -1.53 -12.40 -6.60
CA ILE A 76 -0.34 -11.55 -6.48
C ILE A 76 0.10 -11.48 -5.01
N LEU A 77 -0.83 -11.24 -4.08
CA LEU A 77 -0.56 -11.29 -2.63
C LEU A 77 -0.07 -12.66 -2.16
N ARG A 78 -0.53 -13.74 -2.81
CA ARG A 78 -0.06 -15.11 -2.58
C ARG A 78 1.28 -15.43 -3.26
N ALA A 79 1.59 -14.75 -4.37
CA ALA A 79 2.91 -14.81 -5.03
C ALA A 79 4.00 -14.02 -4.26
N VAL A 80 3.62 -13.02 -3.44
CA VAL A 80 4.48 -12.51 -2.36
C VAL A 80 4.44 -13.50 -1.18
N GLY A 81 3.23 -13.94 -0.82
CA GLY A 81 2.90 -14.82 0.30
C GLY A 81 2.81 -14.12 1.66
N ASN A 82 3.08 -12.80 1.68
CA ASN A 82 2.97 -11.91 2.83
C ASN A 82 2.43 -10.55 2.36
N MET A 83 2.04 -9.69 3.29
CA MET A 83 1.66 -8.31 3.03
C MET A 83 2.86 -7.57 2.39
N PRO A 84 2.70 -6.96 1.19
CA PRO A 84 3.79 -6.28 0.49
C PRO A 84 4.14 -4.94 1.12
N TYR A 85 3.47 -4.58 2.23
CA TYR A 85 3.64 -3.31 2.93
C TYR A 85 4.93 -3.31 3.78
N ASN A 14 -3.69 -0.77 -2.68
CA ASN A 14 -4.51 0.27 -2.03
C ASN A 14 -3.62 1.18 -1.19
N PRO A 15 -4.04 2.41 -0.87
CA PRO A 15 -3.59 3.08 0.35
C PRO A 15 -3.97 2.24 1.59
N CYS A 16 -3.09 2.17 2.58
CA CYS A 16 -3.29 1.36 3.78
C CYS A 16 -3.98 2.16 4.90
N LEU A 17 -5.32 2.27 4.82
CA LEU A 17 -6.13 3.10 5.72
C LEU A 17 -5.99 2.70 7.20
N SER A 18 -5.72 1.43 7.51
CA SER A 18 -5.59 0.94 8.90
C SER A 18 -4.37 1.52 9.61
N GLU A 19 -3.23 1.52 8.93
CA GLU A 19 -1.98 2.09 9.43
C GLU A 19 -2.01 3.63 9.32
N SER A 20 -2.75 4.18 8.34
CA SER A 20 -2.94 5.64 8.21
C SER A 20 -3.83 6.21 9.33
N ASP A 21 -4.88 5.49 9.72
CA ASP A 21 -5.71 5.83 10.88
C ASP A 21 -4.93 5.72 12.19
N ALA A 22 -4.15 4.65 12.37
CA ALA A 22 -3.31 4.48 13.56
C ALA A 22 -2.21 5.55 13.67
N SER A 23 -1.59 5.93 12.54
CA SER A 23 -0.72 7.11 12.40
C SER A 23 -1.44 8.41 12.76
N THR A 24 -2.62 8.67 12.20
CA THR A 24 -3.44 9.87 12.51
C THR A 24 -3.73 9.99 14.01
N ARG A 25 -4.07 8.85 14.63
CA ARG A 25 -4.30 8.75 16.09
C ARG A 25 -3.01 8.86 16.91
N CYS A 26 -1.86 8.39 16.42
CA CYS A 26 -0.54 8.67 17.02
C CYS A 26 -0.24 10.18 17.02
N LEU A 27 -0.47 10.84 15.90
CA LEU A 27 -0.16 12.27 15.71
C LEU A 27 -1.08 13.20 16.50
N ASP A 28 -2.32 12.75 16.69
CA ASP A 28 -3.27 13.37 17.63
C ASP A 28 -3.00 13.01 19.12
N GLU A 29 -2.40 11.86 19.42
CA GLU A 29 -1.89 11.52 20.77
C GLU A 29 -0.76 12.47 21.20
N ASN A 30 0.30 12.57 20.41
CA ASN A 30 1.58 13.19 20.76
C ASN A 30 1.96 14.33 19.79
N ASN A 31 1.43 15.54 19.99
CA ASN A 31 1.97 16.82 19.51
C ASN A 31 2.40 16.85 18.01
N TYR A 32 1.64 16.17 17.13
CA TYR A 32 1.95 16.00 15.70
C TYR A 32 3.33 15.36 15.42
N ASP A 33 3.74 14.34 16.17
CA ASP A 33 5.07 13.72 16.10
C ASP A 33 5.24 12.71 14.93
N ARG A 34 5.05 13.25 13.72
CA ARG A 34 5.24 12.61 12.41
C ARG A 34 6.66 12.10 12.15
N GLU A 35 7.63 12.50 12.98
CA GLU A 35 8.97 11.90 13.05
C GLU A 35 8.91 10.56 13.79
N ARG A 36 8.38 10.51 15.02
CA ARG A 36 8.24 9.27 15.83
C ARG A 36 7.37 8.22 15.16
N CYS A 37 6.33 8.65 14.43
CA CYS A 37 5.44 7.76 13.68
C CYS A 37 5.71 7.72 12.15
N SER A 38 6.87 8.19 11.66
CA SER A 38 7.30 8.04 10.24
C SER A 38 7.29 6.58 9.74
N THR A 39 7.44 5.60 10.62
CA THR A 39 7.40 4.16 10.28
C THR A 39 6.03 3.71 9.77
N TYR A 40 4.95 4.30 10.28
CA TYR A 40 3.58 4.06 9.79
C TYR A 40 3.41 4.55 8.35
N PHE A 41 3.85 5.80 8.10
CA PHE A 41 3.80 6.42 6.77
C PHE A 41 4.74 5.72 5.77
N LEU A 42 5.83 5.10 6.24
CA LEU A 42 6.67 4.21 5.45
C LEU A 42 5.94 2.92 5.05
N ARG A 43 5.31 2.21 5.99
CA ARG A 43 4.49 1.02 5.66
C ARG A 43 3.35 1.36 4.71
N TYR A 44 2.82 2.59 4.80
CA TYR A 44 1.80 3.11 3.89
C TYR A 44 2.38 3.33 2.47
N LYS A 45 3.59 3.89 2.37
CA LYS A 45 4.39 3.91 1.12
C LYS A 45 4.56 2.52 0.53
N ASN A 46 5.05 1.54 1.31
CA ASN A 46 5.32 0.18 0.83
C ASN A 46 4.05 -0.54 0.34
N CYS A 47 2.93 -0.32 1.01
CA CYS A 47 1.60 -0.82 0.65
C CYS A 47 1.11 -0.28 -0.70
N ARG A 48 1.11 1.06 -0.88
CA ARG A 48 0.65 1.65 -2.14
C ARG A 48 1.64 1.46 -3.29
N ARG A 49 2.96 1.45 -3.00
CA ARG A 49 4.05 1.23 -3.98
C ARG A 49 3.95 -0.15 -4.61
N PHE A 50 3.56 -1.17 -3.86
CA PHE A 50 3.48 -2.53 -4.40
C PHE A 50 2.45 -2.59 -5.52
N TRP A 51 1.22 -2.21 -5.16
CA TRP A 51 0.09 -2.26 -6.09
C TRP A 51 0.21 -1.24 -7.23
N ASN A 52 0.81 -0.07 -6.99
CA ASN A 52 1.18 0.86 -8.07
C ASN A 52 2.25 0.27 -9.02
N SER A 53 3.20 -0.51 -8.52
CA SER A 53 4.19 -1.19 -9.38
C SER A 53 3.54 -2.29 -10.23
N ILE A 54 2.56 -3.03 -9.68
CA ILE A 54 1.73 -3.97 -10.47
C ILE A 54 0.99 -3.23 -11.59
N VAL A 55 0.38 -2.08 -11.28
CA VAL A 55 -0.28 -1.20 -12.25
C VAL A 55 0.68 -0.74 -13.35
N MET A 56 1.91 -0.32 -13.03
CA MET A 56 2.95 0.00 -14.03
C MET A 56 3.24 -1.19 -14.97
N GLN A 57 3.42 -2.39 -14.39
CA GLN A 57 3.75 -3.61 -15.14
C GLN A 57 2.59 -4.07 -16.04
N ARG A 58 1.35 -3.71 -15.73
CA ARG A 58 0.20 -3.88 -16.66
C ARG A 58 0.00 -2.71 -17.64
N ARG A 59 0.42 -1.50 -17.26
CA ARG A 59 0.21 -0.26 -18.05
C ARG A 59 1.17 -0.12 -19.24
N LYS A 60 2.36 -0.72 -19.18
CA LYS A 60 3.33 -0.75 -20.30
C LYS A 60 2.82 -1.37 -21.61
N ASN A 61 1.77 -2.20 -21.57
CA ASN A 61 1.06 -2.67 -22.78
C ASN A 61 -0.34 -2.03 -23.02
N GLY A 62 -0.79 -1.07 -22.19
CA GLY A 62 -1.99 -0.25 -22.46
C GLY A 62 -3.34 -0.99 -22.53
N VAL A 63 -3.38 -2.24 -22.05
CA VAL A 63 -4.28 -3.28 -22.57
C VAL A 63 -5.62 -3.44 -21.83
N LYS A 64 -5.66 -3.23 -20.51
CA LYS A 64 -6.73 -3.65 -19.61
C LYS A 64 -7.08 -2.59 -18.55
N PRO A 65 -8.13 -2.77 -17.72
CA PRO A 65 -8.18 -2.10 -16.42
C PRO A 65 -6.98 -2.55 -15.58
N PHE A 66 -6.08 -1.62 -15.25
CA PHE A 66 -4.76 -1.93 -14.68
C PHE A 66 -4.83 -2.33 -13.21
N MET A 67 -5.65 -1.62 -12.43
CA MET A 67 -5.96 -1.99 -11.05
C MET A 67 -6.54 -3.42 -10.97
N PRO A 68 -5.83 -4.38 -10.33
CA PRO A 68 -6.09 -5.81 -10.50
C PRO A 68 -7.44 -6.24 -9.92
N THR A 69 -8.13 -7.10 -10.68
CA THR A 69 -9.33 -7.80 -10.28
C THR A 69 -9.02 -8.90 -9.25
N ALA A 70 -10.04 -9.39 -8.56
CA ALA A 70 -9.89 -10.22 -7.36
C ALA A 70 -9.04 -11.49 -7.59
N ALA A 71 -9.14 -12.12 -8.76
CA ALA A 71 -8.33 -13.27 -9.15
C ALA A 71 -6.85 -12.92 -9.44
N GLU A 72 -6.58 -11.75 -10.02
CA GLU A 72 -5.24 -11.22 -10.24
C GLU A 72 -4.63 -10.89 -8.90
N ARG A 73 -5.33 -10.08 -8.09
CA ARG A 73 -4.92 -9.72 -6.71
C ARG A 73 -4.58 -10.97 -5.88
N ASP A 74 -5.39 -12.02 -6.00
CA ASP A 74 -5.16 -13.31 -5.36
C ASP A 74 -3.87 -13.98 -5.81
N GLU A 75 -3.68 -14.22 -7.12
CA GLU A 75 -2.47 -14.91 -7.61
C GLU A 75 -1.20 -14.09 -7.37
N ILE A 76 -1.30 -12.75 -7.39
CA ILE A 76 -0.19 -11.83 -7.13
C ILE A 76 0.22 -11.89 -5.65
N LEU A 77 -0.72 -11.84 -4.70
CA LEU A 77 -0.42 -12.06 -3.27
C LEU A 77 0.14 -13.47 -3.01
N ARG A 78 -0.32 -14.46 -3.78
CA ARG A 78 0.23 -15.83 -3.76
C ARG A 78 1.63 -15.95 -4.37
N ALA A 79 2.03 -15.02 -5.24
CA ALA A 79 3.40 -14.86 -5.74
C ALA A 79 4.32 -14.02 -4.81
N VAL A 80 3.76 -13.11 -3.99
CA VAL A 80 4.48 -12.48 -2.87
C VAL A 80 4.77 -13.53 -1.79
N GLY A 81 3.78 -14.39 -1.53
CA GLY A 81 3.82 -15.44 -0.51
C GLY A 81 3.59 -14.93 0.91
N ASN A 82 3.39 -13.62 1.07
CA ASN A 82 3.09 -12.92 2.31
C ASN A 82 2.27 -11.64 2.01
N MET A 83 1.99 -10.82 3.03
CA MET A 83 1.70 -9.40 2.84
C MET A 83 2.97 -8.72 2.26
N PRO A 84 2.87 -7.91 1.18
CA PRO A 84 4.03 -7.19 0.62
C PRO A 84 4.42 -5.96 1.46
N TYR A 85 3.68 -5.68 2.53
CA TYR A 85 3.89 -4.57 3.49
C TYR A 85 3.74 -4.99 4.96
N ASN A 14 -4.18 -1.09 -2.71
CA ASN A 14 -4.92 -0.01 -2.03
C ASN A 14 -3.95 0.92 -1.28
N PRO A 15 -4.36 2.14 -0.91
CA PRO A 15 -3.80 2.85 0.25
C PRO A 15 -4.03 2.04 1.55
N CYS A 16 -3.32 2.40 2.62
CA CYS A 16 -3.24 1.59 3.85
C CYS A 16 -3.93 2.26 5.06
N LEU A 17 -5.24 2.07 5.16
CA LEU A 17 -6.10 2.77 6.12
C LEU A 17 -5.91 2.28 7.57
N SER A 18 -5.54 1.01 7.79
CA SER A 18 -5.28 0.47 9.13
C SER A 18 -4.05 1.12 9.77
N GLU A 19 -2.97 1.25 9.00
CA GLU A 19 -1.74 1.94 9.42
C GLU A 19 -1.94 3.45 9.44
N SER A 20 -2.80 4.00 8.58
CA SER A 20 -3.23 5.41 8.66
C SER A 20 -3.94 5.71 9.98
N ASP A 21 -4.79 4.80 10.45
CA ASP A 21 -5.51 4.87 11.72
C ASP A 21 -4.60 4.62 12.95
N ALA A 22 -3.59 3.75 12.82
CA ALA A 22 -2.55 3.58 13.83
C ALA A 22 -1.58 4.78 13.88
N SER A 23 -1.43 5.53 12.77
CA SER A 23 -0.77 6.84 12.75
C SER A 23 -1.60 7.89 13.48
N THR A 24 -2.93 7.94 13.28
CA THR A 24 -3.84 8.74 14.13
C THR A 24 -3.59 8.44 15.61
N ARG A 25 -3.43 7.15 15.94
CA ARG A 25 -3.13 6.67 17.30
C ARG A 25 -1.80 7.17 17.84
N CYS A 26 -0.71 7.06 17.07
CA CYS A 26 0.59 7.64 17.44
C CYS A 26 0.49 9.14 17.72
N LEU A 27 -0.21 9.87 16.85
CA LEU A 27 -0.28 11.34 16.90
C LEU A 27 -1.14 11.85 18.06
N ASP A 28 -2.18 11.10 18.40
CA ASP A 28 -2.98 11.25 19.63
C ASP A 28 -2.25 10.78 20.92
N GLU A 29 -1.28 9.87 20.82
CA GLU A 29 -0.36 9.50 21.90
C GLU A 29 0.67 10.59 22.22
N ASN A 30 1.40 11.11 21.23
CA ASN A 30 2.53 12.04 21.40
C ASN A 30 2.34 13.35 20.62
N ASN A 31 1.38 14.20 21.03
CA ASN A 31 1.24 15.62 20.66
C ASN A 31 1.50 15.95 19.16
N TYR A 32 0.95 15.11 18.27
CA TYR A 32 1.04 15.22 16.81
C TYR A 32 2.48 15.28 16.25
N ASP A 33 3.37 14.39 16.70
CA ASP A 33 4.74 14.22 16.16
C ASP A 33 4.75 13.41 14.85
N ARG A 34 4.11 13.99 13.83
CA ARG A 34 4.08 13.53 12.42
C ARG A 34 5.45 13.44 11.73
N GLU A 35 6.52 13.87 12.41
CA GLU A 35 7.90 13.82 11.91
C GLU A 35 8.65 12.60 12.44
N ARG A 36 8.46 12.20 13.70
CA ARG A 36 8.89 10.88 14.21
C ARG A 36 8.05 9.77 13.60
N CYS A 37 6.73 9.88 13.67
CA CYS A 37 5.79 8.92 13.05
C CYS A 37 5.64 9.11 11.52
N SER A 38 6.60 9.76 10.86
CA SER A 38 6.78 9.74 9.39
C SER A 38 6.97 8.31 8.84
N THR A 39 7.45 7.39 9.68
CA THR A 39 7.54 5.94 9.47
C THR A 39 6.22 5.31 9.04
N TYR A 40 5.11 5.72 9.64
CA TYR A 40 3.75 5.26 9.30
C TYR A 40 3.35 5.70 7.88
N PHE A 41 3.65 6.94 7.53
CA PHE A 41 3.35 7.49 6.21
C PHE A 41 4.24 6.88 5.10
N LEU A 42 5.46 6.43 5.47
CA LEU A 42 6.27 5.54 4.65
C LEU A 42 5.63 4.15 4.49
N ARG A 43 5.21 3.47 5.57
CA ARG A 43 4.46 2.20 5.49
C ARG A 43 3.20 2.33 4.62
N TYR A 44 2.56 3.51 4.62
CA TYR A 44 1.41 3.81 3.77
C TYR A 44 1.81 3.91 2.29
N LYS A 45 2.92 4.59 1.97
CA LYS A 45 3.51 4.55 0.62
C LYS A 45 4.00 3.17 0.19
N ASN A 46 4.45 2.31 1.11
CA ASN A 46 4.96 0.96 0.80
C ASN A 46 3.86 0.05 0.24
N CYS A 47 2.60 0.23 0.65
CA CYS A 47 1.44 -0.44 0.08
C CYS A 47 1.21 -0.02 -1.37
N ARG A 48 1.15 1.30 -1.62
CA ARG A 48 0.95 1.85 -2.97
C ARG A 48 2.07 1.47 -3.93
N ARG A 49 3.33 1.57 -3.50
CA ARG A 49 4.54 1.27 -4.31
C ARG A 49 4.49 -0.13 -4.93
N PHE A 50 4.01 -1.14 -4.18
CA PHE A 50 3.86 -2.50 -4.71
C PHE A 50 2.87 -2.52 -5.88
N TRP A 51 1.63 -2.10 -5.60
CA TRP A 51 0.54 -2.15 -6.57
C TRP A 51 0.78 -1.21 -7.77
N ASN A 52 1.39 -0.04 -7.56
CA ASN A 52 1.89 0.86 -8.59
C ASN A 52 2.95 0.19 -9.47
N SER A 53 3.85 -0.61 -8.88
CA SER A 53 4.82 -1.41 -9.65
C SER A 53 4.13 -2.51 -10.47
N ILE A 54 3.10 -3.21 -9.95
CA ILE A 54 2.30 -4.16 -10.74
C ILE A 54 1.63 -3.46 -11.93
N VAL A 55 1.07 -2.26 -11.70
CA VAL A 55 0.49 -1.42 -12.76
C VAL A 55 1.51 -1.07 -13.83
N MET A 56 2.75 -0.72 -13.47
CA MET A 56 3.83 -0.52 -14.45
C MET A 56 4.19 -1.80 -15.23
N GLN A 57 4.21 -2.95 -14.55
CA GLN A 57 4.52 -4.27 -15.14
C GLN A 57 3.35 -4.83 -15.98
N ARG A 58 2.15 -4.24 -15.89
CA ARG A 58 1.03 -4.43 -16.83
C ARG A 58 0.99 -3.39 -17.96
N ARG A 59 1.26 -2.12 -17.63
CA ARG A 59 1.13 -0.98 -18.55
C ARG A 59 2.11 -1.06 -19.72
N LYS A 60 3.18 -1.87 -19.59
CA LYS A 60 4.13 -2.23 -20.66
C LYS A 60 3.48 -2.83 -21.92
N ASN A 61 2.31 -3.46 -21.81
CA ASN A 61 1.56 -4.04 -22.94
C ASN A 61 0.40 -3.16 -23.45
N GLY A 62 -0.08 -2.21 -22.63
CA GLY A 62 -1.08 -1.18 -23.00
C GLY A 62 -2.53 -1.66 -23.19
N VAL A 63 -2.87 -2.88 -22.75
CA VAL A 63 -3.96 -3.69 -23.35
C VAL A 63 -5.15 -4.05 -22.43
N LYS A 64 -4.92 -4.21 -21.13
CA LYS A 64 -5.88 -4.65 -20.10
C LYS A 64 -6.13 -3.57 -19.04
N PRO A 65 -7.17 -3.64 -18.19
CA PRO A 65 -7.23 -2.78 -17.02
C PRO A 65 -6.09 -3.16 -16.06
N PHE A 66 -5.18 -2.21 -15.83
CA PHE A 66 -3.94 -2.43 -15.10
C PHE A 66 -4.20 -2.66 -13.60
N MET A 67 -4.88 -1.72 -12.94
CA MET A 67 -5.27 -1.80 -11.53
C MET A 67 -6.10 -3.06 -11.27
N PRO A 68 -5.56 -4.06 -10.53
CA PRO A 68 -6.13 -5.40 -10.49
C PRO A 68 -7.50 -5.45 -9.81
N THR A 69 -8.39 -6.25 -10.41
CA THR A 69 -9.71 -6.64 -9.94
C THR A 69 -9.61 -7.77 -8.90
N ALA A 70 -10.71 -8.10 -8.22
CA ALA A 70 -10.67 -8.91 -6.99
C ALA A 70 -9.94 -10.27 -7.10
N ALA A 71 -10.18 -11.03 -8.17
CA ALA A 71 -9.52 -12.33 -8.38
C ALA A 71 -8.04 -12.19 -8.79
N GLU A 72 -7.68 -11.07 -9.42
CA GLU A 72 -6.30 -10.73 -9.76
C GLU A 72 -5.56 -10.37 -8.47
N ARG A 73 -6.12 -9.47 -7.65
CA ARG A 73 -5.59 -9.18 -6.29
C ARG A 73 -5.41 -10.46 -5.47
N ASP A 74 -6.35 -11.41 -5.55
CA ASP A 74 -6.22 -12.70 -4.87
C ASP A 74 -5.02 -13.52 -5.37
N GLU A 75 -4.90 -13.76 -6.69
CA GLU A 75 -3.78 -14.54 -7.21
C GLU A 75 -2.42 -13.84 -7.07
N ILE A 76 -2.40 -12.51 -7.04
CA ILE A 76 -1.19 -11.70 -6.88
C ILE A 76 -0.71 -11.70 -5.42
N LEU A 77 -1.62 -11.52 -4.44
CA LEU A 77 -1.28 -11.69 -3.02
C LEU A 77 -0.85 -13.13 -2.69
N ARG A 78 -1.41 -14.10 -3.40
CA ARG A 78 -0.95 -15.51 -3.38
C ARG A 78 0.43 -15.67 -4.00
N ALA A 79 0.73 -14.94 -5.07
CA ALA A 79 2.03 -14.97 -5.76
C ALA A 79 3.15 -14.31 -4.93
N VAL A 80 2.82 -13.34 -4.06
CA VAL A 80 3.74 -12.83 -3.03
C VAL A 80 3.84 -13.83 -1.87
N GLY A 81 2.70 -14.45 -1.50
CA GLY A 81 2.60 -15.44 -0.43
C GLY A 81 2.61 -14.82 0.98
N ASN A 82 2.68 -13.49 1.04
CA ASN A 82 2.76 -12.69 2.25
C ASN A 82 2.20 -11.29 1.97
N MET A 83 2.12 -10.45 3.00
CA MET A 83 1.81 -9.03 2.86
C MET A 83 2.96 -8.30 2.14
N PRO A 84 2.72 -7.53 1.07
CA PRO A 84 3.76 -6.76 0.39
C PRO A 84 4.16 -5.47 1.14
N TYR A 85 3.59 -5.27 2.34
CA TYR A 85 3.85 -4.14 3.25
C TYR A 85 3.82 -4.50 4.75
N ASN A 14 -3.42 0.78 -3.30
CA ASN A 14 -4.13 1.87 -2.57
C ASN A 14 -3.14 2.61 -1.69
N PRO A 15 -3.39 3.89 -1.35
CA PRO A 15 -2.89 4.46 -0.11
C PRO A 15 -3.39 3.61 1.07
N CYS A 16 -2.50 3.24 1.99
CA CYS A 16 -2.87 2.32 3.08
C CYS A 16 -3.59 3.04 4.22
N LEU A 17 -4.89 3.28 4.03
CA LEU A 17 -5.81 3.84 5.04
C LEU A 17 -5.74 3.08 6.38
N SER A 18 -5.35 1.80 6.35
CA SER A 18 -5.12 0.96 7.53
C SER A 18 -3.96 1.47 8.41
N GLU A 19 -2.78 1.72 7.83
CA GLU A 19 -1.65 2.37 8.53
C GLU A 19 -1.98 3.84 8.85
N SER A 20 -2.78 4.49 8.00
CA SER A 20 -3.13 5.91 8.20
C SER A 20 -4.06 6.13 9.40
N ASP A 21 -4.96 5.18 9.66
CA ASP A 21 -5.90 5.15 10.80
C ASP A 21 -5.19 4.92 12.14
N ALA A 22 -4.21 4.01 12.18
CA ALA A 22 -3.40 3.76 13.38
C ALA A 22 -2.36 4.87 13.64
N SER A 23 -1.73 5.42 12.60
CA SER A 23 -0.94 6.65 12.74
C SER A 23 -1.80 7.84 13.17
N THR A 24 -3.06 7.93 12.73
CA THR A 24 -4.02 8.91 13.26
C THR A 24 -4.26 8.72 14.75
N ARG A 25 -4.37 7.47 15.26
CA ARG A 25 -4.40 7.19 16.72
C ARG A 25 -3.14 7.69 17.43
N CYS A 26 -1.94 7.39 16.90
CA CYS A 26 -0.67 7.89 17.43
C CYS A 26 -0.63 9.42 17.48
N LEU A 27 -0.96 10.07 16.37
CA LEU A 27 -0.91 11.53 16.21
C LEU A 27 -1.87 12.26 17.15
N ASP A 28 -3.03 11.66 17.38
CA ASP A 28 -4.03 12.04 18.39
C ASP A 28 -3.53 11.82 19.84
N GLU A 29 -2.75 10.76 20.10
CA GLU A 29 -2.15 10.42 21.39
C GLU A 29 -1.06 11.39 21.87
N ASN A 30 -0.08 11.70 21.01
CA ASN A 30 1.21 12.27 21.41
C ASN A 30 1.54 13.60 20.70
N ASN A 31 0.57 14.52 20.56
CA ASN A 31 0.73 15.82 19.89
C ASN A 31 1.52 15.75 18.56
N TYR A 32 1.02 14.92 17.65
CA TYR A 32 1.48 14.80 16.26
C TYR A 32 2.95 14.39 16.06
N ASP A 33 3.42 13.31 16.71
CA ASP A 33 4.78 12.78 16.52
C ASP A 33 4.89 11.92 15.26
N ARG A 34 4.74 12.60 14.12
CA ARG A 34 4.96 12.11 12.74
C ARG A 34 6.36 11.53 12.48
N GLU A 35 7.31 11.69 13.41
CA GLU A 35 8.64 11.10 13.32
C GLU A 35 8.72 9.74 14.03
N ARG A 36 8.22 9.62 15.27
CA ARG A 36 8.06 8.29 15.92
C ARG A 36 7.02 7.42 15.22
N CYS A 37 6.07 8.03 14.52
CA CYS A 37 5.08 7.36 13.68
C CYS A 37 5.35 7.55 12.16
N SER A 38 6.61 7.78 11.78
CA SER A 38 7.06 7.80 10.37
C SER A 38 7.08 6.41 9.72
N THR A 39 7.18 5.33 10.50
CA THR A 39 7.14 3.93 10.07
C THR A 39 5.84 3.59 9.34
N TYR A 40 4.72 4.06 9.88
CA TYR A 40 3.38 3.99 9.28
C TYR A 40 3.36 4.69 7.91
N PHE A 41 3.88 5.91 7.82
CA PHE A 41 4.04 6.68 6.56
C PHE A 41 4.93 5.94 5.54
N LEU A 42 6.01 5.32 5.99
CA LEU A 42 6.90 4.56 5.13
C LEU A 42 6.17 3.39 4.48
N ARG A 43 5.51 2.54 5.28
CA ARG A 43 4.73 1.44 4.70
C ARG A 43 3.51 1.94 3.92
N TYR A 44 3.01 3.14 4.23
CA TYR A 44 1.92 3.78 3.49
C TYR A 44 2.34 4.12 2.05
N LYS A 45 3.55 4.66 1.83
CA LYS A 45 4.08 4.83 0.46
C LYS A 45 4.62 3.55 -0.17
N ASN A 46 5.12 2.57 0.61
CA ASN A 46 5.48 1.24 0.09
C ASN A 46 4.25 0.54 -0.52
N CYS A 47 3.05 0.70 0.08
CA CYS A 47 1.80 0.21 -0.51
C CYS A 47 1.59 0.75 -1.92
N ARG A 48 1.73 2.08 -2.08
CA ARG A 48 1.56 2.73 -3.38
C ARG A 48 2.63 2.29 -4.37
N ARG A 49 3.92 2.21 -3.98
CA ARG A 49 5.02 1.74 -4.85
C ARG A 49 4.79 0.35 -5.40
N PHE A 50 4.46 -0.64 -4.55
CA PHE A 50 4.26 -2.02 -4.99
C PHE A 50 3.19 -2.13 -6.06
N TRP A 51 2.00 -1.61 -5.73
CA TRP A 51 0.87 -1.69 -6.65
C TRP A 51 1.04 -0.80 -7.89
N ASN A 52 1.82 0.28 -7.83
CA ASN A 52 2.27 1.06 -9.00
C ASN A 52 3.20 0.23 -9.92
N SER A 53 4.08 -0.59 -9.35
CA SER A 53 4.89 -1.56 -10.13
C SER A 53 4.00 -2.58 -10.82
N ILE A 54 2.99 -3.14 -10.12
CA ILE A 54 2.03 -4.08 -10.73
C ILE A 54 1.25 -3.41 -11.88
N VAL A 55 0.87 -2.14 -11.73
CA VAL A 55 0.26 -1.33 -12.79
C VAL A 55 1.19 -1.20 -14.00
N MET A 56 2.49 -0.90 -13.82
CA MET A 56 3.43 -0.88 -14.95
C MET A 56 3.60 -2.26 -15.63
N GLN A 57 3.62 -3.32 -14.84
CA GLN A 57 3.77 -4.73 -15.28
C GLN A 57 2.50 -5.28 -15.94
N ARG A 58 1.34 -4.67 -15.71
CA ARG A 58 0.11 -4.84 -16.52
C ARG A 58 0.14 -3.97 -17.78
N ARG A 59 0.49 -2.70 -17.62
CA ARG A 59 0.31 -1.66 -18.65
C ARG A 59 1.18 -1.86 -19.90
N LYS A 60 2.23 -2.67 -19.80
CA LYS A 60 2.94 -3.25 -20.96
C LYS A 60 2.03 -3.87 -22.03
N ASN A 61 0.83 -4.35 -21.66
CA ASN A 61 -0.16 -4.90 -22.59
C ASN A 61 -1.15 -3.86 -23.17
N GLY A 62 -1.34 -2.72 -22.48
CA GLY A 62 -2.07 -1.53 -22.96
C GLY A 62 -3.59 -1.67 -23.10
N VAL A 63 -4.17 -2.79 -22.66
CA VAL A 63 -5.46 -3.31 -23.19
C VAL A 63 -6.64 -3.27 -22.18
N LYS A 64 -6.34 -3.31 -20.89
CA LYS A 64 -7.27 -3.59 -19.78
C LYS A 64 -7.36 -2.41 -18.78
N PRO A 65 -8.25 -2.45 -17.78
CA PRO A 65 -8.02 -1.70 -16.54
C PRO A 65 -6.74 -2.19 -15.85
N PHE A 66 -5.82 -1.27 -15.57
CA PHE A 66 -4.46 -1.60 -15.10
C PHE A 66 -4.36 -1.85 -13.60
N MET A 67 -5.04 -1.03 -12.79
CA MET A 67 -5.30 -1.31 -11.38
C MET A 67 -6.02 -2.68 -11.24
N PRO A 68 -5.37 -3.70 -10.62
CA PRO A 68 -5.81 -5.09 -10.67
C PRO A 68 -7.10 -5.35 -9.90
N THR A 69 -7.76 -6.47 -10.23
CA THR A 69 -9.06 -6.89 -9.69
C THR A 69 -8.92 -7.88 -8.52
N ALA A 70 -9.96 -8.04 -7.72
CA ALA A 70 -9.89 -8.68 -6.39
C ALA A 70 -9.26 -10.09 -6.38
N ALA A 71 -9.60 -10.94 -7.35
CA ALA A 71 -9.00 -12.27 -7.51
C ALA A 71 -7.51 -12.22 -7.94
N GLU A 72 -7.11 -11.20 -8.71
CA GLU A 72 -5.73 -10.96 -9.06
C GLU A 72 -4.96 -10.48 -7.84
N ARG A 73 -5.51 -9.50 -7.11
CA ARG A 73 -4.93 -8.99 -5.86
C ARG A 73 -4.67 -10.14 -4.87
N ASP A 74 -5.61 -11.09 -4.78
CA ASP A 74 -5.46 -12.35 -4.02
C ASP A 74 -4.31 -13.24 -4.53
N GLU A 75 -4.28 -13.64 -5.81
CA GLU A 75 -3.18 -14.49 -6.32
C GLU A 75 -1.80 -13.82 -6.23
N ILE A 76 -1.75 -12.49 -6.37
CA ILE A 76 -0.54 -11.67 -6.31
C ILE A 76 0.00 -11.62 -4.88
N LEU A 77 -0.84 -11.32 -3.89
CA LEU A 77 -0.46 -11.32 -2.48
C LEU A 77 -0.05 -12.73 -2.00
N ARG A 78 -0.68 -13.78 -2.52
CA ARG A 78 -0.24 -15.17 -2.32
C ARG A 78 1.14 -15.44 -2.94
N ALA A 79 1.42 -14.85 -4.10
CA ALA A 79 2.71 -14.97 -4.79
C ALA A 79 3.84 -14.10 -4.18
N VAL A 80 3.51 -13.06 -3.39
CA VAL A 80 4.43 -12.40 -2.46
C VAL A 80 4.63 -13.27 -1.21
N GLY A 81 3.56 -13.90 -0.73
CA GLY A 81 3.55 -14.79 0.43
C GLY A 81 3.60 -14.07 1.79
N ASN A 82 3.64 -12.75 1.74
CA ASN A 82 3.60 -11.83 2.88
C ASN A 82 2.94 -10.50 2.45
N MET A 83 2.91 -9.50 3.31
CA MET A 83 2.59 -8.12 2.99
C MET A 83 3.79 -7.49 2.25
N PRO A 84 3.63 -6.94 1.01
CA PRO A 84 4.74 -6.31 0.29
C PRO A 84 5.13 -4.93 0.85
N TYR A 85 4.35 -4.45 1.82
CA TYR A 85 4.40 -3.12 2.41
C TYR A 85 5.52 -3.02 3.46
N ASN A 14 -3.90 -1.09 -3.03
CA ASN A 14 -4.82 -0.04 -2.54
C ASN A 14 -4.05 0.92 -1.64
N PRO A 15 -4.48 2.21 -1.52
CA PRO A 15 -3.96 3.09 -0.49
C PRO A 15 -4.32 2.56 0.91
N CYS A 16 -3.38 2.63 1.84
CA CYS A 16 -3.45 1.89 3.10
C CYS A 16 -4.13 2.69 4.23
N LEU A 17 -5.38 3.10 4.00
CA LEU A 17 -6.16 3.97 4.90
C LEU A 17 -6.33 3.46 6.34
N SER A 18 -6.22 2.15 6.57
CA SER A 18 -6.20 1.56 7.92
C SER A 18 -4.91 1.90 8.68
N GLU A 19 -3.76 1.88 7.99
CA GLU A 19 -2.49 2.39 8.52
C GLU A 19 -2.55 3.92 8.64
N SER A 20 -3.28 4.59 7.73
CA SER A 20 -3.49 6.04 7.80
C SER A 20 -4.27 6.43 9.05
N ASP A 21 -5.39 5.76 9.35
CA ASP A 21 -6.15 5.98 10.59
C ASP A 21 -5.31 5.67 11.82
N ALA A 22 -4.59 4.54 11.85
CA ALA A 22 -3.79 4.16 13.02
C ALA A 22 -2.66 5.16 13.31
N SER A 23 -1.99 5.69 12.28
CA SER A 23 -1.11 6.85 12.40
C SER A 23 -1.82 8.16 12.76
N THR A 24 -3.02 8.44 12.24
CA THR A 24 -3.82 9.62 12.61
C THR A 24 -4.19 9.59 14.11
N ARG A 25 -4.55 8.40 14.63
CA ARG A 25 -4.75 8.12 16.07
C ARG A 25 -3.45 8.28 16.85
N CYS A 26 -2.32 7.78 16.34
CA CYS A 26 -1.00 7.95 16.96
C CYS A 26 -0.64 9.44 17.11
N LEU A 27 -0.76 10.22 16.05
CA LEU A 27 -0.40 11.64 16.04
C LEU A 27 -1.31 12.47 16.95
N ASP A 28 -2.57 12.08 16.99
CA ASP A 28 -3.57 12.51 17.97
C ASP A 28 -3.26 12.06 19.43
N GLU A 29 -2.62 10.92 19.67
CA GLU A 29 -2.21 10.36 20.98
C GLU A 29 -0.97 11.07 21.57
N ASN A 30 0.11 11.13 20.81
CA ASN A 30 1.47 11.39 21.28
C ASN A 30 2.09 12.63 20.59
N ASN A 31 1.38 13.75 20.66
CA ASN A 31 1.87 15.09 20.28
C ASN A 31 2.57 15.11 18.90
N TYR A 32 1.91 14.54 17.90
CA TYR A 32 2.34 14.55 16.50
C TYR A 32 3.75 13.97 16.25
N ASP A 33 4.06 12.80 16.83
CA ASP A 33 5.31 12.04 16.61
C ASP A 33 5.31 11.33 15.25
N ARG A 34 5.35 12.16 14.21
CA ARG A 34 5.51 11.79 12.80
C ARG A 34 6.85 11.12 12.46
N GLU A 35 7.76 10.94 13.42
CA GLU A 35 9.04 10.22 13.20
C GLU A 35 8.99 8.79 13.71
N ARG A 36 8.37 8.51 14.88
CA ARG A 36 7.97 7.13 15.24
C ARG A 36 6.85 6.63 14.34
N CYS A 37 5.79 7.40 14.19
CA CYS A 37 4.65 7.05 13.32
C CYS A 37 4.84 7.47 11.86
N SER A 38 6.11 7.63 11.44
CA SER A 38 6.51 7.52 10.03
C SER A 38 6.33 6.09 9.51
N THR A 39 6.38 5.07 10.37
CA THR A 39 6.21 3.64 10.02
C THR A 39 5.02 3.37 9.11
N TYR A 40 3.87 3.91 9.48
CA TYR A 40 2.62 3.84 8.73
C TYR A 40 2.72 4.54 7.37
N PHE A 41 3.30 5.75 7.31
CA PHE A 41 3.44 6.52 6.08
C PHE A 41 4.50 5.91 5.14
N LEU A 42 5.50 5.24 5.70
CA LEU A 42 6.49 4.44 4.99
C LEU A 42 5.83 3.21 4.38
N ARG A 43 5.11 2.43 5.19
CA ARG A 43 4.28 1.31 4.71
C ARG A 43 3.25 1.77 3.68
N TYR A 44 2.75 2.99 3.78
CA TYR A 44 1.78 3.55 2.83
C TYR A 44 2.43 3.89 1.49
N LYS A 45 3.61 4.55 1.49
CA LYS A 45 4.42 4.72 0.26
C LYS A 45 4.90 3.37 -0.29
N ASN A 46 5.10 2.35 0.54
CA ASN A 46 5.37 0.98 0.06
C ASN A 46 4.13 0.34 -0.58
N CYS A 47 2.91 0.54 -0.03
CA CYS A 47 1.66 0.10 -0.63
C CYS A 47 1.52 0.73 -2.03
N ARG A 48 1.65 2.06 -2.08
CA ARG A 48 1.58 2.84 -3.31
C ARG A 48 2.62 2.40 -4.33
N ARG A 49 3.90 2.31 -3.94
CA ARG A 49 5.01 1.92 -4.83
C ARG A 49 4.85 0.50 -5.35
N PHE A 50 4.47 -0.44 -4.50
CA PHE A 50 4.22 -1.83 -4.90
C PHE A 50 3.12 -1.88 -5.95
N TRP A 51 1.95 -1.37 -5.61
CA TRP A 51 0.79 -1.48 -6.50
C TRP A 51 0.94 -0.61 -7.77
N ASN A 52 1.68 0.51 -7.75
CA ASN A 52 2.09 1.27 -8.93
C ASN A 52 3.01 0.44 -9.85
N SER A 53 3.94 -0.29 -9.23
CA SER A 53 4.85 -1.18 -9.94
C SER A 53 4.11 -2.38 -10.55
N ILE A 54 3.10 -2.93 -9.88
CA ILE A 54 2.20 -3.96 -10.42
C ILE A 54 1.34 -3.40 -11.55
N VAL A 55 0.87 -2.16 -11.43
CA VAL A 55 0.21 -1.39 -12.49
C VAL A 55 1.12 -1.29 -13.71
N MET A 56 2.40 -0.94 -13.57
CA MET A 56 3.37 -1.01 -14.68
C MET A 56 3.49 -2.43 -15.27
N GLN A 57 3.51 -3.48 -14.43
CA GLN A 57 3.62 -4.87 -14.90
C GLN A 57 2.34 -5.37 -15.59
N ARG A 58 1.18 -4.75 -15.35
CA ARG A 58 -0.05 -4.94 -16.17
C ARG A 58 -0.02 -4.07 -17.42
N ARG A 59 0.41 -2.82 -17.27
CA ARG A 59 0.30 -1.75 -18.28
C ARG A 59 1.26 -1.92 -19.48
N LYS A 60 2.24 -2.83 -19.37
CA LYS A 60 3.01 -3.35 -20.51
C LYS A 60 2.14 -3.96 -21.63
N ASN A 61 0.94 -4.44 -21.29
CA ASN A 61 -0.02 -4.98 -22.26
C ASN A 61 -0.97 -3.89 -22.83
N GLY A 62 -1.07 -2.73 -22.17
CA GLY A 62 -1.75 -1.52 -22.66
C GLY A 62 -3.29 -1.54 -22.67
N VAL A 63 -3.92 -2.59 -22.13
CA VAL A 63 -5.29 -3.01 -22.51
C VAL A 63 -6.32 -3.10 -21.38
N LYS A 64 -5.95 -3.64 -20.21
CA LYS A 64 -6.87 -3.92 -19.10
C LYS A 64 -7.08 -2.71 -18.17
N PRO A 65 -8.04 -2.73 -17.23
CA PRO A 65 -7.94 -1.90 -16.02
C PRO A 65 -6.67 -2.30 -15.24
N PHE A 66 -5.70 -1.38 -15.15
CA PHE A 66 -4.35 -1.73 -14.71
C PHE A 66 -4.26 -1.98 -13.21
N MET A 67 -4.95 -1.16 -12.42
CA MET A 67 -5.20 -1.39 -11.00
C MET A 67 -5.90 -2.76 -10.80
N PRO A 68 -5.28 -3.71 -10.06
CA PRO A 68 -5.75 -5.09 -10.00
C PRO A 68 -7.07 -5.25 -9.21
N THR A 69 -7.86 -6.23 -9.62
CA THR A 69 -9.12 -6.68 -9.00
C THR A 69 -8.85 -7.61 -7.82
N ALA A 70 -9.86 -7.96 -7.02
CA ALA A 70 -9.67 -8.70 -5.76
C ALA A 70 -8.92 -10.05 -5.93
N ALA A 71 -9.19 -10.81 -7.00
CA ALA A 71 -8.50 -12.08 -7.28
C ALA A 71 -7.08 -11.89 -7.84
N GLU A 72 -6.83 -10.82 -8.62
CA GLU A 72 -5.49 -10.43 -9.06
C GLU A 72 -4.68 -10.04 -7.83
N ARG A 73 -5.21 -9.12 -7.00
CA ARG A 73 -4.63 -8.72 -5.72
C ARG A 73 -4.28 -9.93 -4.85
N ASP A 74 -5.19 -10.89 -4.74
CA ASP A 74 -4.98 -12.14 -4.00
C ASP A 74 -3.79 -12.95 -4.54
N GLU A 75 -3.76 -13.28 -5.83
CA GLU A 75 -2.65 -14.09 -6.39
C GLU A 75 -1.30 -13.36 -6.40
N ILE A 76 -1.32 -12.03 -6.50
CA ILE A 76 -0.13 -11.17 -6.48
C ILE A 76 0.45 -11.12 -5.06
N LEU A 77 -0.40 -10.97 -4.04
CA LEU A 77 -0.03 -11.10 -2.63
C LEU A 77 0.49 -12.51 -2.32
N ARG A 78 -0.07 -13.55 -2.95
CA ARG A 78 0.45 -14.92 -2.81
C ARG A 78 1.84 -15.06 -3.41
N ALA A 79 2.10 -14.38 -4.53
CA ALA A 79 3.43 -14.31 -5.17
C ALA A 79 4.46 -13.48 -4.39
N VAL A 80 4.06 -12.45 -3.63
CA VAL A 80 4.93 -11.82 -2.62
C VAL A 80 5.19 -12.82 -1.47
N GLY A 81 4.16 -13.57 -1.10
CA GLY A 81 4.19 -14.60 -0.06
C GLY A 81 4.01 -14.05 1.35
N ASN A 82 3.82 -12.73 1.45
CA ASN A 82 3.56 -11.93 2.63
C ASN A 82 2.92 -10.59 2.19
N MET A 83 2.55 -9.72 3.14
CA MET A 83 2.14 -8.34 2.93
C MET A 83 3.30 -7.54 2.31
N PRO A 84 3.11 -6.79 1.20
CA PRO A 84 4.15 -6.01 0.54
C PRO A 84 4.51 -4.74 1.33
N TYR A 85 3.79 -4.48 2.42
CA TYR A 85 3.91 -3.24 3.22
C TYR A 85 5.25 -3.20 3.95
N ASN A 14 -4.19 0.51 -4.46
CA ASN A 14 -4.97 1.14 -3.37
C ASN A 14 -4.02 1.72 -2.32
N PRO A 15 -4.41 2.81 -1.64
CA PRO A 15 -3.77 3.27 -0.41
C PRO A 15 -4.18 2.40 0.80
N CYS A 16 -3.51 2.59 1.94
CA CYS A 16 -3.76 1.82 3.16
C CYS A 16 -4.52 2.67 4.21
N LEU A 17 -5.85 2.68 4.18
CA LEU A 17 -6.69 3.54 5.03
C LEU A 17 -6.69 3.10 6.50
N SER A 18 -6.64 1.79 6.76
CA SER A 18 -6.59 1.23 8.12
C SER A 18 -5.23 1.49 8.78
N GLU A 19 -4.14 1.31 8.03
CA GLU A 19 -2.80 1.70 8.48
C GLU A 19 -2.67 3.24 8.61
N SER A 20 -3.46 4.00 7.83
CA SER A 20 -3.55 5.47 7.99
C SER A 20 -4.27 5.87 9.28
N ASP A 21 -5.29 5.14 9.73
CA ASP A 21 -5.92 5.36 11.04
C ASP A 21 -4.93 5.03 12.18
N ALA A 22 -4.12 3.98 12.05
CA ALA A 22 -3.06 3.67 13.02
C ALA A 22 -2.00 4.80 13.12
N SER A 23 -1.51 5.32 11.98
CA SER A 23 -0.72 6.57 11.92
C SER A 23 -1.40 7.74 12.64
N THR A 24 -2.69 7.96 12.35
CA THR A 24 -3.52 9.04 12.93
C THR A 24 -3.63 8.91 14.45
N ARG A 25 -3.88 7.70 14.96
CA ARG A 25 -3.95 7.36 16.39
C ARG A 25 -2.62 7.56 17.09
N CYS A 26 -1.51 7.17 16.46
CA CYS A 26 -0.16 7.39 16.97
C CYS A 26 0.13 8.89 17.16
N LEU A 27 -0.17 9.70 16.15
CA LEU A 27 0.07 11.15 16.19
C LEU A 27 -0.79 11.87 17.22
N ASP A 28 -2.05 11.47 17.32
CA ASP A 28 -2.98 11.86 18.39
C ASP A 28 -2.49 11.46 19.79
N GLU A 29 -1.86 10.29 19.94
CA GLU A 29 -1.29 9.79 21.20
C GLU A 29 -0.09 10.63 21.68
N ASN A 30 0.89 10.88 20.81
CA ASN A 30 2.18 11.48 21.15
C ASN A 30 2.40 12.83 20.44
N ASN A 31 1.70 13.90 20.85
CA ASN A 31 1.98 15.31 20.49
C ASN A 31 2.34 15.54 18.99
N TYR A 32 1.60 14.90 18.07
CA TYR A 32 1.80 14.93 16.62
C TYR A 32 3.24 14.59 16.15
N ASP A 33 3.87 13.58 16.74
CA ASP A 33 5.26 13.15 16.47
C ASP A 33 5.39 12.34 15.15
N ARG A 34 5.04 13.02 14.06
CA ARG A 34 5.05 12.58 12.65
C ARG A 34 6.40 12.01 12.18
N GLU A 35 7.50 12.40 12.81
CA GLU A 35 8.84 11.88 12.52
C GLU A 35 9.02 10.49 13.14
N ARG A 36 8.71 10.33 14.44
CA ARG A 36 8.77 9.03 15.14
C ARG A 36 7.73 8.02 14.64
N CYS A 37 6.60 8.49 14.09
CA CYS A 37 5.63 7.66 13.37
C CYS A 37 5.69 7.79 11.83
N SER A 38 6.83 8.20 11.25
CA SER A 38 7.09 8.10 9.80
C SER A 38 7.20 6.65 9.31
N THR A 39 7.35 5.66 10.21
CA THR A 39 7.25 4.22 9.91
C THR A 39 5.96 3.86 9.18
N TYR A 40 4.84 4.37 9.68
CA TYR A 40 3.53 4.21 9.06
C TYR A 40 3.42 4.92 7.71
N PHE A 41 3.92 6.15 7.65
CA PHE A 41 3.93 6.94 6.41
C PHE A 41 4.73 6.22 5.30
N LEU A 42 5.87 5.61 5.65
CA LEU A 42 6.68 4.75 4.81
C LEU A 42 5.92 3.49 4.36
N ARG A 43 5.27 2.77 5.28
CA ARG A 43 4.50 1.57 4.90
C ARG A 43 3.25 1.89 4.09
N TYR A 44 2.75 3.12 4.21
CA TYR A 44 1.67 3.65 3.37
C TYR A 44 2.20 3.97 1.95
N LYS A 45 3.38 4.59 1.85
CA LYS A 45 4.14 4.73 0.58
C LYS A 45 4.39 3.37 -0.05
N ASN A 46 4.89 2.37 0.68
CA ASN A 46 5.12 1.00 0.20
C ASN A 46 3.82 0.37 -0.33
N CYS A 47 2.70 0.57 0.39
CA CYS A 47 1.38 0.07 0.03
C CYS A 47 0.90 0.59 -1.33
N ARG A 48 0.85 1.91 -1.52
CA ARG A 48 0.49 2.48 -2.83
C ARG A 48 1.54 2.24 -3.91
N ARG A 49 2.84 2.25 -3.58
CA ARG A 49 3.93 1.95 -4.52
C ARG A 49 3.86 0.52 -5.05
N PHE A 50 3.42 -0.45 -4.24
CA PHE A 50 3.29 -1.84 -4.68
C PHE A 50 2.23 -1.95 -5.77
N TRP A 51 1.03 -1.50 -5.46
CA TRP A 51 -0.10 -1.57 -6.39
C TRP A 51 0.09 -0.64 -7.61
N ASN A 52 0.71 0.52 -7.47
CA ASN A 52 1.16 1.37 -8.59
C ASN A 52 2.25 0.69 -9.44
N SER A 53 3.10 -0.15 -8.85
CA SER A 53 4.04 -1.00 -9.59
C SER A 53 3.32 -2.11 -10.36
N ILE A 54 2.31 -2.79 -9.80
CA ILE A 54 1.49 -3.76 -10.55
C ILE A 54 0.82 -3.07 -11.77
N VAL A 55 0.32 -1.85 -11.57
CA VAL A 55 -0.18 -1.00 -12.66
C VAL A 55 0.90 -0.75 -13.72
N MET A 56 2.11 -0.32 -13.34
CA MET A 56 3.23 -0.13 -14.29
C MET A 56 3.59 -1.43 -15.04
N GLN A 57 3.65 -2.56 -14.34
CA GLN A 57 4.04 -3.86 -14.90
C GLN A 57 2.93 -4.49 -15.76
N ARG A 58 1.68 -4.03 -15.65
CA ARG A 58 0.62 -4.29 -16.64
C ARG A 58 0.62 -3.27 -17.79
N ARG A 59 0.92 -2.01 -17.50
CA ARG A 59 0.97 -0.88 -18.45
C ARG A 59 2.18 -0.95 -19.40
N LYS A 60 3.15 -1.82 -19.12
CA LYS A 60 4.18 -2.25 -20.09
C LYS A 60 3.58 -2.87 -21.36
N ASN A 61 2.39 -3.49 -21.25
CA ASN A 61 1.68 -4.11 -22.38
C ASN A 61 0.53 -3.25 -22.94
N GLY A 62 -0.06 -2.34 -22.16
CA GLY A 62 -1.04 -1.33 -22.64
C GLY A 62 -2.44 -1.83 -23.03
N VAL A 63 -2.83 -3.04 -22.61
CA VAL A 63 -3.90 -3.85 -23.26
C VAL A 63 -5.10 -4.25 -22.36
N LYS A 64 -4.97 -4.09 -21.03
CA LYS A 64 -5.82 -4.70 -19.99
C LYS A 64 -6.14 -3.73 -18.83
N PRO A 65 -7.03 -4.09 -17.88
CA PRO A 65 -7.10 -3.38 -16.59
C PRO A 65 -5.79 -3.53 -15.81
N PHE A 66 -5.03 -2.43 -15.76
CA PHE A 66 -3.79 -2.27 -15.02
C PHE A 66 -4.01 -2.33 -13.50
N MET A 67 -5.01 -1.60 -12.99
CA MET A 67 -5.55 -1.81 -11.64
C MET A 67 -6.24 -3.18 -11.58
N PRO A 68 -5.71 -4.16 -10.81
CA PRO A 68 -6.17 -5.55 -10.82
C PRO A 68 -7.57 -5.71 -10.20
N THR A 69 -8.21 -6.85 -10.50
CA THR A 69 -9.49 -7.25 -9.89
C THR A 69 -9.27 -8.13 -8.66
N ALA A 70 -10.32 -8.37 -7.86
CA ALA A 70 -10.18 -8.87 -6.49
C ALA A 70 -9.47 -10.24 -6.37
N ALA A 71 -9.80 -11.19 -7.25
CA ALA A 71 -9.16 -12.51 -7.32
C ALA A 71 -7.68 -12.41 -7.77
N GLU A 72 -7.35 -11.40 -8.58
CA GLU A 72 -6.00 -11.12 -9.02
C GLU A 72 -5.21 -10.53 -7.85
N ARG A 73 -5.74 -9.50 -7.17
CA ARG A 73 -5.13 -8.99 -5.93
C ARG A 73 -4.84 -10.12 -4.93
N ASP A 74 -5.77 -11.07 -4.80
CA ASP A 74 -5.62 -12.23 -3.91
C ASP A 74 -4.47 -13.16 -4.34
N GLU A 75 -4.42 -13.60 -5.61
CA GLU A 75 -3.32 -14.45 -6.10
C GLU A 75 -1.97 -13.73 -6.17
N ILE A 76 -1.96 -12.40 -6.33
CA ILE A 76 -0.77 -11.56 -6.37
C ILE A 76 -0.18 -11.42 -4.96
N LEU A 77 -1.01 -11.13 -3.95
CA LEU A 77 -0.59 -11.17 -2.54
C LEU A 77 -0.11 -12.57 -2.13
N ARG A 78 -0.74 -13.62 -2.64
CA ARG A 78 -0.33 -15.02 -2.41
C ARG A 78 0.92 -15.42 -3.20
N ALA A 79 1.24 -14.73 -4.30
CA ALA A 79 2.52 -14.86 -5.00
C ALA A 79 3.66 -14.12 -4.28
N VAL A 80 3.39 -12.99 -3.63
CA VAL A 80 4.33 -12.37 -2.67
C VAL A 80 4.49 -13.28 -1.45
N GLY A 81 3.39 -13.90 -1.02
CA GLY A 81 3.31 -14.82 0.13
C GLY A 81 3.39 -14.08 1.46
N ASN A 82 3.41 -12.75 1.43
CA ASN A 82 3.64 -11.85 2.54
C ASN A 82 2.92 -10.51 2.27
N MET A 83 2.91 -9.60 3.24
CA MET A 83 2.46 -8.23 3.07
C MET A 83 3.51 -7.43 2.28
N PRO A 84 3.12 -6.68 1.23
CA PRO A 84 4.04 -5.78 0.54
C PRO A 84 4.16 -4.41 1.22
N TYR A 85 3.45 -4.21 2.32
CA TYR A 85 3.27 -2.94 3.04
C TYR A 85 4.29 -2.77 4.18
N ASN A 14 -3.33 2.43 -4.98
CA ASN A 14 -3.58 1.95 -3.61
C ASN A 14 -2.86 2.83 -2.57
N PRO A 15 -3.57 3.76 -1.90
CA PRO A 15 -3.20 4.20 -0.55
C PRO A 15 -3.49 3.10 0.49
N CYS A 16 -2.97 3.24 1.72
CA CYS A 16 -3.24 2.32 2.84
C CYS A 16 -4.04 3.01 3.96
N LEU A 17 -5.36 3.20 3.79
CA LEU A 17 -6.23 3.91 4.74
C LEU A 17 -6.26 3.27 6.15
N SER A 18 -5.99 1.96 6.24
CA SER A 18 -5.92 1.20 7.50
C SER A 18 -4.63 1.48 8.29
N GLU A 19 -3.50 1.59 7.60
CA GLU A 19 -2.24 2.07 8.20
C GLU A 19 -2.33 3.57 8.53
N SER A 20 -3.11 4.32 7.74
CA SER A 20 -3.40 5.75 8.00
C SER A 20 -4.26 5.94 9.26
N ASP A 21 -5.21 5.04 9.51
CA ASP A 21 -5.94 4.97 10.79
C ASP A 21 -5.01 4.61 11.96
N ALA A 22 -4.12 3.64 11.78
CA ALA A 22 -3.15 3.26 12.82
C ALA A 22 -2.10 4.35 13.11
N SER A 23 -1.70 5.12 12.08
CA SER A 23 -0.90 6.35 12.23
C SER A 23 -1.68 7.45 12.95
N THR A 24 -2.96 7.64 12.62
CA THR A 24 -3.85 8.57 13.32
C THR A 24 -3.94 8.21 14.81
N ARG A 25 -4.02 6.91 15.13
CA ARG A 25 -3.97 6.38 16.50
C ARG A 25 -2.63 6.63 17.20
N CYS A 26 -1.49 6.49 16.50
CA CYS A 26 -0.19 6.91 17.03
C CYS A 26 -0.12 8.43 17.31
N LEU A 27 -0.63 9.25 16.41
CA LEU A 27 -0.53 10.71 16.47
C LEU A 27 -1.47 11.34 17.51
N ASP A 28 -2.57 10.64 17.78
CA ASP A 28 -3.38 10.79 18.99
C ASP A 28 -2.60 10.41 20.27
N GLU A 29 -1.94 9.24 20.27
CA GLU A 29 -1.16 8.72 21.40
C GLU A 29 -0.01 9.62 21.88
N ASN A 30 0.72 10.26 20.95
CA ASN A 30 1.92 11.05 21.21
C ASN A 30 1.92 12.39 20.43
N ASN A 31 1.03 13.32 20.81
CA ASN A 31 1.00 14.74 20.42
C ASN A 31 1.54 15.04 19.00
N TYR A 32 0.93 14.41 17.99
CA TYR A 32 1.19 14.62 16.57
C TYR A 32 2.65 14.44 16.06
N ASP A 33 3.43 13.54 16.67
CA ASP A 33 4.82 13.20 16.29
C ASP A 33 4.88 12.35 15.01
N ARG A 34 4.43 12.95 13.90
CA ARG A 34 4.44 12.39 12.54
C ARG A 34 5.83 12.06 11.99
N GLU A 35 6.90 12.46 12.69
CA GLU A 35 8.27 12.03 12.41
C GLU A 35 8.63 10.73 13.14
N ARG A 36 8.37 10.60 14.45
CA ARG A 36 8.54 9.32 15.17
C ARG A 36 7.54 8.24 14.75
N CYS A 37 6.43 8.60 14.11
CA CYS A 37 5.55 7.68 13.40
C CYS A 37 5.61 7.81 11.86
N SER A 38 6.69 8.39 11.30
CA SER A 38 6.92 8.44 9.84
C SER A 38 7.01 7.07 9.19
N THR A 39 7.31 6.01 9.93
CA THR A 39 7.24 4.60 9.46
C THR A 39 5.88 4.25 8.88
N TYR A 40 4.78 4.83 9.38
CA TYR A 40 3.44 4.59 8.85
C TYR A 40 3.26 5.26 7.49
N PHE A 41 3.66 6.53 7.35
CA PHE A 41 3.71 7.21 6.05
C PHE A 41 4.63 6.48 5.05
N LEU A 42 5.78 5.98 5.52
CA LEU A 42 6.71 5.19 4.73
C LEU A 42 6.05 3.92 4.20
N ARG A 43 5.48 3.08 5.07
CA ARG A 43 4.74 1.88 4.66
C ARG A 43 3.56 2.21 3.77
N TYR A 44 2.95 3.37 3.97
CA TYR A 44 1.81 3.84 3.17
C TYR A 44 2.23 4.19 1.73
N LYS A 45 3.41 4.80 1.55
CA LYS A 45 4.01 5.02 0.23
C LYS A 45 4.67 3.74 -0.34
N ASN A 46 5.07 2.79 0.50
CA ASN A 46 5.47 1.44 0.06
C ASN A 46 4.26 0.65 -0.50
N CYS A 47 3.05 0.83 0.06
CA CYS A 47 1.79 0.32 -0.53
C CYS A 47 1.60 0.88 -1.93
N ARG A 48 1.71 2.22 -2.07
CA ARG A 48 1.61 2.91 -3.36
C ARG A 48 2.60 2.32 -4.36
N ARG A 49 3.90 2.28 -4.01
CA ARG A 49 4.98 1.79 -4.88
C ARG A 49 4.80 0.34 -5.29
N PHE A 50 4.33 -0.54 -4.40
CA PHE A 50 4.05 -1.93 -4.75
C PHE A 50 2.97 -2.01 -5.82
N TRP A 51 1.80 -1.45 -5.52
CA TRP A 51 0.65 -1.57 -6.42
C TRP A 51 0.83 -0.74 -7.71
N ASN A 52 1.59 0.36 -7.67
CA ASN A 52 2.07 1.10 -8.84
C ASN A 52 3.05 0.26 -9.68
N SER A 53 3.89 -0.57 -9.07
CA SER A 53 4.75 -1.52 -9.78
C SER A 53 3.92 -2.62 -10.47
N ILE A 54 2.86 -3.12 -9.82
CA ILE A 54 1.93 -4.07 -10.47
C ILE A 54 1.21 -3.41 -11.65
N VAL A 55 0.79 -2.14 -11.51
CA VAL A 55 0.24 -1.33 -12.59
C VAL A 55 1.24 -1.21 -13.74
N MET A 56 2.51 -0.86 -13.49
CA MET A 56 3.56 -0.78 -14.51
C MET A 56 3.88 -2.13 -15.19
N GLN A 57 3.81 -3.23 -14.44
CA GLN A 57 4.04 -4.59 -14.95
C GLN A 57 2.87 -5.12 -15.79
N ARG A 58 1.64 -4.63 -15.56
CA ARG A 58 0.50 -4.85 -16.47
C ARG A 58 0.48 -3.87 -17.65
N ARG A 59 0.91 -2.62 -17.42
CA ARG A 59 0.93 -1.53 -18.40
C ARG A 59 1.90 -1.76 -19.55
N LYS A 60 2.94 -2.58 -19.37
CA LYS A 60 3.84 -3.02 -20.45
C LYS A 60 3.12 -3.62 -21.66
N ASN A 61 1.97 -4.28 -21.46
CA ASN A 61 1.14 -4.85 -22.53
C ASN A 61 -0.06 -3.97 -22.95
N GLY A 62 -0.39 -2.91 -22.21
CA GLY A 62 -1.39 -1.89 -22.60
C GLY A 62 -2.87 -2.29 -22.58
N VAL A 63 -3.19 -3.51 -22.14
CA VAL A 63 -4.42 -4.25 -22.50
C VAL A 63 -5.49 -4.30 -21.38
N LYS A 64 -5.28 -5.15 -20.36
CA LYS A 64 -6.18 -5.40 -19.22
C LYS A 64 -6.28 -4.20 -18.25
N PRO A 65 -7.21 -4.22 -17.27
CA PRO A 65 -7.13 -3.31 -16.12
C PRO A 65 -5.81 -3.44 -15.36
N PHE A 66 -5.04 -2.36 -15.30
CA PHE A 66 -3.76 -2.30 -14.60
C PHE A 66 -3.94 -2.31 -13.09
N MET A 67 -4.82 -1.45 -12.57
CA MET A 67 -5.31 -1.52 -11.18
C MET A 67 -6.17 -2.78 -11.00
N PRO A 68 -5.72 -3.80 -10.25
CA PRO A 68 -6.33 -5.13 -10.21
C PRO A 68 -7.67 -5.18 -9.45
N THR A 69 -8.54 -6.11 -9.85
CA THR A 69 -9.83 -6.41 -9.20
C THR A 69 -9.64 -7.30 -7.97
N ALA A 70 -10.69 -7.57 -7.18
CA ALA A 70 -10.56 -8.22 -5.87
C ALA A 70 -9.88 -9.61 -5.89
N ALA A 71 -10.21 -10.47 -6.86
CA ALA A 71 -9.57 -11.79 -7.03
C ALA A 71 -8.15 -11.68 -7.61
N GLU A 72 -7.84 -10.60 -8.33
CA GLU A 72 -6.51 -10.31 -8.83
C GLU A 72 -5.63 -9.81 -7.68
N ARG A 73 -6.11 -8.83 -6.91
CA ARG A 73 -5.50 -8.40 -5.63
C ARG A 73 -5.22 -9.60 -4.72
N ASP A 74 -6.14 -10.56 -4.66
CA ASP A 74 -5.97 -11.80 -3.91
C ASP A 74 -4.81 -12.67 -4.44
N GLU A 75 -4.80 -13.02 -5.74
CA GLU A 75 -3.71 -13.84 -6.31
C GLU A 75 -2.35 -13.11 -6.36
N ILE A 76 -2.35 -11.78 -6.39
CA ILE A 76 -1.14 -10.95 -6.40
C ILE A 76 -0.54 -10.87 -4.98
N LEU A 77 -1.38 -10.71 -3.96
CA LEU A 77 -0.94 -10.87 -2.57
C LEU A 77 -0.44 -12.29 -2.29
N ARG A 78 -1.05 -13.31 -2.92
CA ARG A 78 -0.50 -14.67 -2.92
C ARG A 78 0.85 -14.76 -3.62
N ALA A 79 1.05 -13.99 -4.70
CA ALA A 79 2.33 -13.89 -5.39
C ALA A 79 3.42 -13.12 -4.60
N VAL A 80 3.05 -12.26 -3.65
CA VAL A 80 4.00 -11.75 -2.64
C VAL A 80 4.27 -12.83 -1.59
N GLY A 81 3.23 -13.54 -1.13
CA GLY A 81 3.31 -14.57 -0.09
C GLY A 81 3.44 -14.02 1.33
N ASN A 82 3.53 -12.69 1.46
CA ASN A 82 3.53 -11.90 2.69
C ASN A 82 2.93 -10.50 2.41
N MET A 83 2.93 -9.60 3.39
CA MET A 83 2.57 -8.19 3.21
C MET A 83 3.68 -7.49 2.38
N PRO A 84 3.36 -6.76 1.30
CA PRO A 84 4.34 -6.01 0.52
C PRO A 84 4.82 -4.73 1.25
N TYR A 85 4.21 -4.41 2.39
CA TYR A 85 4.54 -3.28 3.25
C TYR A 85 4.79 -3.71 4.70
#